data_7Q3B
# 
_entry.id   7Q3B 
# 
_audit_conform.dict_name       mmcif_pdbx.dic 
_audit_conform.dict_version    5.385 
_audit_conform.dict_location   http://mmcif.pdb.org/dictionaries/ascii/mmcif_pdbx.dic 
# 
loop_
_database_2.database_id 
_database_2.database_code 
_database_2.pdbx_database_accession 
_database_2.pdbx_DOI 
PDB   7Q3B         pdb_00007q3b 10.2210/pdb7q3b/pdb 
WWPDB D_1292118842 ?            ?                   
# 
loop_
_pdbx_audit_revision_history.ordinal 
_pdbx_audit_revision_history.data_content_type 
_pdbx_audit_revision_history.major_revision 
_pdbx_audit_revision_history.minor_revision 
_pdbx_audit_revision_history.revision_date 
1 'Structure model' 1 0 2022-06-15 
2 'Structure model' 1 1 2022-06-22 
3 'Structure model' 1 2 2022-08-17 
4 'Structure model' 1 3 2023-05-31 
5 'Structure model' 1 4 2024-02-07 
# 
_pdbx_audit_revision_details.ordinal             1 
_pdbx_audit_revision_details.revision_ordinal    1 
_pdbx_audit_revision_details.data_content_type   'Structure model' 
_pdbx_audit_revision_details.provider            repository 
_pdbx_audit_revision_details.type                'Initial release' 
_pdbx_audit_revision_details.description         ? 
_pdbx_audit_revision_details.details             ? 
# 
loop_
_pdbx_audit_revision_group.ordinal 
_pdbx_audit_revision_group.revision_ordinal 
_pdbx_audit_revision_group.data_content_type 
_pdbx_audit_revision_group.group 
1 2 'Structure model' 'Database references'    
2 3 'Structure model' 'Database references'    
3 4 'Structure model' 'Database references'    
4 4 'Structure model' 'Source and taxonomy'    
5 4 'Structure model' 'Structure summary'      
6 5 'Structure model' 'Data collection'        
7 5 'Structure model' 'Refinement description' 
# 
loop_
_pdbx_audit_revision_category.ordinal 
_pdbx_audit_revision_category.revision_ordinal 
_pdbx_audit_revision_category.data_content_type 
_pdbx_audit_revision_category.category 
1  2 'Structure model' citation                      
2  2 'Structure model' citation_author               
3  3 'Structure model' citation                      
4  4 'Structure model' entity                        
5  4 'Structure model' entity_name_com               
6  4 'Structure model' entity_src_gen                
7  4 'Structure model' struct_ref                    
8  4 'Structure model' struct_ref_seq                
9  4 'Structure model' struct_ref_seq_dif            
10 5 'Structure model' chem_comp_atom                
11 5 'Structure model' chem_comp_bond                
12 5 'Structure model' pdbx_initial_refinement_model 
# 
loop_
_pdbx_audit_revision_item.ordinal 
_pdbx_audit_revision_item.revision_ordinal 
_pdbx_audit_revision_item.data_content_type 
_pdbx_audit_revision_item.item 
1  2 'Structure model' '_citation.country'                    
2  2 'Structure model' '_citation.journal_abbrev'             
3  2 'Structure model' '_citation.journal_id_ASTM'            
4  2 'Structure model' '_citation.journal_id_CSD'             
5  2 'Structure model' '_citation.journal_id_ISSN'            
6  2 'Structure model' '_citation.pdbx_database_id_DOI'       
7  2 'Structure model' '_citation.pdbx_database_id_PubMed'    
8  2 'Structure model' '_citation.title'                      
9  2 'Structure model' '_citation.year'                       
10 3 'Structure model' '_citation.journal_volume'             
11 3 'Structure model' '_citation.page_first'                 
12 4 'Structure model' '_entity.pdbx_description'             
13 4 'Structure model' '_entity_src_gen.gene_src_common_name' 
14 4 'Structure model' '_entity_src_gen.pdbx_gene_src_gene'   
15 4 'Structure model' '_struct_ref.db_code'                  
16 4 'Structure model' '_struct_ref.pdbx_db_accession'        
17 4 'Structure model' '_struct_ref.pdbx_seq_one_letter_code' 
18 4 'Structure model' '_struct_ref_seq.pdbx_db_accession'    
# 
_pdbx_database_status.status_code                     REL 
_pdbx_database_status.status_code_sf                  REL 
_pdbx_database_status.status_code_mr                  ? 
_pdbx_database_status.entry_id                        7Q3B 
_pdbx_database_status.recvd_initial_deposition_date   2021-10-27 
_pdbx_database_status.SG_entry                        N 
_pdbx_database_status.deposit_site                    PDBE 
_pdbx_database_status.process_site                    PDBE 
_pdbx_database_status.status_code_cs                  ? 
_pdbx_database_status.status_code_nmr_data            ? 
_pdbx_database_status.methods_development_category    ? 
_pdbx_database_status.pdb_format_compatible           Y 
# 
_pdbx_contact_author.id                 2 
_pdbx_contact_author.email              boura@uochb.cas.cz 
_pdbx_contact_author.name_first         Evzen 
_pdbx_contact_author.name_last          Boura 
_pdbx_contact_author.name_mi            ? 
_pdbx_contact_author.role               'principal investigator/group leader' 
_pdbx_contact_author.identifier_ORCID   0000-0002-9652-4065 
# 
loop_
_audit_author.name 
_audit_author.pdbx_ordinal 
_audit_author.identifier_ORCID 
'Smola, M.' 1 0000-0002-4611-739X 
'Klima, M.' 2 0000-0002-9083-509X 
'Boura, E.' 3 0000-0002-9652-4065 
# 
_citation.abstract                  ? 
_citation.abstract_id_CAS           ? 
_citation.book_id_ISBN              ? 
_citation.book_publisher            ? 
_citation.book_publisher_city       ? 
_citation.book_title                ? 
_citation.coordinate_linkage        ? 
_citation.country                   UK 
_citation.database_id_Medline       ? 
_citation.details                   ? 
_citation.id                        primary 
_citation.journal_abbrev            Structure 
_citation.journal_id_ASTM           STRUE6 
_citation.journal_id_CSD            2005 
_citation.journal_id_ISSN           0969-2126 
_citation.journal_full              ? 
_citation.journal_issue             ? 
_citation.journal_volume            30 
_citation.language                  ? 
_citation.page_first                1146 
_citation.page_last                 ? 
_citation.title                     'Discovery of isonucleotidic CDNs as potent STING agonists with immunomodulatory potential.' 
_citation.year                      2022 
_citation.database_id_CSD           ? 
_citation.pdbx_database_id_DOI      10.1016/j.str.2022.05.012 
_citation.pdbx_database_id_PubMed   35690061 
_citation.pdbx_database_id_patent   ? 
_citation.unpublished_flag          ? 
# 
loop_
_citation_author.citation_id 
_citation_author.name 
_citation_author.ordinal 
_citation_author.identifier_ORCID 
primary 'Dejmek, M.'      1  ? 
primary 'Sala, M.'        2  ? 
primary 'Brazdova, A.'    3  ? 
primary 'Vanekova, L.'    4  ? 
primary 'Smola, M.'       5  ? 
primary 'Klima, M.'       6  ? 
primary 'Brehova, P.'     7  ? 
primary 'Budesinsky, M.'  8  ? 
primary 'Dracinsky, M.'   9  ? 
primary 'Prochazkova, E.' 10 ? 
primary 'Zavrel, M.'      11 ? 
primary 'Simak, O.'       12 ? 
primary 'Pav, O.'         13 ? 
primary 'Boura, E.'       14 ? 
primary 'Birkus, G.'      15 ? 
primary 'Nencka, R.'      16 ? 
# 
loop_
_entity.id 
_entity.type 
_entity.src_method 
_entity.pdbx_description 
_entity.formula_weight 
_entity.pdbx_number_of_molecules 
_entity.pdbx_ec 
_entity.pdbx_mutation 
_entity.pdbx_fragment 
_entity.details 
1 polymer     man 'Stimulator of interferon genes protein' 23189.064 1  ? ? ? ? 
2 non-polymer syn "3'3'-c-(2'F,2'dA-isonucA)MP"            644.404   1  ? ? ? ? 
3 water       nat water                                    18.015    43 ? ? ? ? 
# 
_entity_name_com.entity_id   1 
_entity_name_com.name        
'hSTING,Endoplasmic reticulum interferon stimulator,ERIS,Mediator of IRF3 activation,hMITA,Transmembrane protein 173' 
# 
_entity_poly.entity_id                      1 
_entity_poly.type                           'polypeptide(L)' 
_entity_poly.nstd_linkage                   no 
_entity_poly.nstd_monomer                   no 
_entity_poly.pdbx_seq_one_letter_code       
;APAEISAVCEKGNFNVAHGLAWSYYIGYLRLILPELQARIRTYNQHYNNLLRGAVSQRLYILLPLDCGVPDNLSMADPNI
RFLDKLPQQTGDRAGIKDRVYSNSIYELLENGQRAGTCVLEYATPLQTLFAMSQYSQAGFSREDRLEQAKLFCRTLEDIL
ADAPESQNNCRLIAYQEPADDSSFSLSQEVLRHLRQEEKEEVTV
;
_entity_poly.pdbx_seq_one_letter_code_can   
;APAEISAVCEKGNFNVAHGLAWSYYIGYLRLILPELQARIRTYNQHYNNLLRGAVSQRLYILLPLDCGVPDNLSMADPNI
RFLDKLPQQTGDRAGIKDRVYSNSIYELLENGQRAGTCVLEYATPLQTLFAMSQYSQAGFSREDRLEQAKLFCRTLEDIL
ADAPESQNNCRLIAYQEPADDSSFSLSQEVLRHLRQEEKEEVTV
;
_entity_poly.pdbx_strand_id                 A 
_entity_poly.pdbx_target_identifier         ? 
# 
loop_
_pdbx_entity_nonpoly.entity_id 
_pdbx_entity_nonpoly.name 
_pdbx_entity_nonpoly.comp_id 
2 "3'3'-c-(2'F,2'dA-isonucA)MP" 8SC 
3 water                         HOH 
# 
loop_
_entity_poly_seq.entity_id 
_entity_poly_seq.num 
_entity_poly_seq.mon_id 
_entity_poly_seq.hetero 
1 1   ALA n 
1 2   PRO n 
1 3   ALA n 
1 4   GLU n 
1 5   ILE n 
1 6   SER n 
1 7   ALA n 
1 8   VAL n 
1 9   CYS n 
1 10  GLU n 
1 11  LYS n 
1 12  GLY n 
1 13  ASN n 
1 14  PHE n 
1 15  ASN n 
1 16  VAL n 
1 17  ALA n 
1 18  HIS n 
1 19  GLY n 
1 20  LEU n 
1 21  ALA n 
1 22  TRP n 
1 23  SER n 
1 24  TYR n 
1 25  TYR n 
1 26  ILE n 
1 27  GLY n 
1 28  TYR n 
1 29  LEU n 
1 30  ARG n 
1 31  LEU n 
1 32  ILE n 
1 33  LEU n 
1 34  PRO n 
1 35  GLU n 
1 36  LEU n 
1 37  GLN n 
1 38  ALA n 
1 39  ARG n 
1 40  ILE n 
1 41  ARG n 
1 42  THR n 
1 43  TYR n 
1 44  ASN n 
1 45  GLN n 
1 46  HIS n 
1 47  TYR n 
1 48  ASN n 
1 49  ASN n 
1 50  LEU n 
1 51  LEU n 
1 52  ARG n 
1 53  GLY n 
1 54  ALA n 
1 55  VAL n 
1 56  SER n 
1 57  GLN n 
1 58  ARG n 
1 59  LEU n 
1 60  TYR n 
1 61  ILE n 
1 62  LEU n 
1 63  LEU n 
1 64  PRO n 
1 65  LEU n 
1 66  ASP n 
1 67  CYS n 
1 68  GLY n 
1 69  VAL n 
1 70  PRO n 
1 71  ASP n 
1 72  ASN n 
1 73  LEU n 
1 74  SER n 
1 75  MET n 
1 76  ALA n 
1 77  ASP n 
1 78  PRO n 
1 79  ASN n 
1 80  ILE n 
1 81  ARG n 
1 82  PHE n 
1 83  LEU n 
1 84  ASP n 
1 85  LYS n 
1 86  LEU n 
1 87  PRO n 
1 88  GLN n 
1 89  GLN n 
1 90  THR n 
1 91  GLY n 
1 92  ASP n 
1 93  ARG n 
1 94  ALA n 
1 95  GLY n 
1 96  ILE n 
1 97  LYS n 
1 98  ASP n 
1 99  ARG n 
1 100 VAL n 
1 101 TYR n 
1 102 SER n 
1 103 ASN n 
1 104 SER n 
1 105 ILE n 
1 106 TYR n 
1 107 GLU n 
1 108 LEU n 
1 109 LEU n 
1 110 GLU n 
1 111 ASN n 
1 112 GLY n 
1 113 GLN n 
1 114 ARG n 
1 115 ALA n 
1 116 GLY n 
1 117 THR n 
1 118 CYS n 
1 119 VAL n 
1 120 LEU n 
1 121 GLU n 
1 122 TYR n 
1 123 ALA n 
1 124 THR n 
1 125 PRO n 
1 126 LEU n 
1 127 GLN n 
1 128 THR n 
1 129 LEU n 
1 130 PHE n 
1 131 ALA n 
1 132 MET n 
1 133 SER n 
1 134 GLN n 
1 135 TYR n 
1 136 SER n 
1 137 GLN n 
1 138 ALA n 
1 139 GLY n 
1 140 PHE n 
1 141 SER n 
1 142 ARG n 
1 143 GLU n 
1 144 ASP n 
1 145 ARG n 
1 146 LEU n 
1 147 GLU n 
1 148 GLN n 
1 149 ALA n 
1 150 LYS n 
1 151 LEU n 
1 152 PHE n 
1 153 CYS n 
1 154 ARG n 
1 155 THR n 
1 156 LEU n 
1 157 GLU n 
1 158 ASP n 
1 159 ILE n 
1 160 LEU n 
1 161 ALA n 
1 162 ASP n 
1 163 ALA n 
1 164 PRO n 
1 165 GLU n 
1 166 SER n 
1 167 GLN n 
1 168 ASN n 
1 169 ASN n 
1 170 CYS n 
1 171 ARG n 
1 172 LEU n 
1 173 ILE n 
1 174 ALA n 
1 175 TYR n 
1 176 GLN n 
1 177 GLU n 
1 178 PRO n 
1 179 ALA n 
1 180 ASP n 
1 181 ASP n 
1 182 SER n 
1 183 SER n 
1 184 PHE n 
1 185 SER n 
1 186 LEU n 
1 187 SER n 
1 188 GLN n 
1 189 GLU n 
1 190 VAL n 
1 191 LEU n 
1 192 ARG n 
1 193 HIS n 
1 194 LEU n 
1 195 ARG n 
1 196 GLN n 
1 197 GLU n 
1 198 GLU n 
1 199 LYS n 
1 200 GLU n 
1 201 GLU n 
1 202 VAL n 
1 203 THR n 
1 204 VAL n 
# 
_entity_src_gen.entity_id                          1 
_entity_src_gen.pdbx_src_id                        1 
_entity_src_gen.pdbx_alt_source_flag               sample 
_entity_src_gen.pdbx_seq_type                      'Biological sequence' 
_entity_src_gen.pdbx_beg_seq_num                   1 
_entity_src_gen.pdbx_end_seq_num                   204 
_entity_src_gen.gene_src_common_name               human 
_entity_src_gen.gene_src_genus                     ? 
_entity_src_gen.pdbx_gene_src_gene                 'STING1, ERIS, MITA, STING, TMEM173' 
_entity_src_gen.gene_src_species                   ? 
_entity_src_gen.gene_src_strain                    ? 
_entity_src_gen.gene_src_tissue                    ? 
_entity_src_gen.gene_src_tissue_fraction           ? 
_entity_src_gen.gene_src_details                   ? 
_entity_src_gen.pdbx_gene_src_fragment             ? 
_entity_src_gen.pdbx_gene_src_scientific_name      'Homo sapiens' 
_entity_src_gen.pdbx_gene_src_ncbi_taxonomy_id     9606 
_entity_src_gen.pdbx_gene_src_variant              ? 
_entity_src_gen.pdbx_gene_src_cell_line            ? 
_entity_src_gen.pdbx_gene_src_atcc                 ? 
_entity_src_gen.pdbx_gene_src_organ                ? 
_entity_src_gen.pdbx_gene_src_organelle            ? 
_entity_src_gen.pdbx_gene_src_cell                 ? 
_entity_src_gen.pdbx_gene_src_cellular_location    ? 
_entity_src_gen.host_org_common_name               ? 
_entity_src_gen.pdbx_host_org_scientific_name      'Escherichia coli BL21(DE3)' 
_entity_src_gen.pdbx_host_org_ncbi_taxonomy_id     469008 
_entity_src_gen.host_org_genus                     ? 
_entity_src_gen.pdbx_host_org_gene                 ? 
_entity_src_gen.pdbx_host_org_organ                ? 
_entity_src_gen.host_org_species                   ? 
_entity_src_gen.pdbx_host_org_tissue               ? 
_entity_src_gen.pdbx_host_org_tissue_fraction      ? 
_entity_src_gen.pdbx_host_org_strain               ? 
_entity_src_gen.pdbx_host_org_variant              ? 
_entity_src_gen.pdbx_host_org_cell_line            ? 
_entity_src_gen.pdbx_host_org_atcc                 ? 
_entity_src_gen.pdbx_host_org_culture_collection   ? 
_entity_src_gen.pdbx_host_org_cell                 ? 
_entity_src_gen.pdbx_host_org_organelle            ? 
_entity_src_gen.pdbx_host_org_cellular_location    ? 
_entity_src_gen.pdbx_host_org_vector_type          ? 
_entity_src_gen.pdbx_host_org_vector               ? 
_entity_src_gen.host_org_details                   ? 
_entity_src_gen.expression_system_id               ? 
_entity_src_gen.plasmid_name                       ? 
_entity_src_gen.plasmid_details                    ? 
_entity_src_gen.pdbx_description                   ? 
# 
loop_
_chem_comp.id 
_chem_comp.type 
_chem_comp.mon_nstd_flag 
_chem_comp.name 
_chem_comp.pdbx_synonyms 
_chem_comp.formula 
_chem_comp.formula_weight 
8SC non-polymer         . "3'3'-c-(2'F,2'dA-isonucA)MP" 
;9-[(1R,6R,9R,10S,15R,17R,18R)-17-(6-aminopurin-9-yl)-18-fluoranyl-3,12-bis(oxidanyl)-3,12-bis(oxidanylidene)-2,4,7,11,13,16-hexaoxa-3$l^{5},12$l^{5}-diphosphatricyclo[13.3.0.0^{6,10}]octadecan-9-yl]purin-6-amine
;
'C20 H23 F N10 O10 P2' 644.404 
ALA 'L-peptide linking' y ALANINE                       ? 'C3 H7 N O2'           89.093  
ARG 'L-peptide linking' y ARGININE                      ? 'C6 H15 N4 O2 1'       175.209 
ASN 'L-peptide linking' y ASPARAGINE                    ? 'C4 H8 N2 O3'          132.118 
ASP 'L-peptide linking' y 'ASPARTIC ACID'               ? 'C4 H7 N O4'           133.103 
CYS 'L-peptide linking' y CYSTEINE                      ? 'C3 H7 N O2 S'         121.158 
GLN 'L-peptide linking' y GLUTAMINE                     ? 'C5 H10 N2 O3'         146.144 
GLU 'L-peptide linking' y 'GLUTAMIC ACID'               ? 'C5 H9 N O4'           147.129 
GLY 'peptide linking'   y GLYCINE                       ? 'C2 H5 N O2'           75.067  
HIS 'L-peptide linking' y HISTIDINE                     ? 'C6 H10 N3 O2 1'       156.162 
HOH non-polymer         . WATER                         ? 'H2 O'                 18.015  
ILE 'L-peptide linking' y ISOLEUCINE                    ? 'C6 H13 N O2'          131.173 
LEU 'L-peptide linking' y LEUCINE                       ? 'C6 H13 N O2'          131.173 
LYS 'L-peptide linking' y LYSINE                        ? 'C6 H15 N2 O2 1'       147.195 
MET 'L-peptide linking' y METHIONINE                    ? 'C5 H11 N O2 S'        149.211 
PHE 'L-peptide linking' y PHENYLALANINE                 ? 'C9 H11 N O2'          165.189 
PRO 'L-peptide linking' y PROLINE                       ? 'C5 H9 N O2'           115.130 
SER 'L-peptide linking' y SERINE                        ? 'C3 H7 N O3'           105.093 
THR 'L-peptide linking' y THREONINE                     ? 'C4 H9 N O3'           119.119 
TRP 'L-peptide linking' y TRYPTOPHAN                    ? 'C11 H12 N2 O2'        204.225 
TYR 'L-peptide linking' y TYROSINE                      ? 'C9 H11 N O3'          181.189 
VAL 'L-peptide linking' y VALINE                        ? 'C5 H11 N O2'          117.146 
# 
loop_
_pdbx_poly_seq_scheme.asym_id 
_pdbx_poly_seq_scheme.entity_id 
_pdbx_poly_seq_scheme.seq_id 
_pdbx_poly_seq_scheme.mon_id 
_pdbx_poly_seq_scheme.ndb_seq_num 
_pdbx_poly_seq_scheme.pdb_seq_num 
_pdbx_poly_seq_scheme.auth_seq_num 
_pdbx_poly_seq_scheme.pdb_mon_id 
_pdbx_poly_seq_scheme.auth_mon_id 
_pdbx_poly_seq_scheme.pdb_strand_id 
_pdbx_poly_seq_scheme.pdb_ins_code 
_pdbx_poly_seq_scheme.hetero 
A 1 1   ALA 1   140 ?   ?   ?   A . n 
A 1 2   PRO 2   141 ?   ?   ?   A . n 
A 1 3   ALA 3   142 ?   ?   ?   A . n 
A 1 4   GLU 4   143 ?   ?   ?   A . n 
A 1 5   ILE 5   144 ?   ?   ?   A . n 
A 1 6   SER 6   145 ?   ?   ?   A . n 
A 1 7   ALA 7   146 ?   ?   ?   A . n 
A 1 8   VAL 8   147 ?   ?   ?   A . n 
A 1 9   CYS 9   148 ?   ?   ?   A . n 
A 1 10  GLU 10  149 ?   ?   ?   A . n 
A 1 11  LYS 11  150 ?   ?   ?   A . n 
A 1 12  GLY 12  151 ?   ?   ?   A . n 
A 1 13  ASN 13  152 ?   ?   ?   A . n 
A 1 14  PHE 14  153 ?   ?   ?   A . n 
A 1 15  ASN 15  154 154 ASN ASN A . n 
A 1 16  VAL 16  155 155 VAL VAL A . n 
A 1 17  ALA 17  156 156 ALA ALA A . n 
A 1 18  HIS 18  157 157 HIS HIS A . n 
A 1 19  GLY 19  158 158 GLY GLY A . n 
A 1 20  LEU 20  159 159 LEU LEU A . n 
A 1 21  ALA 21  160 160 ALA ALA A . n 
A 1 22  TRP 22  161 161 TRP TRP A . n 
A 1 23  SER 23  162 162 SER SER A . n 
A 1 24  TYR 24  163 163 TYR TYR A . n 
A 1 25  TYR 25  164 164 TYR TYR A . n 
A 1 26  ILE 26  165 165 ILE ILE A . n 
A 1 27  GLY 27  166 166 GLY GLY A . n 
A 1 28  TYR 28  167 167 TYR TYR A . n 
A 1 29  LEU 29  168 168 LEU LEU A . n 
A 1 30  ARG 30  169 169 ARG ARG A . n 
A 1 31  LEU 31  170 170 LEU LEU A . n 
A 1 32  ILE 32  171 171 ILE ILE A . n 
A 1 33  LEU 33  172 172 LEU LEU A . n 
A 1 34  PRO 34  173 173 PRO PRO A . n 
A 1 35  GLU 35  174 174 GLU GLU A . n 
A 1 36  LEU 36  175 175 LEU LEU A . n 
A 1 37  GLN 37  176 176 GLN GLN A . n 
A 1 38  ALA 38  177 177 ALA ALA A . n 
A 1 39  ARG 39  178 178 ARG ARG A . n 
A 1 40  ILE 40  179 179 ILE ILE A . n 
A 1 41  ARG 41  180 180 ARG ARG A . n 
A 1 42  THR 42  181 181 THR THR A . n 
A 1 43  TYR 43  182 182 TYR TYR A . n 
A 1 44  ASN 44  183 183 ASN ASN A . n 
A 1 45  GLN 45  184 184 GLN GLN A . n 
A 1 46  HIS 46  185 185 HIS HIS A . n 
A 1 47  TYR 47  186 ?   ?   ?   A . n 
A 1 48  ASN 48  187 ?   ?   ?   A . n 
A 1 49  ASN 49  188 ?   ?   ?   A . n 
A 1 50  LEU 50  189 ?   ?   ?   A . n 
A 1 51  LEU 51  190 ?   ?   ?   A . n 
A 1 52  ARG 52  191 ?   ?   ?   A . n 
A 1 53  GLY 53  192 ?   ?   ?   A . n 
A 1 54  ALA 54  193 193 ALA ALA A . n 
A 1 55  VAL 55  194 194 VAL VAL A . n 
A 1 56  SER 56  195 195 SER SER A . n 
A 1 57  GLN 57  196 196 GLN GLN A . n 
A 1 58  ARG 58  197 197 ARG ARG A . n 
A 1 59  LEU 59  198 198 LEU LEU A . n 
A 1 60  TYR 60  199 199 TYR TYR A . n 
A 1 61  ILE 61  200 200 ILE ILE A . n 
A 1 62  LEU 62  201 201 LEU LEU A . n 
A 1 63  LEU 63  202 202 LEU LEU A . n 
A 1 64  PRO 64  203 203 PRO PRO A . n 
A 1 65  LEU 65  204 204 LEU LEU A . n 
A 1 66  ASP 66  205 205 ASP ASP A . n 
A 1 67  CYS 67  206 206 CYS CYS A . n 
A 1 68  GLY 68  207 207 GLY GLY A . n 
A 1 69  VAL 69  208 208 VAL VAL A . n 
A 1 70  PRO 70  209 209 PRO PRO A . n 
A 1 71  ASP 71  210 210 ASP ASP A . n 
A 1 72  ASN 72  211 211 ASN ASN A . n 
A 1 73  LEU 73  212 212 LEU LEU A . n 
A 1 74  SER 74  213 213 SER SER A . n 
A 1 75  MET 75  214 214 MET MET A . n 
A 1 76  ALA 76  215 215 ALA ALA A . n 
A 1 77  ASP 77  216 216 ASP ASP A . n 
A 1 78  PRO 78  217 217 PRO PRO A . n 
A 1 79  ASN 79  218 218 ASN ASN A . n 
A 1 80  ILE 80  219 219 ILE ILE A . n 
A 1 81  ARG 81  220 220 ARG ARG A . n 
A 1 82  PHE 82  221 221 PHE PHE A . n 
A 1 83  LEU 83  222 222 LEU LEU A . n 
A 1 84  ASP 84  223 223 ASP ASP A . n 
A 1 85  LYS 85  224 224 LYS LYS A . n 
A 1 86  LEU 86  225 225 LEU LEU A . n 
A 1 87  PRO 87  226 226 PRO PRO A . n 
A 1 88  GLN 88  227 227 GLN GLN A . n 
A 1 89  GLN 89  228 228 GLN GLN A . n 
A 1 90  THR 90  229 229 THR THR A . n 
A 1 91  GLY 91  230 230 GLY GLY A . n 
A 1 92  ASP 92  231 231 ASP ASP A . n 
A 1 93  ARG 93  232 232 ARG ARG A . n 
A 1 94  ALA 94  233 233 ALA ALA A . n 
A 1 95  GLY 95  234 234 GLY GLY A . n 
A 1 96  ILE 96  235 235 ILE ILE A . n 
A 1 97  LYS 97  236 236 LYS LYS A . n 
A 1 98  ASP 98  237 237 ASP ASP A . n 
A 1 99  ARG 99  238 238 ARG ARG A . n 
A 1 100 VAL 100 239 239 VAL VAL A . n 
A 1 101 TYR 101 240 240 TYR TYR A . n 
A 1 102 SER 102 241 241 SER SER A . n 
A 1 103 ASN 103 242 242 ASN ASN A . n 
A 1 104 SER 104 243 243 SER SER A . n 
A 1 105 ILE 105 244 244 ILE ILE A . n 
A 1 106 TYR 106 245 245 TYR TYR A . n 
A 1 107 GLU 107 246 246 GLU GLU A . n 
A 1 108 LEU 108 247 247 LEU LEU A . n 
A 1 109 LEU 109 248 248 LEU LEU A . n 
A 1 110 GLU 110 249 249 GLU GLU A . n 
A 1 111 ASN 111 250 250 ASN ASN A . n 
A 1 112 GLY 112 251 251 GLY GLY A . n 
A 1 113 GLN 113 252 252 GLN GLN A . n 
A 1 114 ARG 114 253 253 ARG ARG A . n 
A 1 115 ALA 115 254 254 ALA ALA A . n 
A 1 116 GLY 116 255 255 GLY GLY A . n 
A 1 117 THR 117 256 256 THR THR A . n 
A 1 118 CYS 118 257 257 CYS CYS A . n 
A 1 119 VAL 119 258 258 VAL VAL A . n 
A 1 120 LEU 120 259 259 LEU LEU A . n 
A 1 121 GLU 121 260 260 GLU GLU A . n 
A 1 122 TYR 122 261 261 TYR TYR A . n 
A 1 123 ALA 123 262 262 ALA ALA A . n 
A 1 124 THR 124 263 263 THR THR A . n 
A 1 125 PRO 125 264 264 PRO PRO A . n 
A 1 126 LEU 126 265 265 LEU LEU A . n 
A 1 127 GLN 127 266 266 GLN GLN A . n 
A 1 128 THR 128 267 267 THR THR A . n 
A 1 129 LEU 129 268 268 LEU LEU A . n 
A 1 130 PHE 130 269 269 PHE PHE A . n 
A 1 131 ALA 131 270 270 ALA ALA A . n 
A 1 132 MET 132 271 271 MET MET A . n 
A 1 133 SER 133 272 272 SER SER A . n 
A 1 134 GLN 134 273 273 GLN GLN A . n 
A 1 135 TYR 135 274 274 TYR TYR A . n 
A 1 136 SER 136 275 275 SER SER A . n 
A 1 137 GLN 137 276 276 GLN GLN A . n 
A 1 138 ALA 138 277 277 ALA ALA A . n 
A 1 139 GLY 139 278 278 GLY GLY A . n 
A 1 140 PHE 140 279 279 PHE PHE A . n 
A 1 141 SER 141 280 280 SER SER A . n 
A 1 142 ARG 142 281 281 ARG ARG A . n 
A 1 143 GLU 143 282 282 GLU GLU A . n 
A 1 144 ASP 144 283 283 ASP ASP A . n 
A 1 145 ARG 145 284 284 ARG ARG A . n 
A 1 146 LEU 146 285 285 LEU LEU A . n 
A 1 147 GLU 147 286 286 GLU GLU A . n 
A 1 148 GLN 148 287 287 GLN GLN A . n 
A 1 149 ALA 149 288 288 ALA ALA A . n 
A 1 150 LYS 150 289 289 LYS LYS A . n 
A 1 151 LEU 151 290 290 LEU LEU A . n 
A 1 152 PHE 152 291 291 PHE PHE A . n 
A 1 153 CYS 153 292 292 CYS CYS A . n 
A 1 154 ARG 154 293 293 ARG ARG A . n 
A 1 155 THR 155 294 294 THR THR A . n 
A 1 156 LEU 156 295 295 LEU LEU A . n 
A 1 157 GLU 157 296 296 GLU GLU A . n 
A 1 158 ASP 158 297 297 ASP ASP A . n 
A 1 159 ILE 159 298 298 ILE ILE A . n 
A 1 160 LEU 160 299 299 LEU LEU A . n 
A 1 161 ALA 161 300 300 ALA ALA A . n 
A 1 162 ASP 162 301 301 ASP ASP A . n 
A 1 163 ALA 163 302 302 ALA ALA A . n 
A 1 164 PRO 164 303 303 PRO PRO A . n 
A 1 165 GLU 165 304 304 GLU GLU A . n 
A 1 166 SER 166 305 305 SER SER A . n 
A 1 167 GLN 167 306 306 GLN GLN A . n 
A 1 168 ASN 168 307 307 ASN ASN A . n 
A 1 169 ASN 169 308 308 ASN ASN A . n 
A 1 170 CYS 170 309 309 CYS CYS A . n 
A 1 171 ARG 171 310 310 ARG ARG A . n 
A 1 172 LEU 172 311 311 LEU LEU A . n 
A 1 173 ILE 173 312 312 ILE ILE A . n 
A 1 174 ALA 174 313 313 ALA ALA A . n 
A 1 175 TYR 175 314 314 TYR TYR A . n 
A 1 176 GLN 176 315 315 GLN GLN A . n 
A 1 177 GLU 177 316 316 GLU GLU A . n 
A 1 178 PRO 178 317 317 PRO PRO A . n 
A 1 179 ALA 179 318 318 ALA ALA A . n 
A 1 180 ASP 180 319 319 ASP ASP A . n 
A 1 181 ASP 181 320 320 ASP ASP A . n 
A 1 182 SER 182 321 321 SER SER A . n 
A 1 183 SER 183 322 322 SER SER A . n 
A 1 184 PHE 184 323 323 PHE PHE A . n 
A 1 185 SER 185 324 324 SER SER A . n 
A 1 186 LEU 186 325 325 LEU LEU A . n 
A 1 187 SER 187 326 326 SER SER A . n 
A 1 188 GLN 188 327 327 GLN GLN A . n 
A 1 189 GLU 189 328 328 GLU GLU A . n 
A 1 190 VAL 190 329 329 VAL VAL A . n 
A 1 191 LEU 191 330 330 LEU LEU A . n 
A 1 192 ARG 192 331 331 ARG ARG A . n 
A 1 193 HIS 193 332 332 HIS HIS A . n 
A 1 194 LEU 194 333 333 LEU LEU A . n 
A 1 195 ARG 195 334 334 ARG ARG A . n 
A 1 196 GLN 196 335 335 GLN GLN A . n 
A 1 197 GLU 197 336 336 GLU GLU A . n 
A 1 198 GLU 198 337 ?   ?   ?   A . n 
A 1 199 LYS 199 338 ?   ?   ?   A . n 
A 1 200 GLU 200 339 ?   ?   ?   A . n 
A 1 201 GLU 201 340 ?   ?   ?   A . n 
A 1 202 VAL 202 341 ?   ?   ?   A . n 
A 1 203 THR 203 342 ?   ?   ?   A . n 
A 1 204 VAL 204 343 ?   ?   ?   A . n 
# 
loop_
_pdbx_nonpoly_scheme.asym_id 
_pdbx_nonpoly_scheme.entity_id 
_pdbx_nonpoly_scheme.mon_id 
_pdbx_nonpoly_scheme.ndb_seq_num 
_pdbx_nonpoly_scheme.pdb_seq_num 
_pdbx_nonpoly_scheme.auth_seq_num 
_pdbx_nonpoly_scheme.pdb_mon_id 
_pdbx_nonpoly_scheme.auth_mon_id 
_pdbx_nonpoly_scheme.pdb_strand_id 
_pdbx_nonpoly_scheme.pdb_ins_code 
B 2 8SC 1  401 1  8SC MS1 A . 
C 3 HOH 1  501 16 HOH HOH A . 
C 3 HOH 2  502 21 HOH HOH A . 
C 3 HOH 3  503 4  HOH HOH A . 
C 3 HOH 4  504 34 HOH HOH A . 
C 3 HOH 5  505 10 HOH HOH A . 
C 3 HOH 6  506 20 HOH HOH A . 
C 3 HOH 7  507 33 HOH HOH A . 
C 3 HOH 8  508 24 HOH HOH A . 
C 3 HOH 9  509 42 HOH HOH A . 
C 3 HOH 10 510 9  HOH HOH A . 
C 3 HOH 11 511 23 HOH HOH A . 
C 3 HOH 12 512 1  HOH HOH A . 
C 3 HOH 13 513 11 HOH HOH A . 
C 3 HOH 14 514 3  HOH HOH A . 
C 3 HOH 15 515 15 HOH HOH A . 
C 3 HOH 16 516 39 HOH HOH A . 
C 3 HOH 17 517 2  HOH HOH A . 
C 3 HOH 18 518 38 HOH HOH A . 
C 3 HOH 19 519 40 HOH HOH A . 
C 3 HOH 20 520 5  HOH HOH A . 
C 3 HOH 21 521 17 HOH HOH A . 
C 3 HOH 22 522 29 HOH HOH A . 
C 3 HOH 23 523 25 HOH HOH A . 
C 3 HOH 24 524 30 HOH HOH A . 
C 3 HOH 25 525 27 HOH HOH A . 
C 3 HOH 26 526 6  HOH HOH A . 
C 3 HOH 27 527 18 HOH HOH A . 
C 3 HOH 28 528 12 HOH HOH A . 
C 3 HOH 29 529 7  HOH HOH A . 
C 3 HOH 30 530 31 HOH HOH A . 
C 3 HOH 31 531 28 HOH HOH A . 
C 3 HOH 32 532 13 HOH HOH A . 
C 3 HOH 33 533 32 HOH HOH A . 
C 3 HOH 34 534 14 HOH HOH A . 
C 3 HOH 35 535 37 HOH HOH A . 
C 3 HOH 36 536 8  HOH HOH A . 
C 3 HOH 37 537 36 HOH HOH A . 
C 3 HOH 38 538 41 HOH HOH A . 
C 3 HOH 39 539 35 HOH HOH A . 
C 3 HOH 40 540 26 HOH HOH A . 
C 3 HOH 41 541 19 HOH HOH A . 
C 3 HOH 42 542 43 HOH HOH A . 
C 3 HOH 43 543 22 HOH HOH A . 
# 
loop_
_pdbx_unobs_or_zero_occ_atoms.id 
_pdbx_unobs_or_zero_occ_atoms.PDB_model_num 
_pdbx_unobs_or_zero_occ_atoms.polymer_flag 
_pdbx_unobs_or_zero_occ_atoms.occupancy_flag 
_pdbx_unobs_or_zero_occ_atoms.auth_asym_id 
_pdbx_unobs_or_zero_occ_atoms.auth_comp_id 
_pdbx_unobs_or_zero_occ_atoms.auth_seq_id 
_pdbx_unobs_or_zero_occ_atoms.PDB_ins_code 
_pdbx_unobs_or_zero_occ_atoms.auth_atom_id 
_pdbx_unobs_or_zero_occ_atoms.label_alt_id 
_pdbx_unobs_or_zero_occ_atoms.label_asym_id 
_pdbx_unobs_or_zero_occ_atoms.label_comp_id 
_pdbx_unobs_or_zero_occ_atoms.label_seq_id 
_pdbx_unobs_or_zero_occ_atoms.label_atom_id 
1 1 Y 1 A ASN 154 ? CG  ? A ASN 15  CG  
2 1 Y 1 A ASN 154 ? OD1 ? A ASN 15  OD1 
3 1 Y 1 A ASN 154 ? ND2 ? A ASN 15  ND2 
4 1 Y 1 A ASN 307 ? CG  ? A ASN 168 CG  
5 1 Y 1 A ASN 307 ? OD1 ? A ASN 168 OD1 
6 1 Y 1 A ASN 307 ? ND2 ? A ASN 168 ND2 
# 
loop_
_software.citation_id 
_software.classification 
_software.compiler_name 
_software.compiler_version 
_software.contact_author 
_software.contact_author_email 
_software.date 
_software.description 
_software.dependencies 
_software.hardware 
_software.language 
_software.location 
_software.mods 
_software.name 
_software.os 
_software.os_version 
_software.type 
_software.version 
_software.pdbx_ordinal 
? 'data reduction' ? ? ? ? ? ? ? ? ? ? ? XDS    ? ? ? xdsgui2  1 
? 'data scaling'   ? ? ? ? ? ? ? ? ? ? ? XDS    ? ? ? xdsgui2  2 
? phasing          ? ? ? ? ? ? ? ? ? ? ? PHASER ? ? ? 2.5.5    3 
? 'model building' ? ? ? ? ? ? ? ? ? ? ? Coot   ? ? ? 0.7.1    4 
? refinement       ? ? ? ? ? ? ? ? ? ? ? PHENIX ? ? ? 1.9_1692 5 
# 
_cell.angle_alpha                  90.0 
_cell.angle_alpha_esd              ? 
_cell.angle_beta                   90.0 
_cell.angle_beta_esd               ? 
_cell.angle_gamma                  90.0 
_cell.angle_gamma_esd              ? 
_cell.entry_id                     7Q3B 
_cell.details                      ? 
_cell.formula_units_Z              ? 
_cell.length_a                     110.728 
_cell.length_a_esd                 ? 
_cell.length_b                     110.728 
_cell.length_b_esd                 ? 
_cell.length_c                     35.746 
_cell.length_c_esd                 ? 
_cell.volume                       438270.624168 
_cell.volume_esd                   ? 
_cell.Z_PDB                        8 
_cell.reciprocal_angle_alpha       ? 
_cell.reciprocal_angle_beta        ? 
_cell.reciprocal_angle_gamma       ? 
_cell.reciprocal_angle_alpha_esd   ? 
_cell.reciprocal_angle_beta_esd    ? 
_cell.reciprocal_angle_gamma_esd   ? 
_cell.reciprocal_length_a          ? 
_cell.reciprocal_length_b          ? 
_cell.reciprocal_length_c          ? 
_cell.reciprocal_length_a_esd      ? 
_cell.reciprocal_length_b_esd      ? 
_cell.reciprocal_length_c_esd      ? 
_cell.pdbx_unique_axis             ? 
# 
_symmetry.entry_id                         7Q3B 
_symmetry.cell_setting                     ? 
_symmetry.Int_Tables_number                92 
_symmetry.space_group_name_Hall            'P 4abw 2nw' 
_symmetry.space_group_name_H-M             'P 41 21 2' 
_symmetry.pdbx_full_space_group_name_H-M   ? 
# 
_exptl.absorpt_coefficient_mu     ? 
_exptl.absorpt_correction_T_max   ? 
_exptl.absorpt_correction_T_min   ? 
_exptl.absorpt_correction_type    ? 
_exptl.absorpt_process_details    ? 
_exptl.entry_id                   7Q3B 
_exptl.crystals_number            1 
_exptl.details                    ? 
_exptl.method                     'X-RAY DIFFRACTION' 
_exptl.method_details             ? 
# 
_exptl_crystal.colour                      ? 
_exptl_crystal.density_diffrn              ? 
_exptl_crystal.density_Matthews            2.71 
_exptl_crystal.density_method              ? 
_exptl_crystal.density_percent_sol         54.53 
_exptl_crystal.description                 ? 
_exptl_crystal.F_000                       ? 
_exptl_crystal.id                          1 
_exptl_crystal.preparation                 ? 
_exptl_crystal.size_max                    ? 
_exptl_crystal.size_mid                    ? 
_exptl_crystal.size_min                    ? 
_exptl_crystal.size_rad                    ? 
_exptl_crystal.colour_lustre               ? 
_exptl_crystal.colour_modifier             ? 
_exptl_crystal.colour_primary              ? 
_exptl_crystal.density_meas                ? 
_exptl_crystal.density_meas_esd            ? 
_exptl_crystal.density_meas_gt             ? 
_exptl_crystal.density_meas_lt             ? 
_exptl_crystal.density_meas_temp           ? 
_exptl_crystal.density_meas_temp_esd       ? 
_exptl_crystal.density_meas_temp_gt        ? 
_exptl_crystal.density_meas_temp_lt        ? 
_exptl_crystal.pdbx_crystal_image_url      ? 
_exptl_crystal.pdbx_crystal_image_format   ? 
_exptl_crystal.pdbx_mosaicity              ? 
_exptl_crystal.pdbx_mosaicity_esd          ? 
# 
_exptl_crystal_grow.apparatus       ? 
_exptl_crystal_grow.atmosphere      ? 
_exptl_crystal_grow.crystal_id      1 
_exptl_crystal_grow.details         ? 
_exptl_crystal_grow.method          'VAPOR DIFFUSION, SITTING DROP' 
_exptl_crystal_grow.method_ref      ? 
_exptl_crystal_grow.pH              ? 
_exptl_crystal_grow.pressure        ? 
_exptl_crystal_grow.pressure_esd    ? 
_exptl_crystal_grow.seeding         ? 
_exptl_crystal_grow.seeding_ref     ? 
_exptl_crystal_grow.temp            291 
_exptl_crystal_grow.temp_details    ? 
_exptl_crystal_grow.temp_esd        ? 
_exptl_crystal_grow.time            ? 
_exptl_crystal_grow.pdbx_details    
;0.2 M Lithium acetate, 
20% (w/v) PEG 3350
;
_exptl_crystal_grow.pdbx_pH_range   ? 
# 
_diffrn.ambient_environment              ? 
_diffrn.ambient_temp                     100 
_diffrn.ambient_temp_details             ? 
_diffrn.ambient_temp_esd                 ? 
_diffrn.crystal_id                       1 
_diffrn.crystal_support                  ? 
_diffrn.crystal_treatment                ? 
_diffrn.details                          ? 
_diffrn.id                               1 
_diffrn.ambient_pressure                 ? 
_diffrn.ambient_pressure_esd             ? 
_diffrn.ambient_pressure_gt              ? 
_diffrn.ambient_pressure_lt              ? 
_diffrn.ambient_temp_gt                  ? 
_diffrn.ambient_temp_lt                  ? 
_diffrn.pdbx_serial_crystal_experiment   N 
# 
_diffrn_detector.details                      ? 
_diffrn_detector.detector                     PIXEL 
_diffrn_detector.diffrn_id                    1 
_diffrn_detector.type                         'DECTRIS PILATUS 200K' 
_diffrn_detector.area_resol_mean              ? 
_diffrn_detector.dtime                        ? 
_diffrn_detector.pdbx_frames_total            ? 
_diffrn_detector.pdbx_collection_time_total   ? 
_diffrn_detector.pdbx_collection_date         2019-08-05 
_diffrn_detector.pdbx_frequency               ? 
# 
_diffrn_radiation.collimation                      ? 
_diffrn_radiation.diffrn_id                        1 
_diffrn_radiation.filter_edge                      ? 
_diffrn_radiation.inhomogeneity                    ? 
_diffrn_radiation.monochromator                    ? 
_diffrn_radiation.polarisn_norm                    ? 
_diffrn_radiation.polarisn_ratio                   ? 
_diffrn_radiation.probe                            ? 
_diffrn_radiation.type                             ? 
_diffrn_radiation.xray_symbol                      ? 
_diffrn_radiation.wavelength_id                    1 
_diffrn_radiation.pdbx_monochromatic_or_laue_m_l   M 
_diffrn_radiation.pdbx_wavelength_list             ? 
_diffrn_radiation.pdbx_wavelength                  ? 
_diffrn_radiation.pdbx_diffrn_protocol             'SINGLE WAVELENGTH' 
_diffrn_radiation.pdbx_analyzer                    ? 
_diffrn_radiation.pdbx_scattering_type             x-ray 
# 
_diffrn_radiation_wavelength.id           1 
_diffrn_radiation_wavelength.wavelength   1.541870 
_diffrn_radiation_wavelength.wt           1.0 
# 
_diffrn_source.current                     ? 
_diffrn_source.details                     ? 
_diffrn_source.diffrn_id                   1 
_diffrn_source.power                       ? 
_diffrn_source.size                        ? 
_diffrn_source.source                      'ROTATING ANODE' 
_diffrn_source.target                      ? 
_diffrn_source.type                        'RIGAKU MICROMAX-007 HF' 
_diffrn_source.voltage                     ? 
_diffrn_source.take-off_angle              ? 
_diffrn_source.pdbx_wavelength_list        1.541870 
_diffrn_source.pdbx_wavelength             ? 
_diffrn_source.pdbx_synchrotron_beamline   ? 
_diffrn_source.pdbx_synchrotron_site       ? 
# 
_reflns.B_iso_Wilson_estimate                          37.9884992619 
_reflns.entry_id                                       7Q3B 
_reflns.data_reduction_details                         ? 
_reflns.data_reduction_method                          ? 
_reflns.d_resolution_high                              2.557 
_reflns.d_resolution_low                               34.02 
_reflns.details                                        ? 
_reflns.limit_h_max                                    ? 
_reflns.limit_h_min                                    ? 
_reflns.limit_k_max                                    ? 
_reflns.limit_k_min                                    ? 
_reflns.limit_l_max                                    ? 
_reflns.limit_l_min                                    ? 
_reflns.number_all                                     ? 
_reflns.number_obs                                     7594 
_reflns.observed_criterion                             ? 
_reflns.observed_criterion_F_max                       ? 
_reflns.observed_criterion_F_min                       ? 
_reflns.observed_criterion_I_max                       ? 
_reflns.observed_criterion_I_min                       ? 
_reflns.observed_criterion_sigma_F                     ? 
_reflns.observed_criterion_sigma_I                     ? 
_reflns.percent_possible_obs                           100 
_reflns.R_free_details                                 ? 
_reflns.Rmerge_F_all                                   ? 
_reflns.Rmerge_F_obs                                   ? 
_reflns.Friedel_coverage                               ? 
_reflns.number_gt                                      ? 
_reflns.threshold_expression                           ? 
_reflns.pdbx_redundancy                                8.5 
_reflns.pdbx_Rmerge_I_obs                              0.2218 
_reflns.pdbx_Rmerge_I_all                              ? 
_reflns.pdbx_Rsym_value                                ? 
_reflns.pdbx_netI_over_av_sigmaI                       ? 
_reflns.pdbx_netI_over_sigmaI                          7.70 
_reflns.pdbx_res_netI_over_av_sigmaI_2                 ? 
_reflns.pdbx_res_netI_over_sigmaI_2                    ? 
_reflns.pdbx_chi_squared                               ? 
_reflns.pdbx_scaling_rejects                           ? 
_reflns.pdbx_d_res_high_opt                            ? 
_reflns.pdbx_d_res_low_opt                             ? 
_reflns.pdbx_d_res_opt_method                          ? 
_reflns.phase_calculation_details                      ? 
_reflns.pdbx_Rrim_I_all                                0.2367 
_reflns.pdbx_Rpim_I_all                                ? 
_reflns.pdbx_d_opt                                     ? 
_reflns.pdbx_number_measured_all                       ? 
_reflns.pdbx_diffrn_id                                 1 
_reflns.pdbx_ordinal                                   1 
_reflns.pdbx_CC_half                                   0.99 
_reflns.pdbx_CC_star                                   0.998 
_reflns.pdbx_R_split                                   ? 
_reflns.pdbx_aniso_diffraction_limit_axis_1_ortho[1]   ? 
_reflns.pdbx_aniso_diffraction_limit_axis_1_ortho[2]   ? 
_reflns.pdbx_aniso_diffraction_limit_axis_1_ortho[3]   ? 
_reflns.pdbx_aniso_diffraction_limit_axis_2_ortho[1]   ? 
_reflns.pdbx_aniso_diffraction_limit_axis_2_ortho[2]   ? 
_reflns.pdbx_aniso_diffraction_limit_axis_2_ortho[3]   ? 
_reflns.pdbx_aniso_diffraction_limit_axis_3_ortho[1]   ? 
_reflns.pdbx_aniso_diffraction_limit_axis_3_ortho[2]   ? 
_reflns.pdbx_aniso_diffraction_limit_axis_3_ortho[3]   ? 
_reflns.pdbx_aniso_diffraction_limit_1                 ? 
_reflns.pdbx_aniso_diffraction_limit_2                 ? 
_reflns.pdbx_aniso_diffraction_limit_3                 ? 
_reflns.pdbx_aniso_B_tensor_eigenvector_1_ortho[1]     ? 
_reflns.pdbx_aniso_B_tensor_eigenvector_1_ortho[2]     ? 
_reflns.pdbx_aniso_B_tensor_eigenvector_1_ortho[3]     ? 
_reflns.pdbx_aniso_B_tensor_eigenvector_2_ortho[1]     ? 
_reflns.pdbx_aniso_B_tensor_eigenvector_2_ortho[2]     ? 
_reflns.pdbx_aniso_B_tensor_eigenvector_2_ortho[3]     ? 
_reflns.pdbx_aniso_B_tensor_eigenvector_3_ortho[1]     ? 
_reflns.pdbx_aniso_B_tensor_eigenvector_3_ortho[2]     ? 
_reflns.pdbx_aniso_B_tensor_eigenvector_3_ortho[3]     ? 
_reflns.pdbx_aniso_B_tensor_eigenvalue_1               ? 
_reflns.pdbx_aniso_B_tensor_eigenvalue_2               ? 
_reflns.pdbx_aniso_B_tensor_eigenvalue_3               ? 
_reflns.pdbx_orthogonalization_convention              ? 
_reflns.pdbx_percent_possible_ellipsoidal              ? 
_reflns.pdbx_percent_possible_spherical                ? 
_reflns.pdbx_percent_possible_ellipsoidal_anomalous    ? 
_reflns.pdbx_percent_possible_spherical_anomalous      ? 
_reflns.pdbx_redundancy_anomalous                      ? 
_reflns.pdbx_CC_half_anomalous                         ? 
_reflns.pdbx_absDiff_over_sigma_anomalous              ? 
_reflns.pdbx_percent_possible_anomalous                ? 
_reflns.pdbx_observed_signal_threshold                 ? 
_reflns.pdbx_signal_type                               ? 
_reflns.pdbx_signal_details                            ? 
_reflns.pdbx_signal_software_id                        ? 
# 
_reflns_shell.d_res_high                                    2.557 
_reflns_shell.d_res_low                                     2.649 
_reflns_shell.meanI_over_sigI_all                           ? 
_reflns_shell.meanI_over_sigI_obs                           1.97 
_reflns_shell.number_measured_all                           ? 
_reflns_shell.number_measured_obs                           ? 
_reflns_shell.number_possible                               ? 
_reflns_shell.number_unique_all                             ? 
_reflns_shell.number_unique_obs                             716 
_reflns_shell.percent_possible_all                          98 
_reflns_shell.percent_possible_obs                          ? 
_reflns_shell.Rmerge_F_all                                  ? 
_reflns_shell.Rmerge_F_obs                                  ? 
_reflns_shell.Rmerge_I_all                                  ? 
_reflns_shell.Rmerge_I_obs                                  0.9621 
_reflns_shell.meanI_over_sigI_gt                            ? 
_reflns_shell.meanI_over_uI_all                             ? 
_reflns_shell.meanI_over_uI_gt                              ? 
_reflns_shell.number_measured_gt                            ? 
_reflns_shell.number_unique_gt                              ? 
_reflns_shell.percent_possible_gt                           ? 
_reflns_shell.Rmerge_F_gt                                   ? 
_reflns_shell.Rmerge_I_gt                                   ? 
_reflns_shell.pdbx_redundancy                               8.6 
_reflns_shell.pdbx_Rsym_value                               ? 
_reflns_shell.pdbx_chi_squared                              ? 
_reflns_shell.pdbx_netI_over_sigmaI_all                     ? 
_reflns_shell.pdbx_netI_over_sigmaI_obs                     ? 
_reflns_shell.pdbx_Rrim_I_all                               1.023 
_reflns_shell.pdbx_Rpim_I_all                               ? 
_reflns_shell.pdbx_rejects                                  ? 
_reflns_shell.pdbx_ordinal                                  1 
_reflns_shell.pdbx_diffrn_id                                1 
_reflns_shell.pdbx_CC_half                                  0.777 
_reflns_shell.pdbx_CC_star                                  0.935 
_reflns_shell.pdbx_R_split                                  ? 
_reflns_shell.pdbx_percent_possible_ellipsoidal             ? 
_reflns_shell.pdbx_percent_possible_spherical               ? 
_reflns_shell.pdbx_percent_possible_ellipsoidal_anomalous   ? 
_reflns_shell.pdbx_percent_possible_spherical_anomalous     ? 
_reflns_shell.pdbx_redundancy_anomalous                     ? 
_reflns_shell.pdbx_CC_half_anomalous                        ? 
_reflns_shell.pdbx_absDiff_over_sigma_anomalous             ? 
_reflns_shell.pdbx_percent_possible_anomalous               ? 
# 
_refine.aniso_B[1][1]                            ? 
_refine.aniso_B[1][2]                            ? 
_refine.aniso_B[1][3]                            ? 
_refine.aniso_B[2][2]                            ? 
_refine.aniso_B[2][3]                            ? 
_refine.aniso_B[3][3]                            ? 
_refine.B_iso_max                                ? 
_refine.B_iso_mean                               39.502334703 
_refine.B_iso_min                                ? 
_refine.correlation_coeff_Fo_to_Fc               ? 
_refine.correlation_coeff_Fo_to_Fc_free          ? 
_refine.details                                  ? 
_refine.diff_density_max                         ? 
_refine.diff_density_max_esd                     ? 
_refine.diff_density_min                         ? 
_refine.diff_density_min_esd                     ? 
_refine.diff_density_rms                         ? 
_refine.diff_density_rms_esd                     ? 
_refine.entry_id                                 7Q3B 
_refine.pdbx_refine_id                           'X-RAY DIFFRACTION' 
_refine.ls_abs_structure_details                 ? 
_refine.ls_abs_structure_Flack                   ? 
_refine.ls_abs_structure_Flack_esd               ? 
_refine.ls_abs_structure_Rogers                  ? 
_refine.ls_abs_structure_Rogers_esd              ? 
_refine.ls_d_res_high                            2.55733924728 
_refine.ls_d_res_low                             34.0173257887 
_refine.ls_extinction_coef                       ? 
_refine.ls_extinction_coef_esd                   ? 
_refine.ls_extinction_expression                 ? 
_refine.ls_extinction_method                     ? 
_refine.ls_goodness_of_fit_all                   ? 
_refine.ls_goodness_of_fit_all_esd               ? 
_refine.ls_goodness_of_fit_obs                   ? 
_refine.ls_goodness_of_fit_obs_esd               ? 
_refine.ls_hydrogen_treatment                    ? 
_refine.ls_matrix_type                           ? 
_refine.ls_number_constraints                    ? 
_refine.ls_number_parameters                     ? 
_refine.ls_number_reflns_all                     ? 
_refine.ls_number_reflns_obs                     7593 
_refine.ls_number_reflns_R_free                  382 
_refine.ls_number_reflns_R_work                  7211 
_refine.ls_number_restraints                     ? 
_refine.ls_percent_reflns_obs                    99.684915321 
_refine.ls_percent_reflns_R_free                 5.0309495588 
_refine.ls_R_factor_all                          ? 
_refine.ls_R_factor_obs                          0.192989387043 
_refine.ls_R_factor_R_free                       0.231847861777 
_refine.ls_R_factor_R_free_error                 ? 
_refine.ls_R_factor_R_free_error_details         ? 
_refine.ls_R_factor_R_work                       0.190811450839 
_refine.ls_R_Fsqd_factor_obs                     ? 
_refine.ls_R_I_factor_obs                        ? 
_refine.ls_redundancy_reflns_all                 ? 
_refine.ls_redundancy_reflns_obs                 ? 
_refine.ls_restrained_S_all                      ? 
_refine.ls_restrained_S_obs                      ? 
_refine.ls_shift_over_esd_max                    ? 
_refine.ls_shift_over_esd_mean                   ? 
_refine.ls_structure_factor_coef                 ? 
_refine.ls_weighting_details                     ? 
_refine.ls_weighting_scheme                      ? 
_refine.ls_wR_factor_all                         ? 
_refine.ls_wR_factor_obs                         ? 
_refine.ls_wR_factor_R_free                      ? 
_refine.ls_wR_factor_R_work                      ? 
_refine.occupancy_max                            ? 
_refine.occupancy_min                            ? 
_refine.solvent_model_details                    'FLAT BULK SOLVENT MODEL' 
_refine.solvent_model_param_bsol                 ? 
_refine.solvent_model_param_ksol                 ? 
_refine.pdbx_R_complete                          ? 
_refine.ls_R_factor_gt                           ? 
_refine.ls_goodness_of_fit_gt                    ? 
_refine.ls_goodness_of_fit_ref                   ? 
_refine.ls_shift_over_su_max                     ? 
_refine.ls_shift_over_su_max_lt                  ? 
_refine.ls_shift_over_su_mean                    ? 
_refine.ls_shift_over_su_mean_lt                 ? 
_refine.pdbx_ls_sigma_I                          ? 
_refine.pdbx_ls_sigma_F                          1.34751557498 
_refine.pdbx_ls_sigma_Fsqd                       ? 
_refine.pdbx_data_cutoff_high_absF               ? 
_refine.pdbx_data_cutoff_high_rms_absF           ? 
_refine.pdbx_data_cutoff_low_absF                ? 
_refine.pdbx_isotropic_thermal_model             ? 
_refine.pdbx_ls_cross_valid_method               'FREE R-VALUE' 
_refine.pdbx_method_to_determine_struct          'MOLECULAR REPLACEMENT' 
_refine.pdbx_starting_model                      4ksy 
_refine.pdbx_stereochemistry_target_values       ? 
_refine.pdbx_R_Free_selection_details            'random selection' 
_refine.pdbx_stereochem_target_val_spec_case     ? 
_refine.pdbx_overall_ESU_R                       ? 
_refine.pdbx_overall_ESU_R_Free                  ? 
_refine.pdbx_solvent_vdw_probe_radii             1.11 
_refine.pdbx_solvent_ion_probe_radii             ? 
_refine.pdbx_solvent_shrinkage_radii             0.9 
_refine.pdbx_real_space_R                        ? 
_refine.pdbx_density_correlation                 ? 
_refine.pdbx_pd_number_of_powder_patterns        ? 
_refine.pdbx_pd_number_of_points                 ? 
_refine.pdbx_pd_meas_number_of_points            ? 
_refine.pdbx_pd_proc_ls_prof_R_factor            ? 
_refine.pdbx_pd_proc_ls_prof_wR_factor           ? 
_refine.pdbx_pd_Marquardt_correlation_coeff      ? 
_refine.pdbx_pd_Fsqrd_R_factor                   ? 
_refine.pdbx_pd_ls_matrix_band_width             ? 
_refine.pdbx_overall_phase_error                 22.7504803796 
_refine.pdbx_overall_SU_R_free_Cruickshank_DPI   ? 
_refine.pdbx_overall_SU_R_free_Blow_DPI          ? 
_refine.pdbx_overall_SU_R_Blow_DPI               ? 
_refine.pdbx_TLS_residual_ADP_flag               ? 
_refine.pdbx_diffrn_id                           1 
_refine.overall_SU_B                             ? 
_refine.overall_SU_ML                            0.282396223056 
_refine.overall_SU_R_Cruickshank_DPI             ? 
_refine.overall_SU_R_free                        ? 
_refine.overall_FOM_free_R_set                   ? 
_refine.overall_FOM_work_R_set                   ? 
_refine.pdbx_average_fsc_overall                 ? 
_refine.pdbx_average_fsc_work                    ? 
_refine.pdbx_average_fsc_free                    ? 
# 
_refine_hist.pdbx_refine_id                   'X-RAY DIFFRACTION' 
_refine_hist.cycle_id                         LAST 
_refine_hist.details                          ? 
_refine_hist.d_res_high                       2.55733924728 
_refine_hist.d_res_low                        34.0173257887 
_refine_hist.number_atoms_solvent             43 
_refine_hist.number_atoms_total               1494 
_refine_hist.number_reflns_all                ? 
_refine_hist.number_reflns_obs                ? 
_refine_hist.number_reflns_R_free             ? 
_refine_hist.number_reflns_R_work             ? 
_refine_hist.R_factor_all                     ? 
_refine_hist.R_factor_obs                     ? 
_refine_hist.R_factor_R_free                  ? 
_refine_hist.R_factor_R_work                  ? 
_refine_hist.pdbx_number_residues_total       ? 
_refine_hist.pdbx_B_iso_mean_ligand           ? 
_refine_hist.pdbx_B_iso_mean_solvent          ? 
_refine_hist.pdbx_number_atoms_protein        1408 
_refine_hist.pdbx_number_atoms_nucleic_acid   0 
_refine_hist.pdbx_number_atoms_ligand         43 
_refine_hist.pdbx_number_atoms_lipid          ? 
_refine_hist.pdbx_number_atoms_carb           ? 
_refine_hist.pdbx_pseudo_atom_details         ? 
# 
loop_
_refine_ls_restr.pdbx_refine_id 
_refine_ls_restr.criterion 
_refine_ls_restr.dev_ideal 
_refine_ls_restr.dev_ideal_target 
_refine_ls_restr.number 
_refine_ls_restr.rejects 
_refine_ls_restr.type 
_refine_ls_restr.weight 
_refine_ls_restr.pdbx_restraint_function 
'X-RAY DIFFRACTION' ? 0.00708219191527 ? 1487 ? f_bond_d           ? ? 
'X-RAY DIFFRACTION' ? 1.07656026707    ? 2026 ? f_angle_d          ? ? 
'X-RAY DIFFRACTION' ? 0.0380045626748  ? 222  ? f_chiral_restr     ? ? 
'X-RAY DIFFRACTION' ? 0.0061980990071  ? 260  ? f_plane_restr      ? ? 
'X-RAY DIFFRACTION' ? 13.548009796     ? 558  ? f_dihedral_angle_d ? ? 
# 
loop_
_refine_ls_shell.pdbx_refine_id 
_refine_ls_shell.d_res_high 
_refine_ls_shell.d_res_low 
_refine_ls_shell.number_reflns_all 
_refine_ls_shell.number_reflns_obs 
_refine_ls_shell.number_reflns_R_free 
_refine_ls_shell.number_reflns_R_work 
_refine_ls_shell.percent_reflns_obs 
_refine_ls_shell.percent_reflns_R_free 
_refine_ls_shell.R_factor_all 
_refine_ls_shell.R_factor_obs 
_refine_ls_shell.R_factor_R_free 
_refine_ls_shell.R_factor_R_free_error 
_refine_ls_shell.R_factor_R_work 
_refine_ls_shell.redundancy_reflns_all 
_refine_ls_shell.redundancy_reflns_obs 
_refine_ls_shell.wR_factor_all 
_refine_ls_shell.wR_factor_obs 
_refine_ls_shell.wR_factor_R_free 
_refine_ls_shell.wR_factor_R_work 
_refine_ls_shell.pdbx_R_complete 
_refine_ls_shell.pdbx_total_number_of_bins_used 
_refine_ls_shell.pdbx_phase_error 
_refine_ls_shell.pdbx_fsc_work 
_refine_ls_shell.pdbx_fsc_free 
'X-RAY DIFFRACTION' 2.55733924728 2.9272        . . 124 2335 99.5546558704 . . . 0.303749641503 . 0.22100309504  . . . . . . . . . 
. . 
'X-RAY DIFFRACTION' 2.9272        3.6873        . . 125 2372 99.9599679744 . . . 0.220927961086 . 0.195479628436 . . . . . . . . . 
. . 
'X-RAY DIFFRACTION' 3.6873        34.0173257887 . . 133 2504 99.5469988675 . . . 0.216143018491 . 0.178635914951 . . . . . . . . . 
. . 
# 
_struct.entry_id                     7Q3B 
_struct.title                        
;Crystal structure of human STING in complex with 3'3'-c-(2'F,2'dA-isonucA)MP
;
_struct.pdbx_model_details           ? 
_struct.pdbx_formula_weight          ? 
_struct.pdbx_formula_weight_method   ? 
_struct.pdbx_model_type_details      ? 
_struct.pdbx_CASP_flag               N 
# 
_struct_keywords.entry_id        7Q3B 
_struct_keywords.text            'sting, antiviral, activator, IMMUNE SYSTEM' 
_struct_keywords.pdbx_keywords   'IMMUNE SYSTEM' 
# 
loop_
_struct_asym.id 
_struct_asym.pdbx_blank_PDB_chainid_flag 
_struct_asym.pdbx_modified 
_struct_asym.entity_id 
_struct_asym.details 
A N N 1 ? 
B N N 2 ? 
C N N 3 ? 
# 
_struct_ref.id                         1 
_struct_ref.db_name                    UNP 
_struct_ref.db_code                    STING_HUMAN 
_struct_ref.pdbx_db_accession          Q86WV6 
_struct_ref.pdbx_db_isoform            ? 
_struct_ref.entity_id                  1 
_struct_ref.pdbx_seq_one_letter_code   
;APAEISAVCEKGNFNVAHGLAWSYYIGYLRLILPELQARIRTYNQHYNNLLRGAVSQRLYILLPLDCGVPDNLSMADPNI
RFLDKLPQQTGDHAGIKDRVYSNSIYELLENGQRAGTCVLEYATPLQTLFAMSQYSQAGFSREDRLEQAKLFCRTLEDIL
ADAPESQNNCRLIAYQEPADDSSFSLSQEVLRHLRQEEKEEVTV
;
_struct_ref.pdbx_align_begin           140 
# 
_struct_ref_seq.align_id                      1 
_struct_ref_seq.ref_id                        1 
_struct_ref_seq.pdbx_PDB_id_code              7Q3B 
_struct_ref_seq.pdbx_strand_id                A 
_struct_ref_seq.seq_align_beg                 1 
_struct_ref_seq.pdbx_seq_align_beg_ins_code   ? 
_struct_ref_seq.seq_align_end                 204 
_struct_ref_seq.pdbx_seq_align_end_ins_code   ? 
_struct_ref_seq.pdbx_db_accession             Q86WV6 
_struct_ref_seq.db_align_beg                  140 
_struct_ref_seq.pdbx_db_align_beg_ins_code    ? 
_struct_ref_seq.db_align_end                  343 
_struct_ref_seq.pdbx_db_align_end_ins_code    ? 
_struct_ref_seq.pdbx_auth_seq_align_beg       140 
_struct_ref_seq.pdbx_auth_seq_align_end       343 
# 
_struct_ref_seq_dif.align_id                     1 
_struct_ref_seq_dif.pdbx_pdb_id_code             7Q3B 
_struct_ref_seq_dif.mon_id                       ARG 
_struct_ref_seq_dif.pdbx_pdb_strand_id           A 
_struct_ref_seq_dif.seq_num                      93 
_struct_ref_seq_dif.pdbx_pdb_ins_code            ? 
_struct_ref_seq_dif.pdbx_seq_db_name             UNP 
_struct_ref_seq_dif.pdbx_seq_db_accession_code   Q86WV6 
_struct_ref_seq_dif.db_mon_id                    HIS 
_struct_ref_seq_dif.pdbx_seq_db_seq_num          232 
_struct_ref_seq_dif.details                      variant 
_struct_ref_seq_dif.pdbx_auth_seq_num            232 
_struct_ref_seq_dif.pdbx_ordinal                 1 
# 
_pdbx_struct_assembly.id                   1 
_pdbx_struct_assembly.details              author_and_software_defined_assembly 
_pdbx_struct_assembly.method_details       PISA 
_pdbx_struct_assembly.oligomeric_details   dimeric 
_pdbx_struct_assembly.oligomeric_count     2 
# 
loop_
_pdbx_struct_assembly_prop.biol_id 
_pdbx_struct_assembly_prop.type 
_pdbx_struct_assembly_prop.value 
_pdbx_struct_assembly_prop.details 
1 'ABSA (A^2)' 4100  ? 
1 MORE         -14   ? 
1 'SSA (A^2)'  15560 ? 
# 
_pdbx_struct_assembly_gen.assembly_id       1 
_pdbx_struct_assembly_gen.oper_expression   1,2 
_pdbx_struct_assembly_gen.asym_id_list      A,B,C 
# 
_pdbx_struct_assembly_auth_evidence.id                     1 
_pdbx_struct_assembly_auth_evidence.assembly_id            1 
_pdbx_struct_assembly_auth_evidence.experimental_support   'gel filtration' 
_pdbx_struct_assembly_auth_evidence.details                ? 
# 
loop_
_pdbx_struct_oper_list.id 
_pdbx_struct_oper_list.type 
_pdbx_struct_oper_list.name 
_pdbx_struct_oper_list.symmetry_operation 
_pdbx_struct_oper_list.matrix[1][1] 
_pdbx_struct_oper_list.matrix[1][2] 
_pdbx_struct_oper_list.matrix[1][3] 
_pdbx_struct_oper_list.vector[1] 
_pdbx_struct_oper_list.matrix[2][1] 
_pdbx_struct_oper_list.matrix[2][2] 
_pdbx_struct_oper_list.matrix[2][3] 
_pdbx_struct_oper_list.vector[2] 
_pdbx_struct_oper_list.matrix[3][1] 
_pdbx_struct_oper_list.matrix[3][2] 
_pdbx_struct_oper_list.matrix[3][3] 
_pdbx_struct_oper_list.vector[3] 
1 'identity operation'         1_555 x,y,z        1.0000000000 0.0000000000 0.0000000000  0.0000000000  0.0000000000 1.0000000000  0.0000000000  0.0000000000   0.0000000000  0.0000000000  1.0000000000  0.0000000000 
2 'crystal symmetry operation' 8_554 -y,-x,-z-1/2 0.0283945883 0.1529337997 -0.9878284265 12.3607324436 0.1529337997 -0.9772570302 -0.1469011569 -20.7789032536 -0.9878284265 -0.1469011569 -0.0511375581 9.6513862808 
# 
loop_
_struct_conf.conf_type_id 
_struct_conf.id 
_struct_conf.pdbx_PDB_helix_id 
_struct_conf.beg_label_comp_id 
_struct_conf.beg_label_asym_id 
_struct_conf.beg_label_seq_id 
_struct_conf.pdbx_beg_PDB_ins_code 
_struct_conf.end_label_comp_id 
_struct_conf.end_label_asym_id 
_struct_conf.end_label_seq_id 
_struct_conf.pdbx_end_PDB_ins_code 
_struct_conf.beg_auth_comp_id 
_struct_conf.beg_auth_asym_id 
_struct_conf.beg_auth_seq_id 
_struct_conf.end_auth_comp_id 
_struct_conf.end_auth_asym_id 
_struct_conf.end_auth_seq_id 
_struct_conf.pdbx_PDB_helix_class 
_struct_conf.details 
_struct_conf.pdbx_PDB_helix_length 
HELX_P HELX_P1 AA1 ASN A 15  ? TYR A 28  ? ASN A 154 TYR A 167 1 ? 14 
HELX_P HELX_P2 AA2 TYR A 28  ? LEU A 33  ? TYR A 167 LEU A 172 1 ? 6  
HELX_P HELX_P3 AA3 GLU A 35  ? GLN A 45  ? GLU A 174 GLN A 184 1 ? 11 
HELX_P HELX_P4 AA4 ASN A 72  ? ASP A 77  ? ASN A 211 ASP A 216 1 ? 6  
HELX_P HELX_P5 AA5 THR A 124 ? TYR A 135 ? THR A 263 TYR A 274 1 ? 12 
HELX_P HELX_P6 AA6 SER A 136 ? GLY A 139 ? SER A 275 GLY A 278 5 ? 4  
HELX_P HELX_P7 AA7 SER A 141 ? GLU A 143 ? SER A 280 GLU A 282 5 ? 3  
HELX_P HELX_P8 AA8 ASP A 144 ? ASP A 162 ? ASP A 283 ASP A 301 1 ? 19 
HELX_P HELX_P9 AA9 SER A 185 ? GLN A 196 ? SER A 324 GLN A 335 1 ? 12 
# 
_struct_conf_type.id          HELX_P 
_struct_conf_type.criteria    ? 
_struct_conf_type.reference   ? 
# 
loop_
_struct_sheet.id 
_struct_sheet.type 
_struct_sheet.number_strands 
_struct_sheet.details 
AA1 ? 5 ? 
AA2 ? 2 ? 
# 
loop_
_struct_sheet_order.sheet_id 
_struct_sheet_order.range_id_1 
_struct_sheet_order.range_id_2 
_struct_sheet_order.offset 
_struct_sheet_order.sense 
AA1 1 2 ? anti-parallel 
AA1 2 3 ? anti-parallel 
AA1 3 4 ? parallel      
AA1 4 5 ? parallel      
AA2 1 2 ? anti-parallel 
# 
loop_
_struct_sheet_range.sheet_id 
_struct_sheet_range.id 
_struct_sheet_range.beg_label_comp_id 
_struct_sheet_range.beg_label_asym_id 
_struct_sheet_range.beg_label_seq_id 
_struct_sheet_range.pdbx_beg_PDB_ins_code 
_struct_sheet_range.end_label_comp_id 
_struct_sheet_range.end_label_asym_id 
_struct_sheet_range.end_label_seq_id 
_struct_sheet_range.pdbx_end_PDB_ins_code 
_struct_sheet_range.beg_auth_comp_id 
_struct_sheet_range.beg_auth_asym_id 
_struct_sheet_range.beg_auth_seq_id 
_struct_sheet_range.end_auth_comp_id 
_struct_sheet_range.end_auth_asym_id 
_struct_sheet_range.end_auth_seq_id 
AA1 1 ILE A 80  ? LYS A 85  ? ILE A 219 LYS A 224 
AA1 2 SER A 104 ? GLU A 110 ? SER A 243 GLU A 249 
AA1 3 GLN A 113 ? TYR A 122 ? GLN A 252 TYR A 261 
AA1 4 LEU A 59  ? PRO A 64  ? LEU A 198 PRO A 203 
AA1 5 CYS A 170 ? TYR A 175 ? CYS A 309 TYR A 314 
AA2 1 GLN A 89  ? ARG A 93  ? GLN A 228 ARG A 232 
AA2 2 ILE A 96  ? TYR A 101 ? ILE A 235 TYR A 240 
# 
loop_
_pdbx_struct_sheet_hbond.sheet_id 
_pdbx_struct_sheet_hbond.range_id_1 
_pdbx_struct_sheet_hbond.range_id_2 
_pdbx_struct_sheet_hbond.range_1_label_atom_id 
_pdbx_struct_sheet_hbond.range_1_label_comp_id 
_pdbx_struct_sheet_hbond.range_1_label_asym_id 
_pdbx_struct_sheet_hbond.range_1_label_seq_id 
_pdbx_struct_sheet_hbond.range_1_PDB_ins_code 
_pdbx_struct_sheet_hbond.range_1_auth_atom_id 
_pdbx_struct_sheet_hbond.range_1_auth_comp_id 
_pdbx_struct_sheet_hbond.range_1_auth_asym_id 
_pdbx_struct_sheet_hbond.range_1_auth_seq_id 
_pdbx_struct_sheet_hbond.range_2_label_atom_id 
_pdbx_struct_sheet_hbond.range_2_label_comp_id 
_pdbx_struct_sheet_hbond.range_2_label_asym_id 
_pdbx_struct_sheet_hbond.range_2_label_seq_id 
_pdbx_struct_sheet_hbond.range_2_PDB_ins_code 
_pdbx_struct_sheet_hbond.range_2_auth_atom_id 
_pdbx_struct_sheet_hbond.range_2_auth_comp_id 
_pdbx_struct_sheet_hbond.range_2_auth_asym_id 
_pdbx_struct_sheet_hbond.range_2_auth_seq_id 
AA1 1 2 N ASP A 84  ? N ASP A 223 O ILE A 105 ? O ILE A 244 
AA1 2 3 N LEU A 108 ? N LEU A 247 O ALA A 115 ? O ALA A 254 
AA1 3 4 O GLU A 121 ? O GLU A 260 N LEU A 62  ? N LEU A 201 
AA1 4 5 N ILE A 61  ? N ILE A 200 O ILE A 173 ? O ILE A 312 
AA2 1 2 N GLN A 89  ? N GLN A 228 O TYR A 101 ? O TYR A 240 
# 
loop_
_pdbx_validate_torsion.id 
_pdbx_validate_torsion.PDB_model_num 
_pdbx_validate_torsion.auth_comp_id 
_pdbx_validate_torsion.auth_asym_id 
_pdbx_validate_torsion.auth_seq_id 
_pdbx_validate_torsion.PDB_ins_code 
_pdbx_validate_torsion.label_alt_id 
_pdbx_validate_torsion.phi 
_pdbx_validate_torsion.psi 
1 1 TYR A 167 ? ? -134.51 -70.20 
2 1 CYS A 206 ? ? 58.10   19.14  
3 1 ASN A 307 ? ? 47.50   21.53  
4 1 ASP A 319 ? ? 81.85   -4.96  
# 
_pdbx_struct_special_symmetry.id              1 
_pdbx_struct_special_symmetry.PDB_model_num   1 
_pdbx_struct_special_symmetry.auth_asym_id    A 
_pdbx_struct_special_symmetry.auth_comp_id    HOH 
_pdbx_struct_special_symmetry.auth_seq_id     505 
_pdbx_struct_special_symmetry.PDB_ins_code    ? 
_pdbx_struct_special_symmetry.label_asym_id   C 
_pdbx_struct_special_symmetry.label_comp_id   HOH 
_pdbx_struct_special_symmetry.label_seq_id    . 
# 
loop_
_space_group_symop.id 
_space_group_symop.operation_xyz 
1 x,y,z               
2 -y+1/2,x+1/2,z+1/4  
3 y+1/2,-x+1/2,z+3/4  
4 x+1/2,-y+1/2,-z+3/4 
5 -x+1/2,y+1/2,-z+1/4 
6 -x,-y,z+1/2         
7 y,x,-z              
8 -y,-x,-z+1/2        
# 
_pdbx_entry_details.entry_id                 7Q3B 
_pdbx_entry_details.has_ligand_of_interest   Y 
_pdbx_entry_details.compound_details         ? 
_pdbx_entry_details.source_details           ? 
_pdbx_entry_details.nonpolymer_details       ? 
_pdbx_entry_details.sequence_details         ? 
# 
loop_
_pdbx_unobs_or_zero_occ_residues.id 
_pdbx_unobs_or_zero_occ_residues.PDB_model_num 
_pdbx_unobs_or_zero_occ_residues.polymer_flag 
_pdbx_unobs_or_zero_occ_residues.occupancy_flag 
_pdbx_unobs_or_zero_occ_residues.auth_asym_id 
_pdbx_unobs_or_zero_occ_residues.auth_comp_id 
_pdbx_unobs_or_zero_occ_residues.auth_seq_id 
_pdbx_unobs_or_zero_occ_residues.PDB_ins_code 
_pdbx_unobs_or_zero_occ_residues.label_asym_id 
_pdbx_unobs_or_zero_occ_residues.label_comp_id 
_pdbx_unobs_or_zero_occ_residues.label_seq_id 
1  1 Y 1 A ALA 140 ? A ALA 1   
2  1 Y 1 A PRO 141 ? A PRO 2   
3  1 Y 1 A ALA 142 ? A ALA 3   
4  1 Y 1 A GLU 143 ? A GLU 4   
5  1 Y 1 A ILE 144 ? A ILE 5   
6  1 Y 1 A SER 145 ? A SER 6   
7  1 Y 1 A ALA 146 ? A ALA 7   
8  1 Y 1 A VAL 147 ? A VAL 8   
9  1 Y 1 A CYS 148 ? A CYS 9   
10 1 Y 1 A GLU 149 ? A GLU 10  
11 1 Y 1 A LYS 150 ? A LYS 11  
12 1 Y 1 A GLY 151 ? A GLY 12  
13 1 Y 1 A ASN 152 ? A ASN 13  
14 1 Y 1 A PHE 153 ? A PHE 14  
15 1 Y 1 A TYR 186 ? A TYR 47  
16 1 Y 1 A ASN 187 ? A ASN 48  
17 1 Y 1 A ASN 188 ? A ASN 49  
18 1 Y 1 A LEU 189 ? A LEU 50  
19 1 Y 1 A LEU 190 ? A LEU 51  
20 1 Y 1 A ARG 191 ? A ARG 52  
21 1 Y 1 A GLY 192 ? A GLY 53  
22 1 Y 1 A GLU 337 ? A GLU 198 
23 1 Y 1 A LYS 338 ? A LYS 199 
24 1 Y 1 A GLU 339 ? A GLU 200 
25 1 Y 1 A GLU 340 ? A GLU 201 
26 1 Y 1 A VAL 341 ? A VAL 202 
27 1 Y 1 A THR 342 ? A THR 203 
28 1 Y 1 A VAL 343 ? A VAL 204 
# 
loop_
_chem_comp_atom.comp_id 
_chem_comp_atom.atom_id 
_chem_comp_atom.type_symbol 
_chem_comp_atom.pdbx_aromatic_flag 
_chem_comp_atom.pdbx_stereo_config 
_chem_comp_atom.pdbx_ordinal 
8SC N    N Y N 1   
8SC C17  C N R 2   
8SC C14  C Y N 3   
8SC C13  C Y N 4   
8SC C12  C Y N 5   
8SC C11  C Y N 6   
8SC C16  C N R 7   
8SC C15  C N R 8   
8SC N7   N Y N 9   
8SC C8   C N R 10  
8SC N9   N N N 11  
8SC C1   C Y N 12  
8SC O1   O N N 13  
8SC C4   C Y N 14  
8SC C5   C N S 15  
8SC P    P N N 16  
8SC O8   O N N 17  
8SC O7   O N N 18  
8SC C3   C Y N 19  
8SC O3   O N N 20  
8SC C2   C Y N 21  
8SC O2   O N N 22  
8SC C6   C N R 23  
8SC N1   N Y N 24  
8SC C9   C N N 25  
8SC C    C Y N 26  
8SC O    O N N 27  
8SC C10  C Y N 28  
8SC C18  C N R 29  
8SC C19  C N N 30  
8SC C7   C N N 31  
8SC F6   F N N 32  
8SC N11  N N N 33  
8SC N2   N Y N 34  
8SC N3   N Y N 35  
8SC N4   N Y N 36  
8SC N5   N Y N 37  
8SC N6   N Y N 38  
8SC O10  O N N 39  
8SC O22  O N N 40  
8SC O4   O N N 41  
8SC O5   O N N 42  
8SC P1   P N N 43  
8SC H1   H N N 44  
8SC H2   H N N 45  
8SC H3   H N N 46  
8SC H4   H N N 47  
8SC H5   H N N 48  
8SC H6   H N N 49  
8SC H7   H N N 50  
8SC H8   H N N 51  
8SC H9   H N N 52  
8SC H10  H N N 53  
8SC H11  H N N 54  
8SC H12  H N N 55  
8SC H13  H N N 56  
8SC H14  H N N 57  
8SC H15  H N N 58  
8SC H16  H N N 59  
8SC H17  H N N 60  
8SC H18  H N N 61  
8SC H19  H N N 62  
8SC H20  H N N 63  
8SC H21  H N N 64  
8SC H22  H N N 65  
8SC H23  H N N 66  
ALA N    N N N 67  
ALA CA   C N S 68  
ALA C    C N N 69  
ALA O    O N N 70  
ALA CB   C N N 71  
ALA OXT  O N N 72  
ALA H    H N N 73  
ALA H2   H N N 74  
ALA HA   H N N 75  
ALA HB1  H N N 76  
ALA HB2  H N N 77  
ALA HB3  H N N 78  
ALA HXT  H N N 79  
ARG N    N N N 80  
ARG CA   C N S 81  
ARG C    C N N 82  
ARG O    O N N 83  
ARG CB   C N N 84  
ARG CG   C N N 85  
ARG CD   C N N 86  
ARG NE   N N N 87  
ARG CZ   C N N 88  
ARG NH1  N N N 89  
ARG NH2  N N N 90  
ARG OXT  O N N 91  
ARG H    H N N 92  
ARG H2   H N N 93  
ARG HA   H N N 94  
ARG HB2  H N N 95  
ARG HB3  H N N 96  
ARG HG2  H N N 97  
ARG HG3  H N N 98  
ARG HD2  H N N 99  
ARG HD3  H N N 100 
ARG HE   H N N 101 
ARG HH11 H N N 102 
ARG HH12 H N N 103 
ARG HH21 H N N 104 
ARG HH22 H N N 105 
ARG HXT  H N N 106 
ASN N    N N N 107 
ASN CA   C N S 108 
ASN C    C N N 109 
ASN O    O N N 110 
ASN CB   C N N 111 
ASN CG   C N N 112 
ASN OD1  O N N 113 
ASN ND2  N N N 114 
ASN OXT  O N N 115 
ASN H    H N N 116 
ASN H2   H N N 117 
ASN HA   H N N 118 
ASN HB2  H N N 119 
ASN HB3  H N N 120 
ASN HD21 H N N 121 
ASN HD22 H N N 122 
ASN HXT  H N N 123 
ASP N    N N N 124 
ASP CA   C N S 125 
ASP C    C N N 126 
ASP O    O N N 127 
ASP CB   C N N 128 
ASP CG   C N N 129 
ASP OD1  O N N 130 
ASP OD2  O N N 131 
ASP OXT  O N N 132 
ASP H    H N N 133 
ASP H2   H N N 134 
ASP HA   H N N 135 
ASP HB2  H N N 136 
ASP HB3  H N N 137 
ASP HD2  H N N 138 
ASP HXT  H N N 139 
CYS N    N N N 140 
CYS CA   C N R 141 
CYS C    C N N 142 
CYS O    O N N 143 
CYS CB   C N N 144 
CYS SG   S N N 145 
CYS OXT  O N N 146 
CYS H    H N N 147 
CYS H2   H N N 148 
CYS HA   H N N 149 
CYS HB2  H N N 150 
CYS HB3  H N N 151 
CYS HG   H N N 152 
CYS HXT  H N N 153 
GLN N    N N N 154 
GLN CA   C N S 155 
GLN C    C N N 156 
GLN O    O N N 157 
GLN CB   C N N 158 
GLN CG   C N N 159 
GLN CD   C N N 160 
GLN OE1  O N N 161 
GLN NE2  N N N 162 
GLN OXT  O N N 163 
GLN H    H N N 164 
GLN H2   H N N 165 
GLN HA   H N N 166 
GLN HB2  H N N 167 
GLN HB3  H N N 168 
GLN HG2  H N N 169 
GLN HG3  H N N 170 
GLN HE21 H N N 171 
GLN HE22 H N N 172 
GLN HXT  H N N 173 
GLU N    N N N 174 
GLU CA   C N S 175 
GLU C    C N N 176 
GLU O    O N N 177 
GLU CB   C N N 178 
GLU CG   C N N 179 
GLU CD   C N N 180 
GLU OE1  O N N 181 
GLU OE2  O N N 182 
GLU OXT  O N N 183 
GLU H    H N N 184 
GLU H2   H N N 185 
GLU HA   H N N 186 
GLU HB2  H N N 187 
GLU HB3  H N N 188 
GLU HG2  H N N 189 
GLU HG3  H N N 190 
GLU HE2  H N N 191 
GLU HXT  H N N 192 
GLY N    N N N 193 
GLY CA   C N N 194 
GLY C    C N N 195 
GLY O    O N N 196 
GLY OXT  O N N 197 
GLY H    H N N 198 
GLY H2   H N N 199 
GLY HA2  H N N 200 
GLY HA3  H N N 201 
GLY HXT  H N N 202 
HIS N    N N N 203 
HIS CA   C N S 204 
HIS C    C N N 205 
HIS O    O N N 206 
HIS CB   C N N 207 
HIS CG   C Y N 208 
HIS ND1  N Y N 209 
HIS CD2  C Y N 210 
HIS CE1  C Y N 211 
HIS NE2  N Y N 212 
HIS OXT  O N N 213 
HIS H    H N N 214 
HIS H2   H N N 215 
HIS HA   H N N 216 
HIS HB2  H N N 217 
HIS HB3  H N N 218 
HIS HD1  H N N 219 
HIS HD2  H N N 220 
HIS HE1  H N N 221 
HIS HE2  H N N 222 
HIS HXT  H N N 223 
HOH O    O N N 224 
HOH H1   H N N 225 
HOH H2   H N N 226 
ILE N    N N N 227 
ILE CA   C N S 228 
ILE C    C N N 229 
ILE O    O N N 230 
ILE CB   C N S 231 
ILE CG1  C N N 232 
ILE CG2  C N N 233 
ILE CD1  C N N 234 
ILE OXT  O N N 235 
ILE H    H N N 236 
ILE H2   H N N 237 
ILE HA   H N N 238 
ILE HB   H N N 239 
ILE HG12 H N N 240 
ILE HG13 H N N 241 
ILE HG21 H N N 242 
ILE HG22 H N N 243 
ILE HG23 H N N 244 
ILE HD11 H N N 245 
ILE HD12 H N N 246 
ILE HD13 H N N 247 
ILE HXT  H N N 248 
LEU N    N N N 249 
LEU CA   C N S 250 
LEU C    C N N 251 
LEU O    O N N 252 
LEU CB   C N N 253 
LEU CG   C N N 254 
LEU CD1  C N N 255 
LEU CD2  C N N 256 
LEU OXT  O N N 257 
LEU H    H N N 258 
LEU H2   H N N 259 
LEU HA   H N N 260 
LEU HB2  H N N 261 
LEU HB3  H N N 262 
LEU HG   H N N 263 
LEU HD11 H N N 264 
LEU HD12 H N N 265 
LEU HD13 H N N 266 
LEU HD21 H N N 267 
LEU HD22 H N N 268 
LEU HD23 H N N 269 
LEU HXT  H N N 270 
LYS N    N N N 271 
LYS CA   C N S 272 
LYS C    C N N 273 
LYS O    O N N 274 
LYS CB   C N N 275 
LYS CG   C N N 276 
LYS CD   C N N 277 
LYS CE   C N N 278 
LYS NZ   N N N 279 
LYS OXT  O N N 280 
LYS H    H N N 281 
LYS H2   H N N 282 
LYS HA   H N N 283 
LYS HB2  H N N 284 
LYS HB3  H N N 285 
LYS HG2  H N N 286 
LYS HG3  H N N 287 
LYS HD2  H N N 288 
LYS HD3  H N N 289 
LYS HE2  H N N 290 
LYS HE3  H N N 291 
LYS HZ1  H N N 292 
LYS HZ2  H N N 293 
LYS HZ3  H N N 294 
LYS HXT  H N N 295 
MET N    N N N 296 
MET CA   C N S 297 
MET C    C N N 298 
MET O    O N N 299 
MET CB   C N N 300 
MET CG   C N N 301 
MET SD   S N N 302 
MET CE   C N N 303 
MET OXT  O N N 304 
MET H    H N N 305 
MET H2   H N N 306 
MET HA   H N N 307 
MET HB2  H N N 308 
MET HB3  H N N 309 
MET HG2  H N N 310 
MET HG3  H N N 311 
MET HE1  H N N 312 
MET HE2  H N N 313 
MET HE3  H N N 314 
MET HXT  H N N 315 
PHE N    N N N 316 
PHE CA   C N S 317 
PHE C    C N N 318 
PHE O    O N N 319 
PHE CB   C N N 320 
PHE CG   C Y N 321 
PHE CD1  C Y N 322 
PHE CD2  C Y N 323 
PHE CE1  C Y N 324 
PHE CE2  C Y N 325 
PHE CZ   C Y N 326 
PHE OXT  O N N 327 
PHE H    H N N 328 
PHE H2   H N N 329 
PHE HA   H N N 330 
PHE HB2  H N N 331 
PHE HB3  H N N 332 
PHE HD1  H N N 333 
PHE HD2  H N N 334 
PHE HE1  H N N 335 
PHE HE2  H N N 336 
PHE HZ   H N N 337 
PHE HXT  H N N 338 
PRO N    N N N 339 
PRO CA   C N S 340 
PRO C    C N N 341 
PRO O    O N N 342 
PRO CB   C N N 343 
PRO CG   C N N 344 
PRO CD   C N N 345 
PRO OXT  O N N 346 
PRO H    H N N 347 
PRO HA   H N N 348 
PRO HB2  H N N 349 
PRO HB3  H N N 350 
PRO HG2  H N N 351 
PRO HG3  H N N 352 
PRO HD2  H N N 353 
PRO HD3  H N N 354 
PRO HXT  H N N 355 
SER N    N N N 356 
SER CA   C N S 357 
SER C    C N N 358 
SER O    O N N 359 
SER CB   C N N 360 
SER OG   O N N 361 
SER OXT  O N N 362 
SER H    H N N 363 
SER H2   H N N 364 
SER HA   H N N 365 
SER HB2  H N N 366 
SER HB3  H N N 367 
SER HG   H N N 368 
SER HXT  H N N 369 
THR N    N N N 370 
THR CA   C N S 371 
THR C    C N N 372 
THR O    O N N 373 
THR CB   C N R 374 
THR OG1  O N N 375 
THR CG2  C N N 376 
THR OXT  O N N 377 
THR H    H N N 378 
THR H2   H N N 379 
THR HA   H N N 380 
THR HB   H N N 381 
THR HG1  H N N 382 
THR HG21 H N N 383 
THR HG22 H N N 384 
THR HG23 H N N 385 
THR HXT  H N N 386 
TRP N    N N N 387 
TRP CA   C N S 388 
TRP C    C N N 389 
TRP O    O N N 390 
TRP CB   C N N 391 
TRP CG   C Y N 392 
TRP CD1  C Y N 393 
TRP CD2  C Y N 394 
TRP NE1  N Y N 395 
TRP CE2  C Y N 396 
TRP CE3  C Y N 397 
TRP CZ2  C Y N 398 
TRP CZ3  C Y N 399 
TRP CH2  C Y N 400 
TRP OXT  O N N 401 
TRP H    H N N 402 
TRP H2   H N N 403 
TRP HA   H N N 404 
TRP HB2  H N N 405 
TRP HB3  H N N 406 
TRP HD1  H N N 407 
TRP HE1  H N N 408 
TRP HE3  H N N 409 
TRP HZ2  H N N 410 
TRP HZ3  H N N 411 
TRP HH2  H N N 412 
TRP HXT  H N N 413 
TYR N    N N N 414 
TYR CA   C N S 415 
TYR C    C N N 416 
TYR O    O N N 417 
TYR CB   C N N 418 
TYR CG   C Y N 419 
TYR CD1  C Y N 420 
TYR CD2  C Y N 421 
TYR CE1  C Y N 422 
TYR CE2  C Y N 423 
TYR CZ   C Y N 424 
TYR OH   O N N 425 
TYR OXT  O N N 426 
TYR H    H N N 427 
TYR H2   H N N 428 
TYR HA   H N N 429 
TYR HB2  H N N 430 
TYR HB3  H N N 431 
TYR HD1  H N N 432 
TYR HD2  H N N 433 
TYR HE1  H N N 434 
TYR HE2  H N N 435 
TYR HH   H N N 436 
TYR HXT  H N N 437 
VAL N    N N N 438 
VAL CA   C N S 439 
VAL C    C N N 440 
VAL O    O N N 441 
VAL CB   C N N 442 
VAL CG1  C N N 443 
VAL CG2  C N N 444 
VAL OXT  O N N 445 
VAL H    H N N 446 
VAL H2   H N N 447 
VAL HA   H N N 448 
VAL HB   H N N 449 
VAL HG11 H N N 450 
VAL HG12 H N N 451 
VAL HG13 H N N 452 
VAL HG21 H N N 453 
VAL HG22 H N N 454 
VAL HG23 H N N 455 
VAL HXT  H N N 456 
# 
loop_
_chem_comp_bond.comp_id 
_chem_comp_bond.atom_id_1 
_chem_comp_bond.atom_id_2 
_chem_comp_bond.value_order 
_chem_comp_bond.pdbx_aromatic_flag 
_chem_comp_bond.pdbx_stereo_config 
_chem_comp_bond.pdbx_ordinal 
8SC O4  P1   doub N N 1   
8SC O22 P1   sing N N 2   
8SC P1  O8   sing N N 3   
8SC P1  O10  sing N N 4   
8SC O5  C17  sing N N 5   
8SC O5  C18  sing N N 6   
8SC C14 N7   doub Y N 7   
8SC C14 N6   sing Y N 8   
8SC O8  C19  sing N N 9   
8SC N7  C12  sing Y N 10  
8SC C19 C18  sing N N 11  
8SC N6  C17  sing N N 12  
8SC N6  C11  sing Y N 13  
8SC C17 C16  sing N N 14  
8SC C12 C11  doub Y N 15  
8SC C12 C13  sing Y N 16  
8SC C18 C15  sing N N 17  
8SC N9  C13  sing N N 18  
8SC C11 N5   sing Y N 19  
8SC O10 C5   sing N N 20  
8SC C13 N4   doub Y N 21  
8SC N5  C10  doub Y N 22  
8SC N4  C10  sing Y N 23  
8SC C   N1   doub Y N 24  
8SC C   N    sing Y N 25  
8SC C16 C15  sing N N 26  
8SC C16 F6   sing N N 27  
8SC C15 O7   sing N N 28  
8SC N1  C1   sing Y N 29  
8SC C5  C6   sing N N 30  
8SC C5  C8   sing N N 31  
8SC N   C3   doub Y N 32  
8SC C6  N2   sing N N 33  
8SC C6  C7   sing N N 34  
8SC C1  N2   sing Y N 35  
8SC C1  C2   doub Y N 36  
8SC N2  C4   sing Y N 37  
8SC C3  C2   sing Y N 38  
8SC C3  N11  sing N N 39  
8SC O7  P    sing N N 40  
8SC C2  N3   sing Y N 41  
8SC C8  C9   sing N N 42  
8SC C8  O1   sing N N 43  
8SC C4  N3   doub Y N 44  
8SC C7  O1   sing N N 45  
8SC C9  O2   sing N N 46  
8SC O2  P    sing N N 47  
8SC P   O3   doub N N 48  
8SC P   O    sing N N 49  
8SC C17 H1   sing N N 50  
8SC C14 H2   sing N N 51  
8SC C16 H3   sing N N 52  
8SC C15 H4   sing N N 53  
8SC C8  H5   sing N N 54  
8SC N9  H6   sing N N 55  
8SC N9  H7   sing N N 56  
8SC C4  H8   sing N N 57  
8SC C5  H9   sing N N 58  
8SC C6  H10  sing N N 59  
8SC C9  H11  sing N N 60  
8SC C9  H12  sing N N 61  
8SC C   H13  sing N N 62  
8SC O   H14  sing N N 63  
8SC C10 H15  sing N N 64  
8SC C18 H16  sing N N 65  
8SC C19 H17  sing N N 66  
8SC C19 H18  sing N N 67  
8SC C7  H19  sing N N 68  
8SC C7  H20  sing N N 69  
8SC N11 H21  sing N N 70  
8SC N11 H22  sing N N 71  
8SC O22 H23  sing N N 72  
ALA N   CA   sing N N 73  
ALA N   H    sing N N 74  
ALA N   H2   sing N N 75  
ALA CA  C    sing N N 76  
ALA CA  CB   sing N N 77  
ALA CA  HA   sing N N 78  
ALA C   O    doub N N 79  
ALA C   OXT  sing N N 80  
ALA CB  HB1  sing N N 81  
ALA CB  HB2  sing N N 82  
ALA CB  HB3  sing N N 83  
ALA OXT HXT  sing N N 84  
ARG N   CA   sing N N 85  
ARG N   H    sing N N 86  
ARG N   H2   sing N N 87  
ARG CA  C    sing N N 88  
ARG CA  CB   sing N N 89  
ARG CA  HA   sing N N 90  
ARG C   O    doub N N 91  
ARG C   OXT  sing N N 92  
ARG CB  CG   sing N N 93  
ARG CB  HB2  sing N N 94  
ARG CB  HB3  sing N N 95  
ARG CG  CD   sing N N 96  
ARG CG  HG2  sing N N 97  
ARG CG  HG3  sing N N 98  
ARG CD  NE   sing N N 99  
ARG CD  HD2  sing N N 100 
ARG CD  HD3  sing N N 101 
ARG NE  CZ   sing N N 102 
ARG NE  HE   sing N N 103 
ARG CZ  NH1  sing N N 104 
ARG CZ  NH2  doub N N 105 
ARG NH1 HH11 sing N N 106 
ARG NH1 HH12 sing N N 107 
ARG NH2 HH21 sing N N 108 
ARG NH2 HH22 sing N N 109 
ARG OXT HXT  sing N N 110 
ASN N   CA   sing N N 111 
ASN N   H    sing N N 112 
ASN N   H2   sing N N 113 
ASN CA  C    sing N N 114 
ASN CA  CB   sing N N 115 
ASN CA  HA   sing N N 116 
ASN C   O    doub N N 117 
ASN C   OXT  sing N N 118 
ASN CB  CG   sing N N 119 
ASN CB  HB2  sing N N 120 
ASN CB  HB3  sing N N 121 
ASN CG  OD1  doub N N 122 
ASN CG  ND2  sing N N 123 
ASN ND2 HD21 sing N N 124 
ASN ND2 HD22 sing N N 125 
ASN OXT HXT  sing N N 126 
ASP N   CA   sing N N 127 
ASP N   H    sing N N 128 
ASP N   H2   sing N N 129 
ASP CA  C    sing N N 130 
ASP CA  CB   sing N N 131 
ASP CA  HA   sing N N 132 
ASP C   O    doub N N 133 
ASP C   OXT  sing N N 134 
ASP CB  CG   sing N N 135 
ASP CB  HB2  sing N N 136 
ASP CB  HB3  sing N N 137 
ASP CG  OD1  doub N N 138 
ASP CG  OD2  sing N N 139 
ASP OD2 HD2  sing N N 140 
ASP OXT HXT  sing N N 141 
CYS N   CA   sing N N 142 
CYS N   H    sing N N 143 
CYS N   H2   sing N N 144 
CYS CA  C    sing N N 145 
CYS CA  CB   sing N N 146 
CYS CA  HA   sing N N 147 
CYS C   O    doub N N 148 
CYS C   OXT  sing N N 149 
CYS CB  SG   sing N N 150 
CYS CB  HB2  sing N N 151 
CYS CB  HB3  sing N N 152 
CYS SG  HG   sing N N 153 
CYS OXT HXT  sing N N 154 
GLN N   CA   sing N N 155 
GLN N   H    sing N N 156 
GLN N   H2   sing N N 157 
GLN CA  C    sing N N 158 
GLN CA  CB   sing N N 159 
GLN CA  HA   sing N N 160 
GLN C   O    doub N N 161 
GLN C   OXT  sing N N 162 
GLN CB  CG   sing N N 163 
GLN CB  HB2  sing N N 164 
GLN CB  HB3  sing N N 165 
GLN CG  CD   sing N N 166 
GLN CG  HG2  sing N N 167 
GLN CG  HG3  sing N N 168 
GLN CD  OE1  doub N N 169 
GLN CD  NE2  sing N N 170 
GLN NE2 HE21 sing N N 171 
GLN NE2 HE22 sing N N 172 
GLN OXT HXT  sing N N 173 
GLU N   CA   sing N N 174 
GLU N   H    sing N N 175 
GLU N   H2   sing N N 176 
GLU CA  C    sing N N 177 
GLU CA  CB   sing N N 178 
GLU CA  HA   sing N N 179 
GLU C   O    doub N N 180 
GLU C   OXT  sing N N 181 
GLU CB  CG   sing N N 182 
GLU CB  HB2  sing N N 183 
GLU CB  HB3  sing N N 184 
GLU CG  CD   sing N N 185 
GLU CG  HG2  sing N N 186 
GLU CG  HG3  sing N N 187 
GLU CD  OE1  doub N N 188 
GLU CD  OE2  sing N N 189 
GLU OE2 HE2  sing N N 190 
GLU OXT HXT  sing N N 191 
GLY N   CA   sing N N 192 
GLY N   H    sing N N 193 
GLY N   H2   sing N N 194 
GLY CA  C    sing N N 195 
GLY CA  HA2  sing N N 196 
GLY CA  HA3  sing N N 197 
GLY C   O    doub N N 198 
GLY C   OXT  sing N N 199 
GLY OXT HXT  sing N N 200 
HIS N   CA   sing N N 201 
HIS N   H    sing N N 202 
HIS N   H2   sing N N 203 
HIS CA  C    sing N N 204 
HIS CA  CB   sing N N 205 
HIS CA  HA   sing N N 206 
HIS C   O    doub N N 207 
HIS C   OXT  sing N N 208 
HIS CB  CG   sing N N 209 
HIS CB  HB2  sing N N 210 
HIS CB  HB3  sing N N 211 
HIS CG  ND1  sing Y N 212 
HIS CG  CD2  doub Y N 213 
HIS ND1 CE1  doub Y N 214 
HIS ND1 HD1  sing N N 215 
HIS CD2 NE2  sing Y N 216 
HIS CD2 HD2  sing N N 217 
HIS CE1 NE2  sing Y N 218 
HIS CE1 HE1  sing N N 219 
HIS NE2 HE2  sing N N 220 
HIS OXT HXT  sing N N 221 
HOH O   H1   sing N N 222 
HOH O   H2   sing N N 223 
ILE N   CA   sing N N 224 
ILE N   H    sing N N 225 
ILE N   H2   sing N N 226 
ILE CA  C    sing N N 227 
ILE CA  CB   sing N N 228 
ILE CA  HA   sing N N 229 
ILE C   O    doub N N 230 
ILE C   OXT  sing N N 231 
ILE CB  CG1  sing N N 232 
ILE CB  CG2  sing N N 233 
ILE CB  HB   sing N N 234 
ILE CG1 CD1  sing N N 235 
ILE CG1 HG12 sing N N 236 
ILE CG1 HG13 sing N N 237 
ILE CG2 HG21 sing N N 238 
ILE CG2 HG22 sing N N 239 
ILE CG2 HG23 sing N N 240 
ILE CD1 HD11 sing N N 241 
ILE CD1 HD12 sing N N 242 
ILE CD1 HD13 sing N N 243 
ILE OXT HXT  sing N N 244 
LEU N   CA   sing N N 245 
LEU N   H    sing N N 246 
LEU N   H2   sing N N 247 
LEU CA  C    sing N N 248 
LEU CA  CB   sing N N 249 
LEU CA  HA   sing N N 250 
LEU C   O    doub N N 251 
LEU C   OXT  sing N N 252 
LEU CB  CG   sing N N 253 
LEU CB  HB2  sing N N 254 
LEU CB  HB3  sing N N 255 
LEU CG  CD1  sing N N 256 
LEU CG  CD2  sing N N 257 
LEU CG  HG   sing N N 258 
LEU CD1 HD11 sing N N 259 
LEU CD1 HD12 sing N N 260 
LEU CD1 HD13 sing N N 261 
LEU CD2 HD21 sing N N 262 
LEU CD2 HD22 sing N N 263 
LEU CD2 HD23 sing N N 264 
LEU OXT HXT  sing N N 265 
LYS N   CA   sing N N 266 
LYS N   H    sing N N 267 
LYS N   H2   sing N N 268 
LYS CA  C    sing N N 269 
LYS CA  CB   sing N N 270 
LYS CA  HA   sing N N 271 
LYS C   O    doub N N 272 
LYS C   OXT  sing N N 273 
LYS CB  CG   sing N N 274 
LYS CB  HB2  sing N N 275 
LYS CB  HB3  sing N N 276 
LYS CG  CD   sing N N 277 
LYS CG  HG2  sing N N 278 
LYS CG  HG3  sing N N 279 
LYS CD  CE   sing N N 280 
LYS CD  HD2  sing N N 281 
LYS CD  HD3  sing N N 282 
LYS CE  NZ   sing N N 283 
LYS CE  HE2  sing N N 284 
LYS CE  HE3  sing N N 285 
LYS NZ  HZ1  sing N N 286 
LYS NZ  HZ2  sing N N 287 
LYS NZ  HZ3  sing N N 288 
LYS OXT HXT  sing N N 289 
MET N   CA   sing N N 290 
MET N   H    sing N N 291 
MET N   H2   sing N N 292 
MET CA  C    sing N N 293 
MET CA  CB   sing N N 294 
MET CA  HA   sing N N 295 
MET C   O    doub N N 296 
MET C   OXT  sing N N 297 
MET CB  CG   sing N N 298 
MET CB  HB2  sing N N 299 
MET CB  HB3  sing N N 300 
MET CG  SD   sing N N 301 
MET CG  HG2  sing N N 302 
MET CG  HG3  sing N N 303 
MET SD  CE   sing N N 304 
MET CE  HE1  sing N N 305 
MET CE  HE2  sing N N 306 
MET CE  HE3  sing N N 307 
MET OXT HXT  sing N N 308 
PHE N   CA   sing N N 309 
PHE N   H    sing N N 310 
PHE N   H2   sing N N 311 
PHE CA  C    sing N N 312 
PHE CA  CB   sing N N 313 
PHE CA  HA   sing N N 314 
PHE C   O    doub N N 315 
PHE C   OXT  sing N N 316 
PHE CB  CG   sing N N 317 
PHE CB  HB2  sing N N 318 
PHE CB  HB3  sing N N 319 
PHE CG  CD1  doub Y N 320 
PHE CG  CD2  sing Y N 321 
PHE CD1 CE1  sing Y N 322 
PHE CD1 HD1  sing N N 323 
PHE CD2 CE2  doub Y N 324 
PHE CD2 HD2  sing N N 325 
PHE CE1 CZ   doub Y N 326 
PHE CE1 HE1  sing N N 327 
PHE CE2 CZ   sing Y N 328 
PHE CE2 HE2  sing N N 329 
PHE CZ  HZ   sing N N 330 
PHE OXT HXT  sing N N 331 
PRO N   CA   sing N N 332 
PRO N   CD   sing N N 333 
PRO N   H    sing N N 334 
PRO CA  C    sing N N 335 
PRO CA  CB   sing N N 336 
PRO CA  HA   sing N N 337 
PRO C   O    doub N N 338 
PRO C   OXT  sing N N 339 
PRO CB  CG   sing N N 340 
PRO CB  HB2  sing N N 341 
PRO CB  HB3  sing N N 342 
PRO CG  CD   sing N N 343 
PRO CG  HG2  sing N N 344 
PRO CG  HG3  sing N N 345 
PRO CD  HD2  sing N N 346 
PRO CD  HD3  sing N N 347 
PRO OXT HXT  sing N N 348 
SER N   CA   sing N N 349 
SER N   H    sing N N 350 
SER N   H2   sing N N 351 
SER CA  C    sing N N 352 
SER CA  CB   sing N N 353 
SER CA  HA   sing N N 354 
SER C   O    doub N N 355 
SER C   OXT  sing N N 356 
SER CB  OG   sing N N 357 
SER CB  HB2  sing N N 358 
SER CB  HB3  sing N N 359 
SER OG  HG   sing N N 360 
SER OXT HXT  sing N N 361 
THR N   CA   sing N N 362 
THR N   H    sing N N 363 
THR N   H2   sing N N 364 
THR CA  C    sing N N 365 
THR CA  CB   sing N N 366 
THR CA  HA   sing N N 367 
THR C   O    doub N N 368 
THR C   OXT  sing N N 369 
THR CB  OG1  sing N N 370 
THR CB  CG2  sing N N 371 
THR CB  HB   sing N N 372 
THR OG1 HG1  sing N N 373 
THR CG2 HG21 sing N N 374 
THR CG2 HG22 sing N N 375 
THR CG2 HG23 sing N N 376 
THR OXT HXT  sing N N 377 
TRP N   CA   sing N N 378 
TRP N   H    sing N N 379 
TRP N   H2   sing N N 380 
TRP CA  C    sing N N 381 
TRP CA  CB   sing N N 382 
TRP CA  HA   sing N N 383 
TRP C   O    doub N N 384 
TRP C   OXT  sing N N 385 
TRP CB  CG   sing N N 386 
TRP CB  HB2  sing N N 387 
TRP CB  HB3  sing N N 388 
TRP CG  CD1  doub Y N 389 
TRP CG  CD2  sing Y N 390 
TRP CD1 NE1  sing Y N 391 
TRP CD1 HD1  sing N N 392 
TRP CD2 CE2  doub Y N 393 
TRP CD2 CE3  sing Y N 394 
TRP NE1 CE2  sing Y N 395 
TRP NE1 HE1  sing N N 396 
TRP CE2 CZ2  sing Y N 397 
TRP CE3 CZ3  doub Y N 398 
TRP CE3 HE3  sing N N 399 
TRP CZ2 CH2  doub Y N 400 
TRP CZ2 HZ2  sing N N 401 
TRP CZ3 CH2  sing Y N 402 
TRP CZ3 HZ3  sing N N 403 
TRP CH2 HH2  sing N N 404 
TRP OXT HXT  sing N N 405 
TYR N   CA   sing N N 406 
TYR N   H    sing N N 407 
TYR N   H2   sing N N 408 
TYR CA  C    sing N N 409 
TYR CA  CB   sing N N 410 
TYR CA  HA   sing N N 411 
TYR C   O    doub N N 412 
TYR C   OXT  sing N N 413 
TYR CB  CG   sing N N 414 
TYR CB  HB2  sing N N 415 
TYR CB  HB3  sing N N 416 
TYR CG  CD1  doub Y N 417 
TYR CG  CD2  sing Y N 418 
TYR CD1 CE1  sing Y N 419 
TYR CD1 HD1  sing N N 420 
TYR CD2 CE2  doub Y N 421 
TYR CD2 HD2  sing N N 422 
TYR CE1 CZ   doub Y N 423 
TYR CE1 HE1  sing N N 424 
TYR CE2 CZ   sing Y N 425 
TYR CE2 HE2  sing N N 426 
TYR CZ  OH   sing N N 427 
TYR OH  HH   sing N N 428 
TYR OXT HXT  sing N N 429 
VAL N   CA   sing N N 430 
VAL N   H    sing N N 431 
VAL N   H2   sing N N 432 
VAL CA  C    sing N N 433 
VAL CA  CB   sing N N 434 
VAL CA  HA   sing N N 435 
VAL C   O    doub N N 436 
VAL C   OXT  sing N N 437 
VAL CB  CG1  sing N N 438 
VAL CB  CG2  sing N N 439 
VAL CB  HB   sing N N 440 
VAL CG1 HG11 sing N N 441 
VAL CG1 HG12 sing N N 442 
VAL CG1 HG13 sing N N 443 
VAL CG2 HG21 sing N N 444 
VAL CG2 HG22 sing N N 445 
VAL CG2 HG23 sing N N 446 
VAL OXT HXT  sing N N 447 
# 
_pdbx_audit_support.funding_organization   'Not funded' 
_pdbx_audit_support.country                ? 
_pdbx_audit_support.grant_number           ? 
_pdbx_audit_support.ordinal                1 
# 
_pdbx_entity_instance_feature.ordinal        1 
_pdbx_entity_instance_feature.comp_id        8SC 
_pdbx_entity_instance_feature.asym_id        ? 
_pdbx_entity_instance_feature.seq_num        ? 
_pdbx_entity_instance_feature.auth_comp_id   8SC 
_pdbx_entity_instance_feature.auth_asym_id   ? 
_pdbx_entity_instance_feature.auth_seq_num   ? 
_pdbx_entity_instance_feature.feature_type   'SUBJECT OF INVESTIGATION' 
_pdbx_entity_instance_feature.details        ? 
# 
_pdbx_initial_refinement_model.id               1 
_pdbx_initial_refinement_model.entity_id_list   ? 
_pdbx_initial_refinement_model.type             'experimental model' 
_pdbx_initial_refinement_model.source_name      PDB 
_pdbx_initial_refinement_model.accession_code   4KSY 
_pdbx_initial_refinement_model.details          ? 
# 
_space_group.id               1 
_space_group.name_H-M_alt     'P 41 21 2' 
_space_group.name_Hall        'P 4abw 2nw' 
_space_group.IT_number        92 
_space_group.crystal_system   tetragonal 
# 
_atom_sites.entry_id                    7Q3B 
_atom_sites.Cartn_transf_matrix[1][1]   ? 
_atom_sites.Cartn_transf_matrix[1][2]   ? 
_atom_sites.Cartn_transf_matrix[1][3]   ? 
_atom_sites.Cartn_transf_matrix[2][1]   ? 
_atom_sites.Cartn_transf_matrix[2][2]   ? 
_atom_sites.Cartn_transf_matrix[2][3]   ? 
_atom_sites.Cartn_transf_matrix[3][1]   ? 
_atom_sites.Cartn_transf_matrix[3][2]   ? 
_atom_sites.Cartn_transf_matrix[3][3]   ? 
_atom_sites.Cartn_transf_vector[1]      ? 
_atom_sites.Cartn_transf_vector[2]      ? 
_atom_sites.Cartn_transf_vector[3]      ? 
_atom_sites.fract_transf_matrix[1][1]   -0.00748806 
_atom_sites.fract_transf_matrix[1][2]   0.00455337 
_atom_sites.fract_transf_matrix[1][3]   0.00218055 
_atom_sites.fract_transf_matrix[2][1]   0.00167026 
_atom_sites.fract_transf_matrix[2][2]   0.00591532 
_atom_sites.fract_transf_matrix[2][3]   -0.00661651 
_atom_sites.fract_transf_matrix[3][1]   -0.01475808 
_atom_sites.fract_transf_matrix[3][2]   -0.01574479 
_atom_sites.fract_transf_matrix[3][3]   -0.01780172 
_atom_sites.fract_transf_vector[1]      -0.098733 
_atom_sites.fract_transf_vector[2]      0.264860 
_atom_sites.fract_transf_vector[3]      -0.236462 
_atom_sites.solution_primary            ? 
_atom_sites.solution_secondary          ? 
_atom_sites.solution_hydrogens          ? 
_atom_sites.special_details             ? 
# 
loop_
_atom_type.symbol 
_atom_type.scat_dispersion_real 
_atom_type.scat_dispersion_imag 
_atom_type.scat_Cromer_Mann_a1 
_atom_type.scat_Cromer_Mann_a2 
_atom_type.scat_Cromer_Mann_b1 
_atom_type.scat_Cromer_Mann_b2 
_atom_type.scat_Cromer_Mann_c 
_atom_type.scat_source 
_atom_type.scat_dispersion_source 
C ? ? 3.54356 2.42580 25.62398 1.50364  0.0 
;2-Gaussian fit: Grosse-Kunstleve RW, Sauter NK, Adams PD: Newsletter of the IUCr Commission on Crystallographic Computing 2004, 3, 22-31.
;
? 
F ? ? 8.95735 ?       7.27484  ?        0.0 
;1-Gaussian fit: Grosse-Kunstleve RW, Sauter NK, Adams PD: Newsletter of the IUCr Commission on Crystallographic Computing 2004, 3, 22-31.
;
? 
N ? ? 4.01032 2.96436 19.97189 1.75589  0.0 
;2-Gaussian fit: Grosse-Kunstleve RW, Sauter NK, Adams PD: Newsletter of the IUCr Commission on Crystallographic Computing 2004, 3, 22-31.
;
? 
O ? ? 4.49882 3.47563 15.80542 1.70748  0.0 
;2-Gaussian fit: Grosse-Kunstleve RW, Sauter NK, Adams PD: Newsletter of the IUCr Commission on Crystallographic Computing 2004, 3, 22-31.
;
? 
P ? ? 9.51135 5.44231 1.42069  35.72801 0.0 
;2-Gaussian fit: Grosse-Kunstleve RW, Sauter NK, Adams PD: Newsletter of the IUCr Commission on Crystallographic Computing 2004, 3, 22-31.
;
? 
S ? ? 9.55732 6.39887 1.23737  29.19336 0.0 
;2-Gaussian fit: Grosse-Kunstleve RW, Sauter NK, Adams PD: Newsletter of the IUCr Commission on Crystallographic Computing 2004, 3, 22-31.
;
? 
# 
loop_
_atom_site.group_PDB 
_atom_site.id 
_atom_site.type_symbol 
_atom_site.label_atom_id 
_atom_site.label_alt_id 
_atom_site.label_comp_id 
_atom_site.label_asym_id 
_atom_site.label_entity_id 
_atom_site.label_seq_id 
_atom_site.pdbx_PDB_ins_code 
_atom_site.Cartn_x 
_atom_site.Cartn_y 
_atom_site.Cartn_z 
_atom_site.occupancy 
_atom_site.B_iso_or_equiv 
_atom_site.pdbx_formal_charge 
_atom_site.auth_seq_id 
_atom_site.auth_comp_id 
_atom_site.auth_asym_id 
_atom_site.auth_atom_id 
_atom_site.pdbx_PDB_model_num 
ATOM   1    N N   . ASN A 1 15  ? 19.19355  -4.06256  -9.09355  1.000 40.47559  ? 154 ASN A N   1 
ATOM   2    C CA  . ASN A 1 15  ? 17.78979  -4.41801  -9.24975  1.000 35.58556  ? 154 ASN A CA  1 
ATOM   3    C C   . ASN A 1 15  ? 17.24919  -5.26511  -8.09480  1.000 39.40049  ? 154 ASN A C   1 
ATOM   4    O O   . ASN A 1 15  ? 16.57058  -6.27060  -8.33381  1.000 45.44838  ? 154 ASN A O   1 
ATOM   5    C CB  . ASN A 1 15  ? 17.58920  -5.16662  -10.55384 1.000 40.27787  ? 154 ASN A CB  1 
ATOM   6    N N   . VAL A 1 16  ? 17.54812  -4.86947  -6.85077  1.000 36.90709  ? 155 VAL A N   1 
ATOM   7    C CA  . VAL A 1 16  ? 16.98410  -5.52952  -5.65325  1.000 29.39116  ? 155 VAL A CA  1 
ATOM   8    C C   . VAL A 1 16  ? 15.46129  -5.30978  -5.58461  1.000 31.05971  ? 155 VAL A C   1 
ATOM   9    O O   . VAL A 1 16  ? 14.70903  -6.11364  -5.02316  1.000 27.06330  ? 155 VAL A O   1 
ATOM   10   C CB  . VAL A 1 16  ? 17.65672  -5.00054  -4.34037  1.000 28.77029  ? 155 VAL A CB  1 
ATOM   11   C CG1 . VAL A 1 16  ? 17.75110  -3.49236  -4.36177  1.000 38.65167  ? 155 VAL A CG1 1 
ATOM   12   C CG2 . VAL A 1 16  ? 16.90434  -5.44015  -3.07795  1.000 29.11730  ? 155 VAL A CG2 1 
ATOM   13   N N   . ALA A 1 17  ? 15.01289  -4.21197  -6.18226  1.000 31.31130  ? 156 ALA A N   1 
ATOM   14   C CA  . ALA A 1 17  ? 13.59653  -3.87213  -6.20595  1.000 29.77956  ? 156 ALA A CA  1 
ATOM   15   C C   . ALA A 1 17  ? 12.75756  -4.93032  -6.92701  1.000 28.12365  ? 156 ALA A C   1 
ATOM   16   O O   . ALA A 1 17  ? 11.59664  -5.16011  -6.57380  1.000 25.70180  ? 156 ALA A O   1 
ATOM   17   C CB  . ALA A 1 17  ? 13.41291  -2.53017  -6.85562  1.000 30.35904  ? 156 ALA A CB  1 
ATOM   18   N N   . HIS A 1 18  ? 13.35374  -5.56404  -7.93408  1.000 31.86535  ? 157 HIS A N   1 
ATOM   19   C CA  . HIS A 1 18  ? 12.67104  -6.57283  -8.74351  1.000 26.36082  ? 157 HIS A CA  1 
ATOM   20   C C   . HIS A 1 18  ? 12.20928  -7.75859  -7.90283  1.000 26.62871  ? 157 HIS A C   1 
ATOM   21   O O   . HIS A 1 18  ? 11.09538  -8.24901  -8.05739  1.000 25.67507  ? 157 HIS A O   1 
ATOM   22   C CB  . HIS A 1 18  ? 13.59699  -7.06380  -9.85637  1.000 27.68139  ? 157 HIS A CB  1 
ATOM   23   C CG  . HIS A 1 18  ? 13.04605  -8.21164  -10.63948 1.000 30.68216  ? 157 HIS A CG  1 
ATOM   24   N ND1 . HIS A 1 18  ? 12.13766  -8.04790  -11.66556 1.000 30.61096  ? 157 HIS A ND1 1 
ATOM   25   C CD2 . HIS A 1 18  ? 13.27691  -9.54433  -10.55105 1.000 29.75964  ? 157 HIS A CD2 1 
ATOM   26   C CE1 . HIS A 1 18  ? 11.83300  -9.23018  -12.17295 1.000 32.99873  ? 157 HIS A CE1 1 
ATOM   27   N NE2 . HIS A 1 18  ? 12.51285  -10.15480 -11.51491 1.000 32.02450  ? 157 HIS A NE2 1 
ATOM   28   N N   . GLY A 1 19  ? 13.08486  -8.21375  -7.01453  1.000 25.39308  ? 158 GLY A N   1 
ATOM   29   C CA  . GLY A 1 19  ? 12.81188  -9.36788  -6.18390  1.000 21.89803  ? 158 GLY A CA  1 
ATOM   30   C C   . GLY A 1 19  ? 11.80624  -9.03968  -5.11246  1.000 23.62783  ? 158 GLY A C   1 
ATOM   31   O O   . GLY A 1 19  ? 11.01090  -9.88760  -4.71047  1.000 25.58923  ? 158 GLY A O   1 
ATOM   32   N N   . LEU A 1 20  ? 11.84671  -7.80230  -4.63751  1.000 24.48252  ? 159 LEU A N   1 
ATOM   33   C CA  . LEU A 1 20  ? 10.91322  -7.35565  -3.61121  1.000 26.37043  ? 159 LEU A CA  1 
ATOM   34   C C   . LEU A 1 20  ? 9.50546   -7.20990  -4.17752  1.000 28.85114  ? 159 LEU A C   1 
ATOM   35   O O   . LEU A 1 20  ? 8.52358   -7.52555  -3.50235  1.000 25.03653  ? 159 LEU A O   1 
ATOM   36   C CB  . LEU A 1 20  ? 11.37502  -6.02591  -3.00466  1.000 27.06945  ? 159 LEU A CB  1 
ATOM   37   C CG  . LEU A 1 20  ? 12.65101  -6.06421  -2.15854  1.000 31.15953  ? 159 LEU A CG  1 
ATOM   38   C CD1 . LEU A 1 20  ? 12.94903  -4.69208  -1.55270  1.000 33.08812  ? 159 LEU A CD1 1 
ATOM   39   C CD2 . LEU A 1 20  ? 12.51158  -7.09486  -1.07325  1.000 27.12047  ? 159 LEU A CD2 1 
ATOM   40   N N   . ALA A 1 21  ? 9.40740   -6.73474  -5.41537  1.000 25.56001  ? 160 ALA A N   1 
ATOM   41   C CA  . ALA A 1 21  ? 8.10894   -6.56491  -6.04174  1.000 22.76771  ? 160 ALA A CA  1 
ATOM   42   C C   . ALA A 1 21  ? 7.43591   -7.92500  -6.21691  1.000 25.25268  ? 160 ALA A C   1 
ATOM   43   O O   . ALA A 1 21  ? 6.23759   -8.07273  -5.98541  1.000 22.49626  ? 160 ALA A O   1 
ATOM   44   C CB  . ALA A 1 21  ? 8.25699   -5.86509  -7.36331  1.000 25.18521  ? 160 ALA A CB  1 
ATOM   45   N N   . TRP A 1 22  ? 8.22252   -8.91652  -6.62224  1.000 23.12894  ? 161 TRP A N   1 
ATOM   46   C CA  . TRP A 1 22  ? 7.73525   -10.28630 -6.76054  1.000 22.31837  ? 161 TRP A CA  1 
ATOM   47   C C   . TRP A 1 22  ? 7.42913   -10.92920 -5.40070  1.000 24.46027  ? 161 TRP A C   1 
ATOM   48   O O   . TRP A 1 22  ? 6.51871   -11.74267 -5.27950  1.000 24.78868  ? 161 TRP A O   1 
ATOM   49   C CB  . TRP A 1 22  ? 8.75676   -11.12843 -7.53673  1.000 25.38706  ? 161 TRP A CB  1 
ATOM   50   C CG  . TRP A 1 22  ? 8.58310   -10.97898 -9.00843  1.000 26.75016  ? 161 TRP A CG  1 
ATOM   51   C CD1 . TRP A 1 22  ? 9.29234   -10.16973 -9.84071  1.000 26.68751  ? 161 TRP A CD1 1 
ATOM   52   C CD2 . TRP A 1 22  ? 7.60579   -11.63779 -9.82502  1.000 27.63205  ? 161 TRP A CD2 1 
ATOM   53   N NE1 . TRP A 1 22  ? 8.82405   -10.28547 -11.12431 1.000 27.81248  ? 161 TRP A NE1 1 
ATOM   54   C CE2 . TRP A 1 22  ? 7.78737   -11.17959 -11.13984 1.000 24.94873  ? 161 TRP A CE2 1 
ATOM   55   C CE3 . TRP A 1 22  ? 6.59509   -12.57063 -9.56697  1.000 30.30635  ? 161 TRP A CE3 1 
ATOM   56   C CZ2 . TRP A 1 22  ? 7.00503   -11.62761 -12.19921 1.000 31.71309  ? 161 TRP A CZ2 1 
ATOM   57   C CZ3 . TRP A 1 22  ? 5.81406   -13.00985 -10.61950 1.000 30.50237  ? 161 TRP A CZ3 1 
ATOM   58   C CH2 . TRP A 1 22  ? 6.02322   -12.53707 -11.91979 1.000 31.43065  ? 161 TRP A CH2 1 
ATOM   59   N N   . SER A 1 23  ? 8.19641   -10.55871 -4.38441  1.000 27.71441  ? 162 SER A N   1 
ATOM   60   C CA  . SER A 1 23  ? 7.93927   -10.97651 -3.00340  1.000 22.76901  ? 162 SER A CA  1 
ATOM   61   C C   . SER A 1 23  ? 6.61336   -10.41728 -2.51194  1.000 25.95794  ? 162 SER A C   1 
ATOM   62   O O   . SER A 1 23  ? 5.80025   -11.10508 -1.86755  1.000 22.21642  ? 162 SER A O   1 
ATOM   63   C CB  . SER A 1 23  ? 9.06921   -10.49293 -2.10021  1.000 23.27621  ? 162 SER A CB  1 
ATOM   64   O OG  . SER A 1 23  ? 8.79040   -10.75486 -0.74638  1.000 32.14456  ? 162 SER A OG  1 
ATOM   65   N N   . TYR A 1 24  ? 6.42084   -9.14345  -2.82211  1.000 22.56099  ? 163 TYR A N   1 
ATOM   66   C CA  . TYR A 1 24  ? 5.21281   -8.43689  -2.46126  1.000 22.13692  ? 163 TYR A CA  1 
ATOM   67   C C   . TYR A 1 24  ? 4.01373   -9.10922  -3.11662  1.000 24.02761  ? 163 TYR A C   1 
ATOM   68   O O   . TYR A 1 24  ? 2.96434   -9.25274  -2.49843  1.000 24.75762  ? 163 TYR A O   1 
ATOM   69   C CB  . TYR A 1 24  ? 5.32396   -6.96637  -2.87654  1.000 22.39412  ? 163 TYR A CB  1 
ATOM   70   C CG  . TYR A 1 24  ? 4.26239   -6.05047  -2.32568  1.000 23.68119  ? 163 TYR A CG  1 
ATOM   71   C CD1 . TYR A 1 24  ? 4.02517   -5.97061  -0.96290  1.000 26.73356  ? 163 TYR A CD1 1 
ATOM   72   C CD2 . TYR A 1 24  ? 3.52478   -5.23219  -3.16708  1.000 27.78077  ? 163 TYR A CD2 1 
ATOM   73   C CE1 . TYR A 1 24  ? 3.05810   -5.11640  -0.45153  1.000 25.98268  ? 163 TYR A CE1 1 
ATOM   74   C CE2 . TYR A 1 24  ? 2.55914   -4.37329  -2.66890  1.000 26.63349  ? 163 TYR A CE2 1 
ATOM   75   C CZ  . TYR A 1 24  ? 2.33048   -4.31756  -1.30915  1.000 29.28093  ? 163 TYR A CZ  1 
ATOM   76   O OH  . TYR A 1 24  ? 1.37017   -3.46911  -0.79986  1.000 29.22159  ? 163 TYR A OH  1 
ATOM   77   N N   . TYR A 1 25  ? 4.16130   -9.53025  -4.36890  1.000 23.85821  ? 164 TYR A N   1 
ATOM   78   C CA  . TYR A 1 25  ? 3.03718   -10.15491 -5.06100  1.000 26.36364  ? 164 TYR A CA  1 
ATOM   79   C C   . TYR A 1 25  ? 2.83321   -11.59884 -4.60170  1.000 26.57993  ? 164 TYR A C   1 
ATOM   80   O O   . TYR A 1 25  ? 1.71622   -11.99610 -4.26564  1.000 27.47745  ? 164 TYR A O   1 
ATOM   81   C CB  . TYR A 1 25  ? 3.23571   -10.10530 -6.57850  1.000 23.34975  ? 164 TYR A CB  1 
ATOM   82   C CG  . TYR A 1 25  ? 2.30190   -11.01616 -7.33237  1.000 28.96339  ? 164 TYR A CG  1 
ATOM   83   C CD1 . TYR A 1 25  ? 0.93505   -10.74666 -7.41190  1.000 28.94261  ? 164 TYR A CD1 1 
ATOM   84   C CD2 . TYR A 1 25  ? 2.78535   -12.15159 -7.96882  1.000 27.32205  ? 164 TYR A CD2 1 
ATOM   85   C CE1 . TYR A 1 25  ? 0.07851   -11.59414 -8.11145  1.000 27.76096  ? 164 TYR A CE1 1 
ATOM   86   C CE2 . TYR A 1 25  ? 1.94309   -12.99770 -8.65944  1.000 26.40374  ? 164 TYR A CE2 1 
ATOM   87   C CZ  . TYR A 1 25  ? 0.59272   -12.72219 -8.72808  1.000 30.99772  ? 164 TYR A CZ  1 
ATOM   88   O OH  . TYR A 1 25  ? -0.22205  -13.58666 -9.42681  1.000 32.39616  ? 164 TYR A OH  1 
ATOM   89   N N   . ILE A 1 26  ? 3.91353   -12.37167 -4.55448  1.000 21.09964  ? 165 ILE A N   1 
ATOM   90   C CA  . ILE A 1 26  ? 3.81590   -13.79042 -4.24647  1.000 24.09409  ? 165 ILE A CA  1 
ATOM   91   C C   . ILE A 1 26  ? 3.41772   -14.01358 -2.78711  1.000 26.24772  ? 165 ILE A C   1 
ATOM   92   O O   . ILE A 1 26  ? 2.50860   -14.78995 -2.49866  1.000 30.61998  ? 165 ILE A O   1 
ATOM   93   C CB  . ILE A 1 26  ? 5.15168   -14.51605 -4.54708  1.000 26.54714  ? 165 ILE A CB  1 
ATOM   94   C CG1 . ILE A 1 26  ? 5.30814   -14.71962 -6.05722  1.000 21.81738  ? 165 ILE A CG1 1 
ATOM   95   C CG2 . ILE A 1 26  ? 5.21681   -15.86738 -3.83333  1.000 22.76962  ? 165 ILE A CG2 1 
ATOM   96   C CD1 . ILE A 1 26  ? 6.75688   -14.87460 -6.49888  1.000 28.59700  ? 165 ILE A CD1 1 
ATOM   97   N N   . GLY A 1 27  ? 4.08107   -13.31282 -1.87305  1.000 24.67177  ? 166 GLY A N   1 
ATOM   98   C CA  . GLY A 1 27  ? 3.86663   -13.52595 -0.45389  1.000 24.50080  ? 166 GLY A CA  1 
ATOM   99   C C   . GLY A 1 27  ? 2.68114   -12.79449 0.16012   1.000 27.94193  ? 166 GLY A C   1 
ATOM   100  O O   . GLY A 1 27  ? 2.35060   -13.04475 1.32023   1.000 29.03800  ? 166 GLY A O   1 
ATOM   101  N N   . TYR A 1 28  ? 2.08900   -11.84802 -0.56953  1.000 23.01290  ? 167 TYR A N   1 
ATOM   102  C CA  . TYR A 1 28  ? 0.99759   -11.04133 -0.02147  1.000 21.51105  ? 167 TYR A CA  1 
ATOM   103  C C   . TYR A 1 28  ? -0.21440  -10.85829 -0.94179  1.000 26.70574  ? 167 TYR A C   1 
ATOM   104  O O   . TYR A 1 28  ? -1.27803  -11.41652 -0.69932  1.000 30.11119  ? 167 TYR A O   1 
ATOM   105  C CB  . TYR A 1 28  ? 1.56258   -9.66920  0.37877   1.000 24.00785  ? 167 TYR A CB  1 
ATOM   106  C CG  . TYR A 1 28  ? 0.62543   -8.77757  1.15909   1.000 27.17716  ? 167 TYR A CG  1 
ATOM   107  C CD1 . TYR A 1 28  ? 0.06628   -9.20180  2.35301   1.000 24.45781  ? 167 TYR A CD1 1 
ATOM   108  C CD2 . TYR A 1 28  ? 0.32956   -7.49824  0.71446   1.000 24.14694  ? 167 TYR A CD2 1 
ATOM   109  C CE1 . TYR A 1 28  ? -0.77122  -8.39281  3.06412   1.000 24.49932  ? 167 TYR A CE1 1 
ATOM   110  C CE2 . TYR A 1 28  ? -0.50878  -6.67677  1.42151   1.000 23.30676  ? 167 TYR A CE2 1 
ATOM   111  C CZ  . TYR A 1 28  ? -1.05639  -7.12480  2.59705   1.000 26.88668  ? 167 TYR A CZ  1 
ATOM   112  O OH  . TYR A 1 28  ? -1.89835  -6.30025  3.30594   1.000 25.16435  ? 167 TYR A OH  1 
ATOM   113  N N   . LEU A 1 29  ? -0.03380  -10.08694 -2.01102  1.000 26.26899  ? 168 LEU A N   1 
ATOM   114  C CA  . LEU A 1 29  ? -1.14174  -9.66624  -2.86321  1.000 24.95923  ? 168 LEU A CA  1 
ATOM   115  C C   . LEU A 1 29  ? -1.89616  -10.82899 -3.50217  1.000 26.08027  ? 168 LEU A C   1 
ATOM   116  O O   . LEU A 1 29  ? -3.12223  -10.80395 -3.58591  1.000 32.19403  ? 168 LEU A O   1 
ATOM   117  C CB  . LEU A 1 29  ? -0.63392  -8.72132  -3.95809  1.000 24.47931  ? 168 LEU A CB  1 
ATOM   118  C CG  . LEU A 1 29  ? -0.11822  -7.35882  -3.48334  1.000 29.06336  ? 168 LEU A CG  1 
ATOM   119  C CD1 . LEU A 1 29  ? 0.17981   -6.46228  -4.67580  1.000 31.00171  ? 168 LEU A CD1 1 
ATOM   120  C CD2 . LEU A 1 29  ? -1.10685  -6.66150  -2.54032  1.000 22.77040  ? 168 LEU A CD2 1 
ATOM   121  N N   . ARG A 1 30  ? -1.19058  -11.85188 -3.95873  1.000 29.20926  ? 169 ARG A N   1 
ATOM   122  C CA  . ARG A 1 30  ? -1.88159  -12.93540 -4.63233  1.000 29.11211  ? 169 ARG A CA  1 
ATOM   123  C C   . ARG A 1 30  ? -2.63158  -13.76137 -3.60689  1.000 30.24052  ? 169 ARG A C   1 
ATOM   124  O O   . ARG A 1 30  ? -3.58494  -14.45009 -3.93916  1.000 37.00073  ? 169 ARG A O   1 
ATOM   125  C CB  . ARG A 1 30  ? -0.91153  -13.79768 -5.43133  1.000 26.19666  ? 169 ARG A CB  1 
ATOM   126  C CG  . ARG A 1 30  ? -0.05348  -14.71604 -4.62170  1.000 33.38384  ? 169 ARG A CG  1 
ATOM   127  C CD  . ARG A 1 30  ? 0.68343   -15.64650 -5.53642  1.000 33.41929  ? 169 ARG A CD  1 
ATOM   128  N NE  . ARG A 1 30  ? 1.41734   -16.65637 -4.78808  1.000 38.21732  ? 169 ARG A NE  1 
ATOM   129  C CZ  . ARG A 1 30  ? 1.98248   -17.72130 -5.34089  1.000 33.20248  ? 169 ARG A CZ  1 
ATOM   130  N NH1 . ARG A 1 30  ? 1.90092   -17.91769 -6.65219  1.000 31.34180  ? 169 ARG A NH1 1 
ATOM   131  N NH2 . ARG A 1 30  ? 2.62833   -18.58568 -4.57751  1.000 30.69832  ? 169 ARG A NH2 1 
ATOM   132  N N   . LEU A 1 31  ? -2.19184  -13.71207 -2.35715  1.000 27.07802  ? 170 LEU A N   1 
ATOM   133  C CA  . LEU A 1 31  ? -2.92890  -14.38301 -1.30041  1.000 30.76204  ? 170 LEU A CA  1 
ATOM   134  C C   . LEU A 1 31  ? -4.16581  -13.59278 -0.83246  1.000 33.57627  ? 170 LEU A C   1 
ATOM   135  O O   . LEU A 1 31  ? -5.25439  -14.15627 -0.70609  1.000 37.76474  ? 170 LEU A O   1 
ATOM   136  C CB  . LEU A 1 31  ? -2.00503  -14.65746 -0.10596  1.000 31.24083  ? 170 LEU A CB  1 
ATOM   137  C CG  . LEU A 1 31  ? -0.64540  -15.28085 -0.44290  1.000 38.01591  ? 170 LEU A CG  1 
ATOM   138  C CD1 . LEU A 1 31  ? 0.11455   -15.56487 0.82990   1.000 33.09639  ? 170 LEU A CD1 1 
ATOM   139  C CD2 . LEU A 1 31  ? -0.79174  -16.56049 -1.25944  1.000 38.69271  ? 170 LEU A CD2 1 
ATOM   140  N N   . ILE A 1 32  ? -4.00334  -12.30356 -0.54379  1.000 27.65247  ? 171 ILE A N   1 
ATOM   141  C CA  . ILE A 1 32  ? -5.09692  -11.55379 0.07840   1.000 29.84950  ? 171 ILE A CA  1 
ATOM   142  C C   . ILE A 1 32  ? -6.14779  -10.99354 -0.88167  1.000 29.91356  ? 171 ILE A C   1 
ATOM   143  O O   . ILE A 1 32  ? -7.30261  -10.86061 -0.50702  1.000 32.86904  ? 171 ILE A O   1 
ATOM   144  C CB  . ILE A 1 32  ? -4.56948  -10.39501 0.96089   1.000 27.42239  ? 171 ILE A CB  1 
ATOM   145  C CG1 . ILE A 1 32  ? -3.87798  -9.31161  0.14128   1.000 23.12351  ? 171 ILE A CG1 1 
ATOM   146  C CG2 . ILE A 1 32  ? -3.63840  -10.93949 2.04404   1.000 20.20487  ? 171 ILE A CG2 1 
ATOM   147  C CD1 . ILE A 1 32  ? -3.88828  -7.97682  0.85975   1.000 22.53330  ? 171 ILE A CD1 1 
ATOM   148  N N   . LEU A 1 33  ? -5.75998  -10.63929 -2.09951  1.000 31.94720  ? 172 LEU A N   1 
ATOM   149  C CA  . LEU A 1 33  ? -6.68839  -9.97369  -3.01228  1.000 30.68057  ? 172 LEU A CA  1 
ATOM   150  C C   . LEU A 1 33  ? -7.86739  -10.85350 -3.42221  1.000 35.33707  ? 172 LEU A C   1 
ATOM   151  O O   . LEU A 1 33  ? -8.99458  -10.37044 -3.49328  1.000 39.40196  ? 172 LEU A O   1 
ATOM   152  C CB  . LEU A 1 33  ? -5.95891  -9.49285  -4.26546  1.000 31.41396  ? 172 LEU A CB  1 
ATOM   153  C CG  . LEU A 1 33  ? -5.02351  -8.29869  -4.06048  1.000 33.19026  ? 172 LEU A CG  1 
ATOM   154  C CD1 . LEU A 1 33  ? -4.42321  -7.87829  -5.38256  1.000 33.25795  ? 172 LEU A CD1 1 
ATOM   155  C CD2 . LEU A 1 33  ? -5.73590  -7.12453  -3.41307  1.000 29.38903  ? 172 LEU A CD2 1 
ATOM   156  N N   . PRO A 1 34  ? -7.62133  -12.14426 -3.70876  1.000 38.15155  ? 173 PRO A N   1 
ATOM   157  C CA  . PRO A 1 34  ? -8.78576  -12.96726 -4.05057  1.000 39.24435  ? 173 PRO A CA  1 
ATOM   158  C C   . PRO A 1 34  ? -9.84774  -13.03508 -2.94203  1.000 37.03064  ? 173 PRO A C   1 
ATOM   159  O O   . PRO A 1 34  ? -11.00888 -13.24735 -3.25157  1.000 42.00392  ? 173 PRO A O   1 
ATOM   160  C CB  . PRO A 1 34  ? -8.17353  -14.35570 -4.31700  1.000 27.30224  ? 173 PRO A CB  1 
ATOM   161  C CG  . PRO A 1 34  ? -6.76302  -14.26105 -4.02373  1.000 33.75833  ? 173 PRO A CG  1 
ATOM   162  C CD  . PRO A 1 34  ? -6.36564  -12.83599 -4.02795  1.000 32.87126  ? 173 PRO A CD  1 
ATOM   163  N N   . GLU A 1 35  ? -9.44809  -12.85766 -1.68750  1.000 35.36005  ? 174 GLU A N   1 
ATOM   164  C CA  . GLU A 1 35  ? -10.36266 -12.92657 -0.55091  1.000 30.34821  ? 174 GLU A CA  1 
ATOM   165  C C   . GLU A 1 35  ? -10.87404 -11.55311 -0.12227  1.000 39.01960  ? 174 GLU A C   1 
ATOM   166  O O   . GLU A 1 35  ? -11.65645 -11.44454 0.82008   1.000 36.74930  ? 174 GLU A O   1 
ATOM   167  C CB  . GLU A 1 35  ? -9.67164  -13.58998 0.64786   1.000 36.88915  ? 174 GLU A CB  1 
ATOM   168  C CG  . GLU A 1 35  ? -9.37135  -15.07270 0.48455   1.000 43.30599  ? 174 GLU A CG  1 
ATOM   169  C CD  . GLU A 1 35  ? -10.60447 -15.88474 0.13657   1.000 52.29634  ? 174 GLU A CD  1 
ATOM   170  O OE1 . GLU A 1 35  ? -11.70998 -15.52103 0.59623   1.000 53.36890  ? 174 GLU A OE1 1 
ATOM   171  O OE2 . GLU A 1 35  ? -10.46849 -16.88128 -0.60811  1.000 63.76129  ? 174 GLU A OE2 1 
ATOM   172  N N   . LEU A 1 36  ? -10.43066 -10.50066 -0.80151  1.000 37.15975  ? 175 LEU A N   1 
ATOM   173  C CA  . LEU A 1 36  ? -10.59731 -9.15503  -0.26160  1.000 36.45449  ? 175 LEU A CA  1 
ATOM   174  C C   . LEU A 1 36  ? -12.03304 -8.63358  -0.37486  1.000 39.87649  ? 175 LEU A C   1 
ATOM   175  O O   . LEU A 1 36  ? -12.53485 -8.00924  0.55756   1.000 40.19655  ? 175 LEU A O   1 
ATOM   176  C CB  . LEU A 1 36  ? -9.64361  -8.18061  -0.95547  1.000 32.90996  ? 175 LEU A CB  1 
ATOM   177  C CG  . LEU A 1 36  ? -9.67105  -6.77639  -0.35806  1.000 34.40568  ? 175 LEU A CG  1 
ATOM   178  C CD1 . LEU A 1 36  ? -8.99545  -6.79532  1.01580   1.000 29.44083  ? 175 LEU A CD1 1 
ATOM   179  C CD2 . LEU A 1 36  ? -9.02419  -5.78750  -1.31165  1.000 28.95225  ? 175 LEU A CD2 1 
ATOM   180  N N   . GLN A 1 37  ? -12.68220 -8.87399  -1.50983  1.000 39.47506  ? 176 GLN A N   1 
ATOM   181  C CA  . GLN A 1 37  ? -14.04972 -8.40449  -1.70282  1.000 42.91869  ? 176 GLN A CA  1 
ATOM   182  C C   . GLN A 1 37  ? -14.94582 -9.06178  -0.67403  1.000 41.34754  ? 176 GLN A C   1 
ATOM   183  O O   . GLN A 1 37  ? -15.81454 -8.42023  -0.08910  1.000 45.14319  ? 176 GLN A O   1 
ATOM   184  C CB  . GLN A 1 37  ? -14.54662 -8.70105  -3.11708  1.000 49.33345  ? 176 GLN A CB  1 
ATOM   185  C CG  . GLN A 1 37  ? -13.99374 -7.73484  -4.15971  1.000 62.19901  ? 176 GLN A CG  1 
ATOM   186  C CD  . GLN A 1 37  ? -14.27919 -8.16943  -5.57847  1.000 75.78171  ? 176 GLN A CD  1 
ATOM   187  O OE1 . GLN A 1 37  ? -14.82051 -9.25050  -5.80945  1.000 84.71828  ? 176 GLN A OE1 1 
ATOM   188  N NE2 . GLN A 1 37  ? -13.91361 -7.32712  -6.54166  1.000 70.96771  ? 176 GLN A NE2 1 
ATOM   189  N N   . ALA A 1 38  ? -14.69821 -10.34151 -0.43575  1.000 41.70608  ? 177 ALA A N   1 
ATOM   190  C CA  . ALA A 1 38  ? -15.45148 -11.10516 0.54356   1.000 37.21607  ? 177 ALA A CA  1 
ATOM   191  C C   . ALA A 1 38  ? -15.32607 -10.51126 1.94152   1.000 42.02797  ? 177 ALA A C   1 
ATOM   192  O O   . ALA A 1 38  ? -16.28603 -10.50663 2.70654   1.000 45.96257  ? 177 ALA A O   1 
ATOM   193  C CB  . ALA A 1 38  ? -14.98645 -12.53729 0.54624   1.000 35.87351  ? 177 ALA A CB  1 
ATOM   194  N N   . ARG A 1 39  ? -14.14166 -10.01260 2.27548   1.000 39.95660  ? 178 ARG A N   1 
ATOM   195  C CA  . ARG A 1 39  ? -13.90537 -9.45941  3.60496   1.000 39.48475  ? 178 ARG A CA  1 
ATOM   196  C C   . ARG A 1 39  ? -14.55475 -8.08930  3.72825   1.000 42.68013  ? 178 ARG A C   1 
ATOM   197  O O   . ARG A 1 39  ? -15.05541 -7.72482  4.78898   1.000 41.20883  ? 178 ARG A O   1 
ATOM   198  C CB  . ARG A 1 39  ? -12.40107 -9.36710  3.89798   1.000 36.83873  ? 178 ARG A CB  1 
ATOM   199  C CG  . ARG A 1 39  ? -11.73022 -10.72473 4.09157   1.000 36.65606  ? 178 ARG A CG  1 
ATOM   200  C CD  . ARG A 1 39  ? -10.20758 -10.63417 4.02049   1.000 31.41440  ? 178 ARG A CD  1 
ATOM   201  N NE  . ARG A 1 39  ? -9.64796  -9.92507  5.16560   1.000 29.94590  ? 178 ARG A NE  1 
ATOM   202  C CZ  . ARG A 1 39  ? -8.62655  -9.07559  5.10598   1.000 30.55110  ? 178 ARG A CZ  1 
ATOM   203  N NH1 . ARG A 1 39  ? -8.03348  -8.80756  3.95295   1.000 27.94766  ? 178 ARG A NH1 1 
ATOM   204  N NH2 . ARG A 1 39  ? -8.19126  -8.48488  6.21214   1.000 29.55266  ? 178 ARG A NH2 1 
ATOM   205  N N   . ILE A 1 40  ? -14.54114 -7.33303  2.63478   1.000 39.92060  ? 179 ILE A N   1 
ATOM   206  C CA  . ILE A 1 40  ? -15.14206 -6.00886  2.61867   1.000 42.74548  ? 179 ILE A CA  1 
ATOM   207  C C   . ILE A 1 40  ? -16.66256 -6.12492  2.66339   1.000 47.12124  ? 179 ILE A C   1 
ATOM   208  O O   . ILE A 1 40  ? -17.33785 -5.32521  3.30479   1.000 46.16685  ? 179 ILE A O   1 
ATOM   209  C CB  . ILE A 1 40  ? -14.71967 -5.20696  1.36753   1.000 40.22081  ? 179 ILE A CB  1 
ATOM   210  C CG1 . ILE A 1 40  ? -13.22664 -4.89178  1.42564   1.000 38.93172  ? 179 ILE A CG1 1 
ATOM   211  C CG2 . ILE A 1 40  ? -15.51469 -3.91904  1.27411   1.000 42.20399  ? 179 ILE A CG2 1 
ATOM   212  C CD1 . ILE A 1 40  ? -12.70592 -4.22617  0.19624   1.000 38.30018  ? 179 ILE A CD1 1 
ATOM   213  N N   . ARG A 1 41  ? -17.19551 -7.11587  1.96231   1.000 48.68251  ? 180 ARG A N   1 
ATOM   214  C CA  . ARG A 1 41  ? -18.62698 -7.37600  1.97578   1.000 49.41419  ? 180 ARG A CA  1 
ATOM   215  C C   . ARG A 1 41  ? -19.07266 -7.73053  3.38486   1.000 51.64273  ? 180 ARG A C   1 
ATOM   216  O O   . ARG A 1 41  ? -20.16300 -7.36328  3.81467   1.000 58.79256  ? 180 ARG A O   1 
ATOM   217  C CB  . ARG A 1 41  ? -18.97584 -8.50137  0.99899   1.000 50.23631  ? 180 ARG A CB  1 
ATOM   218  C CG  . ARG A 1 41  ? -20.33732 -9.14398  1.23142   1.000 56.39296  ? 180 ARG A CG  1 
ATOM   219  C CD  . ARG A 1 41  ? -20.66504 -10.17300 0.15502   1.000 62.65188  ? 180 ARG A CD  1 
ATOM   220  N NE  . ARG A 1 41  ? -19.61635 -11.17908 -0.01155  1.000 60.59192  ? 180 ARG A NE  1 
ATOM   221  C CZ  . ARG A 1 41  ? -19.36750 -12.16028 0.85427   1.000 62.59320  ? 180 ARG A CZ  1 
ATOM   222  N NH1 . ARG A 1 41  ? -20.07784 -12.27299 1.97186   1.000 63.42954  ? 180 ARG A NH1 1 
ATOM   223  N NH2 . ARG A 1 41  ? -18.39680 -13.02947 0.60614   1.000 59.10873  ? 180 ARG A NH2 1 
ATOM   224  N N   . THR A 1 42  ? -18.21768 -8.44305  4.10612   1.000 49.10030  ? 181 THR A N   1 
ATOM   225  C CA  . THR A 1 42  ? -18.54126 -8.87711  5.45445   1.000 47.66922  ? 181 THR A CA  1 
ATOM   226  C C   . THR A 1 42  ? -18.50792 -7.71315  6.44341   1.000 49.90318  ? 181 THR A C   1 
ATOM   227  O O   . THR A 1 42  ? -19.14556 -7.76321  7.48932   1.000 60.30812  ? 181 THR A O   1 
ATOM   228  C CB  . THR A 1 42  ? -17.57149 -9.96922  5.92128   1.000 45.44029  ? 181 THR A CB  1 
ATOM   229  O OG1 . THR A 1 42  ? -17.69859 -11.11368 5.06666   1.000 51.15345  ? 181 THR A OG1 1 
ATOM   230  C CG2 . THR A 1 42  ? -17.86051 -10.37086 7.35372   1.000 34.19972  ? 181 THR A CG2 1 
ATOM   231  N N   . TYR A 1 43  ? -17.73104 -6.68474  6.13124   1.000 48.00078  ? 182 TYR A N   1 
ATOM   232  C CA  . TYR A 1 43  ? -17.68835 -5.49297  6.96999   1.000 50.93109  ? 182 TYR A CA  1 
ATOM   233  C C   . TYR A 1 43  ? -18.87408 -4.56177  6.68151   1.000 55.14217  ? 182 TYR A C   1 
ATOM   234  O O   . TYR A 1 43  ? -19.48025 -4.01510  7.60414   1.000 56.93056  ? 182 TYR A O   1 
ATOM   235  C CB  . TYR A 1 43  ? -16.36246 -4.74686  6.77608   1.000 40.27492  ? 182 TYR A CB  1 
ATOM   236  C CG  . TYR A 1 43  ? -16.20939 -3.55978  7.69719   1.000 36.98062  ? 182 TYR A CG  1 
ATOM   237  C CD1 . TYR A 1 43  ? -15.81772 -3.73754  9.01161   1.000 33.93104  ? 182 TYR A CD1 1 
ATOM   238  C CD2 . TYR A 1 43  ? -16.46605 -2.26462  7.25476   1.000 38.95101  ? 182 TYR A CD2 1 
ATOM   239  C CE1 . TYR A 1 43  ? -15.68632 -2.66369  9.86697   1.000 38.94457  ? 182 TYR A CE1 1 
ATOM   240  C CE2 . TYR A 1 43  ? -16.33183 -1.17998  8.10138   1.000 32.67965  ? 182 TYR A CE2 1 
ATOM   241  C CZ  . TYR A 1 43  ? -15.94363 -1.38682  9.40667   1.000 38.85868  ? 182 TYR A CZ  1 
ATOM   242  O OH  . TYR A 1 43  ? -15.80766 -0.31828  10.25980  1.000 39.14638  ? 182 TYR A OH  1 
ATOM   243  N N   . ASN A 1 44  ? -19.19766 -4.39185  5.39773   1.000 53.96463  ? 183 ASN A N   1 
ATOM   244  C CA  . ASN A 1 44  ? -20.25553 -3.47576  4.97105   1.000 53.94463  ? 183 ASN A CA  1 
ATOM   245  C C   . ASN A 1 44  ? -21.63575 -3.92416  5.45427   1.000 62.84478  ? 183 ASN A C   1 
ATOM   246  O O   . ASN A 1 44  ? -22.34402 -3.17548  6.13044   1.000 71.46748  ? 183 ASN A O   1 
ATOM   247  C CB  . ASN A 1 44  ? -20.25784 -3.34888  3.44327   1.000 52.48076  ? 183 ASN A CB  1 
ATOM   248  C CG  . ASN A 1 44  ? -19.16597 -2.42170  2.92493   1.000 56.85741  ? 183 ASN A CG  1 
ATOM   249  O OD1 . ASN A 1 44  ? -18.66060 -1.55961  3.65125   1.000 53.63023  ? 183 ASN A OD1 1 
ATOM   250  N ND2 . ASN A 1 44  ? -18.81321 -2.58287  1.64828   1.000 47.79231  ? 183 ASN A ND2 1 
ATOM   251  N N   . GLN A 1 45  ? -22.01058 -5.14949  5.09814   1.000 60.31306  ? 184 GLN A N   1 
ATOM   252  C CA  . GLN A 1 45  ? -23.11818 -5.82943  5.75028   1.000 59.87505  ? 184 GLN A CA  1 
ATOM   253  C C   . GLN A 1 45  ? -22.54305 -6.25282  7.08114   1.000 61.37593  ? 184 GLN A C   1 
ATOM   254  O O   . GLN A 1 45  ? -21.35436 -6.51694  7.14645   1.000 69.51223  ? 184 GLN A O   1 
ATOM   255  C CB  . GLN A 1 45  ? -23.60114 -7.04722  4.94911   1.000 63.57269  ? 184 GLN A CB  1 
ATOM   256  C CG  . GLN A 1 45  ? -23.64103 -6.86151  3.43031   1.000 62.53958  ? 184 GLN A CG  1 
ATOM   257  C CD  . GLN A 1 45  ? -23.70870 -8.17777  2.67051   1.000 70.37948  ? 184 GLN A CD  1 
ATOM   258  O OE1 . GLN A 1 45  ? -23.68171 -9.25776  3.26233   1.000 74.84845  ? 184 GLN A OE1 1 
ATOM   259  N NE2 . GLN A 1 45  ? -23.79265 -8.09116  1.34818   1.000 68.07580  ? 184 GLN A NE2 1 
ATOM   260  N N   . HIS A 1 46  ? -23.33711 -6.29967  8.14231   1.000 66.74949  ? 185 HIS A N   1 
ATOM   261  C CA  . HIS A 1 46  ? -22.85675 -6.88585  9.39242   1.000 80.82090  ? 185 HIS A CA  1 
ATOM   262  C C   . HIS A 1 46  ? -21.65252 -6.11344  9.93928   1.000 68.55212  ? 185 HIS A C   1 
ATOM   263  O O   . HIS A 1 46  ? -21.32666 -6.18996  11.12286  1.000 70.96216  ? 185 HIS A O   1 
ATOM   264  C CB  . HIS A 1 46  ? -22.50304 -8.36838  9.15952   1.000 81.62626  ? 185 HIS A CB  1 
ATOM   265  C CG  . HIS A 1 46  ? -21.93363 -9.06086  10.35755  1.000 90.47321  ? 185 HIS A CG  1 
ATOM   266  N ND1 . HIS A 1 46  ? -22.41743 -8.86496  11.63353  1.000 98.86036  ? 185 HIS A ND1 1 
ATOM   267  C CD2 . HIS A 1 46  ? -20.92702 -9.95695  10.47116  1.000 93.57713  ? 185 HIS A CD2 1 
ATOM   268  C CE1 . HIS A 1 46  ? -21.72943 -9.60765  12.48221  1.000 101.48462 ? 185 HIS A CE1 1 
ATOM   269  N NE2 . HIS A 1 46  ? -20.81764 -10.27948 11.80191  1.000 106.21378 ? 185 HIS A NE2 1 
ATOM   270  N N   . ALA A 1 54  ? -19.59243 2.77954   3.89395   1.000 89.69216  ? 193 ALA A N   1 
ATOM   271  C CA  . ALA A 1 54  ? -19.57114 2.50373   2.46390   1.000 75.05408  ? 193 ALA A CA  1 
ATOM   272  C C   . ALA A 1 54  ? -18.13536 2.36661   1.96533   1.000 73.40141  ? 193 ALA A C   1 
ATOM   273  O O   . ALA A 1 54  ? -17.65033 3.19444   1.19406   1.000 72.74216  ? 193 ALA A O   1 
ATOM   274  C CB  . ALA A 1 54  ? -20.29711 3.59996   1.70332   1.000 77.09051  ? 193 ALA A CB  1 
ATOM   275  N N   . VAL A 1 55  ? -17.46777 1.30682   2.41207   1.000 67.91568  ? 194 VAL A N   1 
ATOM   276  C CA  . VAL A 1 55  ? -16.07265 1.05095   2.06324   1.000 57.16656  ? 194 VAL A CA  1 
ATOM   277  C C   . VAL A 1 55  ? -15.92055 0.66157   0.59062   1.000 54.61071  ? 194 VAL A C   1 
ATOM   278  O O   . VAL A 1 55  ? -16.68268 -0.16746  0.08563   1.000 62.23371  ? 194 VAL A O   1 
ATOM   279  C CB  . VAL A 1 55  ? -15.48592 -0.06952  2.95127   1.000 47.67082  ? 194 VAL A CB  1 
ATOM   280  C CG1 . VAL A 1 55  ? -14.00569 -0.23877  2.69726   1.000 53.35902  ? 194 VAL A CG1 1 
ATOM   281  C CG2 . VAL A 1 55  ? -15.72090 0.23684   4.41201   1.000 46.54419  ? 194 VAL A CG2 1 
ATOM   282  N N   . SER A 1 56  ? -14.94131 1.25718   -0.09425  1.000 45.72360  ? 195 SER A N   1 
ATOM   283  C CA  . SER A 1 56  ? -14.67998 0.92782   -1.49521  1.000 44.36610  ? 195 SER A CA  1 
ATOM   284  C C   . SER A 1 56  ? -14.10111 -0.48312  -1.63867  1.000 44.35022  ? 195 SER A C   1 
ATOM   285  O O   . SER A 1 56  ? -13.57148 -1.04949  -0.68735  1.000 42.91793  ? 195 SER A O   1 
ATOM   286  C CB  . SER A 1 56  ? -13.73896 1.93790   -2.13311  1.000 44.42485  ? 195 SER A CB  1 
ATOM   287  O OG  . SER A 1 56  ? -13.52953 1.62133   -3.50707  1.000 54.61077  ? 195 SER A OG  1 
ATOM   288  N N   . GLN A 1 57  ? -14.21445 -1.03578  -2.84110  1.000 43.58193  ? 196 GLN A N   1 
ATOM   289  C CA  . GLN A 1 57  ? -13.95290 -2.44835  -3.08933  1.000 49.59854  ? 196 GLN A CA  1 
ATOM   290  C C   . GLN A 1 57  ? -12.50088 -2.75456  -3.45652  1.000 50.29585  ? 196 GLN A C   1 
ATOM   291  O O   . GLN A 1 57  ? -12.15970 -3.91008  -3.72782  1.000 53.95892  ? 196 GLN A O   1 
ATOM   292  C CB  . GLN A 1 57  ? -14.86365 -2.94813  -4.21648  1.000 49.23576  ? 196 GLN A CB  1 
ATOM   293  C CG  . GLN A 1 57  ? -16.35153 -2.82474  -3.93443  1.000 52.02841  ? 196 GLN A CG  1 
ATOM   294  C CD  . GLN A 1 57  ? -16.83415 -3.79699  -2.87400  1.000 66.04472  ? 196 GLN A CD  1 
ATOM   295  O OE1 . GLN A 1 57  ? -16.15841 -4.78172  -2.56010  1.000 65.55099  ? 196 GLN A OE1 1 
ATOM   296  N NE2 . GLN A 1 57  ? -18.01335 -3.52779  -2.31679  1.000 62.69561  ? 196 GLN A NE2 1 
ATOM   297  N N   . ARG A 1 58  ? -11.65515 -1.72989  -3.48303  1.000 44.09315  ? 197 ARG A N   1 
ATOM   298  C CA  . ARG A 1 58  ? -10.25022 -1.91033  -3.84385  1.000 40.01550  ? 197 ARG A CA  1 
ATOM   299  C C   . ARG A 1 58  ? -9.32002  -1.73928  -2.63852  1.000 35.84591  ? 197 ARG A C   1 
ATOM   300  O O   . ARG A 1 58  ? -9.58645  -0.94758  -1.73182  1.000 34.63353  ? 197 ARG A O   1 
ATOM   301  C CB  . ARG A 1 58  ? -9.86032  -0.92602  -4.94966  1.000 39.90355  ? 197 ARG A CB  1 
ATOM   302  C CG  . ARG A 1 58  ? -10.48086 -1.22549  -6.31856  1.000 50.29046  ? 197 ARG A CG  1 
ATOM   303  C CD  . ARG A 1 58  ? -10.23113 -0.09116  -7.31199  1.000 56.11700  ? 197 ARG A CD  1 
ATOM   304  N NE  . ARG A 1 58  ? -10.65965 -0.42285  -8.67487  1.000 62.15618  ? 197 ARG A NE  1 
ATOM   305  C CZ  . ARG A 1 58  ? -9.84788  -0.69383  -9.69905  1.000 60.82453  ? 197 ARG A CZ  1 
ATOM   306  N NH1 . ARG A 1 58  ? -8.52444  -0.68908  -9.56681  1.000 47.99426  ? 197 ARG A NH1 1 
ATOM   307  N NH2 . ARG A 1 58  ? -10.37196 -0.97272  -10.88325 1.000 65.64670  ? 197 ARG A NH2 1 
ATOM   308  N N   . LEU A 1 59  ? -8.24144  -2.51361  -2.62311  1.000 28.83827  ? 198 LEU A N   1 
ATOM   309  C CA  . LEU A 1 59  ? -7.11059  -2.24458  -1.73678  1.000 27.36447  ? 198 LEU A CA  1 
ATOM   310  C C   . LEU A 1 59  ? -6.23563  -1.14817  -2.34284  1.000 32.47388  ? 198 LEU A C   1 
ATOM   311  O O   . LEU A 1 59  ? -5.73770  -1.29478  -3.46199  1.000 30.15536  ? 198 LEU A O   1 
ATOM   312  C CB  . LEU A 1 59  ? -6.28744  -3.51457  -1.50966  1.000 28.10977  ? 198 LEU A CB  1 
ATOM   313  C CG  . LEU A 1 59  ? -4.93213  -3.34602  -0.81483  1.000 29.37270  ? 198 LEU A CG  1 
ATOM   314  C CD1 . LEU A 1 59  ? -5.12248  -2.91806  0.62394   1.000 25.88922  ? 198 LEU A CD1 1 
ATOM   315  C CD2 . LEU A 1 59  ? -4.13681  -4.64117  -0.88340  1.000 26.93737  ? 198 LEU A CD2 1 
ATOM   316  N N   . TYR A 1 60  ? -6.05168  -0.05585  -1.60238  1.000 31.05618  ? 199 TYR A N   1 
ATOM   317  C CA  . TYR A 1 60  ? -5.24008  1.06374   -2.07269  1.000 29.17907  ? 199 TYR A CA  1 
ATOM   318  C C   . TYR A 1 60  ? -3.86156  1.04728   -1.43776  1.000 30.17552  ? 199 TYR A C   1 
ATOM   319  O O   . TYR A 1 60  ? -3.71131  1.10775   -0.21562  1.000 26.90593  ? 199 TYR A O   1 
ATOM   320  C CB  . TYR A 1 60  ? -5.94677  2.39200   -1.80201  1.000 29.96630  ? 199 TYR A CB  1 
ATOM   321  C CG  . TYR A 1 60  ? -7.13866  2.57753   -2.70820  1.000 36.57643  ? 199 TYR A CG  1 
ATOM   322  C CD1 . TYR A 1 60  ? -8.35169  1.96920   -2.41856  1.000 37.39403  ? 199 TYR A CD1 1 
ATOM   323  C CD2 . TYR A 1 60  ? -7.04253  3.32337   -3.87342  1.000 36.44286  ? 199 TYR A CD2 1 
ATOM   324  C CE1 . TYR A 1 60  ? -9.43836  2.11916   -3.24537  1.000 41.21513  ? 199 TYR A CE1 1 
ATOM   325  C CE2 . TYR A 1 60  ? -8.12947  3.47763   -4.71009  1.000 41.87264  ? 199 TYR A CE2 1 
ATOM   326  C CZ  . TYR A 1 60  ? -9.32183  2.87108   -4.39045  1.000 39.12924  ? 199 TYR A CZ  1 
ATOM   327  O OH  . TYR A 1 60  ? -10.41348 3.01209   -5.21150  1.000 53.07436  ? 199 TYR A OH  1 
ATOM   328  N N   . ILE A 1 61  ? -2.85722  0.96116   -2.30265  1.000 28.86617  ? 200 ILE A N   1 
ATOM   329  C CA  . ILE A 1 61  ? -1.47176  0.80776   -1.88395  1.000 25.26870  ? 200 ILE A CA  1 
ATOM   330  C C   . ILE A 1 61  ? -0.67167  2.07693   -2.14700  1.000 28.05007  ? 200 ILE A C   1 
ATOM   331  O O   . ILE A 1 61  ? -0.51033  2.50136   -3.29101  1.000 25.24239  ? 200 ILE A O   1 
ATOM   332  C CB  . ILE A 1 61  ? -0.81921  -0.36935  -2.60643  1.000 25.52774  ? 200 ILE A CB  1 
ATOM   333  C CG1 . ILE A 1 61  ? -1.59076  -1.65506  -2.28955  1.000 25.62472  ? 200 ILE A CG1 1 
ATOM   334  C CG2 . ILE A 1 61  ? 0.65012   -0.48677  -2.20264  1.000 27.95430  ? 200 ILE A CG2 1 
ATOM   335  C CD1 . ILE A 1 61  ? -1.21407  -2.80971  -3.14894  1.000 26.57604  ? 200 ILE A CD1 1 
ATOM   336  N N   . LEU A 1 62  ? -0.19017  2.68526   -1.06801  1.000 25.72363  ? 201 LEU A N   1 
ATOM   337  C CA  . LEU A 1 62  ? 0.63603   3.87117   -1.16278  1.000 23.74707  ? 201 LEU A CA  1 
ATOM   338  C C   . LEU A 1 62  ? 2.06518   3.49795   -1.47690  1.000 25.14789  ? 201 LEU A C   1 
ATOM   339  O O   . LEU A 1 62  ? 2.63472   2.59068   -0.86532  1.000 27.80895  ? 201 LEU A O   1 
ATOM   340  C CB  . LEU A 1 62  ? 0.58252   4.67414   0.13260   1.000 27.41148  ? 201 LEU A CB  1 
ATOM   341  C CG  . LEU A 1 62  ? -0.79209  5.24604   0.45522   1.000 27.60262  ? 201 LEU A CG  1 
ATOM   342  C CD1 . LEU A 1 62  ? -0.73465  5.93455   1.79912   1.000 32.29219  ? 201 LEU A CD1 1 
ATOM   343  C CD2 . LEU A 1 62  ? -1.26533  6.20577   -0.63931  1.000 28.95926  ? 201 LEU A CD2 1 
ATOM   344  N N   . LEU A 1 63  ? 2.62868   4.20769   -2.44449  1.000 22.20817  ? 202 LEU A N   1 
ATOM   345  C CA  . LEU A 1 63  ? 3.97201   3.95165   -2.92939  1.000 23.82875  ? 202 LEU A CA  1 
ATOM   346  C C   . LEU A 1 63  ? 4.77403   5.23886   -2.99156  1.000 26.48860  ? 202 LEU A C   1 
ATOM   347  O O   . LEU A 1 63  ? 5.06077   5.74136   -4.07917  1.000 27.85524  ? 202 LEU A O   1 
ATOM   348  C CB  . LEU A 1 63  ? 3.92031   3.30922   -4.31254  1.000 29.11815  ? 202 LEU A CB  1 
ATOM   349  C CG  . LEU A 1 63  ? 3.32166   1.90619   -4.40768  1.000 28.14232  ? 202 LEU A CG  1 
ATOM   350  C CD1 . LEU A 1 63  ? 2.72513   1.65848   -5.78568  1.000 36.83100  ? 202 LEU A CD1 1 
ATOM   351  C CD2 . LEU A 1 63  ? 4.40023   0.88834   -4.12816  1.000 30.77278  ? 202 LEU A CD2 1 
ATOM   352  N N   . PRO A 1 64  ? 5.12195   5.79283   -1.82291  1.000 22.72037  ? 203 PRO A N   1 
ATOM   353  C CA  . PRO A 1 64  ? 5.99819   6.95613   -1.82288  1.000 23.38829  ? 203 PRO A CA  1 
ATOM   354  C C   . PRO A 1 64  ? 7.35545   6.60057   -2.40417  1.000 30.24830  ? 203 PRO A C   1 
ATOM   355  O O   . PRO A 1 64  ? 7.98638   5.65557   -1.92956  1.000 28.00877  ? 203 PRO A O   1 
ATOM   356  C CB  . PRO A 1 64  ? 6.10347   7.30985   -0.34037  1.000 23.29022  ? 203 PRO A CB  1 
ATOM   357  C CG  . PRO A 1 64  ? 5.88783   6.06245   0.34765   1.000 24.81658  ? 203 PRO A CG  1 
ATOM   358  C CD  . PRO A 1 64  ? 4.90697   5.27948   -0.46620  1.000 24.15585  ? 203 PRO A CD  1 
ATOM   359  N N   . LEU A 1 65  ? 7.81486   7.38149   -3.37671  1.000 32.33033  ? 204 LEU A N   1 
ATOM   360  C CA  . LEU A 1 65  ? 9.04842   7.07350   -4.08454  1.000 29.81118  ? 204 LEU A CA  1 
ATOM   361  C C   . LEU A 1 65  ? 10.29865  7.53343   -3.32772  1.000 28.73627  ? 204 LEU A C   1 
ATOM   362  O O   . LEU A 1 65  ? 11.40697  7.15782   -3.69904  1.000 33.28216  ? 204 LEU A O   1 
ATOM   363  C CB  . LEU A 1 65  ? 9.01966   7.69918   -5.48153  1.000 34.17119  ? 204 LEU A CB  1 
ATOM   364  C CG  . LEU A 1 65  ? 7.95546   7.15741   -6.44747  1.000 34.63280  ? 204 LEU A CG  1 
ATOM   365  C CD1 . LEU A 1 65  ? 8.09742   7.83223   -7.78745  1.000 32.48148  ? 204 LEU A CD1 1 
ATOM   366  C CD2 . LEU A 1 65  ? 8.05225   5.64024   -6.62060  1.000 28.13349  ? 204 LEU A CD2 1 
ATOM   367  N N   . ASP A 1 66  ? 10.13457  8.32187   -2.26570  1.000 29.19039  ? 205 ASP A N   1 
ATOM   368  C CA  . ASP A 1 66  ? 11.27356  8.64606   -1.40034  1.000 31.53955  ? 205 ASP A CA  1 
ATOM   369  C C   . ASP A 1 66  ? 11.50544  7.52511   -0.39213  1.000 34.17706  ? 205 ASP A C   1 
ATOM   370  O O   . ASP A 1 66  ? 12.43375  7.57868   0.41423   1.000 39.48547  ? 205 ASP A O   1 
ATOM   371  C CB  . ASP A 1 66  ? 11.06943  9.98396   -0.67479  1.000 29.39629  ? 205 ASP A CB  1 
ATOM   372  C CG  . ASP A 1 66  ? 9.78282   10.03945  0.13377   1.000 41.68599  ? 205 ASP A CG  1 
ATOM   373  O OD1 . ASP A 1 66  ? 9.32975   8.99640   0.65245   1.000 39.04621  ? 205 ASP A OD1 1 
ATOM   374  O OD2 . ASP A 1 66  ? 9.22376   11.15074  0.25866   1.000 52.16471  ? 205 ASP A OD2 1 
ATOM   375  N N   . CYS A 1 67  ? 10.63343  6.52342   -0.44589  1.000 34.61653  ? 206 CYS A N   1 
ATOM   376  C CA  . CYS A 1 67  ? 10.65735  5.36797   0.44622   1.000 32.16044  ? 206 CYS A CA  1 
ATOM   377  C C   . CYS A 1 67  ? 10.55499  5.74189   1.91485   1.000 33.13657  ? 206 CYS A C   1 
ATOM   378  O O   . CYS A 1 67  ? 10.93603  4.93656   2.76381   1.000 34.17966  ? 206 CYS A O   1 
ATOM   379  C CB  . CYS A 1 67  ? 11.94273  4.55975   0.26516   1.000 26.85078  ? 206 CYS A CB  1 
ATOM   380  S SG  . CYS A 1 67  ? 12.29066  3.97543   -1.38282  1.000 33.42738  ? 206 CYS A SG  1 
ATOM   381  N N   . GLY A 1 68  ? 10.07787  6.94514   2.24092   1.000 33.56053  ? 207 GLY A N   1 
ATOM   382  C CA  . GLY A 1 68  ? 9.63523   7.18507   3.59942   1.000 30.67035  ? 207 GLY A CA  1 
ATOM   383  C C   . GLY A 1 68  ? 8.33109   6.45975   3.79148   1.000 36.03372  ? 207 GLY A C   1 
ATOM   384  O O   . GLY A 1 68  ? 7.33636   6.83735   3.16956   1.000 37.39885  ? 207 GLY A O   1 
ATOM   385  N N   . VAL A 1 69  ? 8.29517   5.48435   4.69024   1.000 32.58120  ? 208 VAL A N   1 
ATOM   386  C CA  . VAL A 1 69  ? 7.03547   4.86782   5.06039   1.000 29.68782  ? 208 VAL A CA  1 
ATOM   387  C C   . VAL A 1 69  ? 6.77841   5.03089   6.54988   1.000 34.42278  ? 208 VAL A C   1 
ATOM   388  O O   . VAL A 1 69  ? 7.38955   4.33743   7.35902   1.000 34.96535  ? 208 VAL A O   1 
ATOM   389  C CB  . VAL A 1 69  ? 7.01529   3.38518   4.66611   1.000 27.45529  ? 208 VAL A CB  1 
ATOM   390  C CG1 . VAL A 1 69  ? 5.74991   2.71139   5.15290   1.000 25.48399  ? 208 VAL A CG1 1 
ATOM   391  C CG2 . VAL A 1 69  ? 7.14438   3.24897   3.16151   1.000 20.90422  ? 208 VAL A CG2 1 
ATOM   392  N N   . PRO A 1 70  ? 5.83756   5.91008   6.91686   1.000 34.92599  ? 209 PRO A N   1 
ATOM   393  C CA  . PRO A 1 70  ? 5.37980   5.96245   8.30449   1.000 30.03521  ? 209 PRO A CA  1 
ATOM   394  C C   . PRO A 1 70  ? 4.68459   4.66033   8.69832   1.000 31.50015  ? 209 PRO A C   1 
ATOM   395  O O   . PRO A 1 70  ? 4.12646   3.98572   7.83419   1.000 31.07163  ? 209 PRO A O   1 
ATOM   396  C CB  . PRO A 1 70  ? 4.40691   7.13886   8.30943   1.000 29.20052  ? 209 PRO A CB  1 
ATOM   397  C CG  . PRO A 1 70  ? 4.82215   7.97591   7.13842   1.000 33.62426  ? 209 PRO A CG  1 
ATOM   398  C CD  . PRO A 1 70  ? 5.29901   7.02070   6.11545   1.000 30.35759  ? 209 PRO A CD  1 
ATOM   399  N N   . ASP A 1 71  ? 4.78609   4.27751   9.96636   1.000 29.17385  ? 210 ASP A N   1 
ATOM   400  C CA  . ASP A 1 71  ? 4.01640   3.15837   10.49268  1.000 30.97286  ? 210 ASP A CA  1 
ATOM   401  C C   . ASP A 1 71  ? 2.60255   3.61539   10.85829  1.000 35.14888  ? 210 ASP A C   1 
ATOM   402  O O   . ASP A 1 71  ? 1.64645   2.84394   10.76803  1.000 31.63961  ? 210 ASP A O   1 
ATOM   403  C CB  . ASP A 1 71  ? 4.72971   2.53294   11.69281  1.000 25.28916  ? 210 ASP A CB  1 
ATOM   404  C CG  . ASP A 1 71  ? 5.90072   1.63879   11.28184  1.000 33.79008  ? 210 ASP A CG  1 
ATOM   405  O OD1 . ASP A 1 71  ? 5.86647   1.05700   10.17161  1.000 33.46894  ? 210 ASP A OD1 1 
ATOM   406  O OD2 . ASP A 1 71  ? 6.85980   1.51461   12.07219  1.000 41.08853  ? 210 ASP A OD2 1 
ATOM   407  N N   . ASN A 1 72  ? 2.48205   4.87666   11.26483  1.000 39.47070  ? 211 ASN A N   1 
ATOM   408  C CA  . ASN A 1 72  ? 1.17931   5.46437   11.56103  1.000 43.19917  ? 211 ASN A CA  1 
ATOM   409  C C   . ASN A 1 72  ? 0.74901   6.37032   10.41561  1.000 41.20339  ? 211 ASN A C   1 
ATOM   410  O O   . ASN A 1 72  ? 1.27789   7.46426   10.22909  1.000 45.52983  ? 211 ASN A O   1 
ATOM   411  C CB  . ASN A 1 72  ? 1.22087   6.24845   12.87444  1.000 42.32671  ? 211 ASN A CB  1 
ATOM   412  C CG  . ASN A 1 72  ? -0.16023  6.63650   13.36819  1.000 47.07087  ? 211 ASN A CG  1 
ATOM   413  O OD1 . ASN A 1 72  ? -1.00890  7.08287   12.59893  1.000 52.21983  ? 211 ASN A OD1 1 
ATOM   414  N ND2 . ASN A 1 72  ? -0.39031  6.47085   14.65933  1.000 54.81579  ? 211 ASN A ND2 1 
ATOM   415  N N   . LEU A 1 73  ? -0.24528  5.91612   9.67256   1.000 34.39962  ? 212 LEU A N   1 
ATOM   416  C CA  . LEU A 1 73  ? -0.68373  6.61025   8.47766   1.000 37.40004  ? 212 LEU A CA  1 
ATOM   417  C C   . LEU A 1 73  ? -1.39812  7.91449   8.83412   1.000 40.31946  ? 212 LEU A C   1 
ATOM   418  O O   . LEU A 1 73  ? -1.30604  8.91099   8.10899   1.000 37.46162  ? 212 LEU A O   1 
ATOM   419  C CB  . LEU A 1 73  ? -1.58970  5.67756   7.67445   1.000 35.94941  ? 212 LEU A CB  1 
ATOM   420  C CG  . LEU A 1 73  ? -2.17668  6.09708   6.33168   1.000 30.07149  ? 212 LEU A CG  1 
ATOM   421  C CD1 . LEU A 1 73  ? -1.16923  6.78336   5.47566   1.000 28.82688  ? 212 LEU A CD1 1 
ATOM   422  C CD2 . LEU A 1 73  ? -2.68801  4.84630   5.63034   1.000 28.28182  ? 212 LEU A CD2 1 
ATOM   423  N N   . SER A 1 74  ? -2.09371  7.90194   9.96718   1.000 40.29467  ? 213 SER A N   1 
ATOM   424  C CA  . SER A 1 74  ? -2.82656  9.07261   10.43979  1.000 43.11527  ? 213 SER A CA  1 
ATOM   425  C C   . SER A 1 74  ? -1.89199  10.23048  10.79228  1.000 51.72274  ? 213 SER A C   1 
ATOM   426  O O   . SER A 1 74  ? -2.32032  11.37927  10.83219  1.000 56.53126  ? 213 SER A O   1 
ATOM   427  C CB  . SER A 1 74  ? -3.67810  8.70695   11.65457  1.000 48.74536  ? 213 SER A CB  1 
ATOM   428  O OG  . SER A 1 74  ? -4.49360  7.56615   11.40199  1.000 44.24598  ? 213 SER A OG  1 
ATOM   429  N N   . MET A 1 75  ? -0.62713  9.92630   11.07031  1.000 54.21778  ? 214 MET A N   1 
ATOM   430  C CA  . MET A 1 75  ? 0.36596   10.96422  11.33579  1.000 50.82708  ? 214 MET A CA  1 
ATOM   431  C C   . MET A 1 75  ? 0.94554   11.56530  10.05810  1.000 52.68035  ? 214 MET A C   1 
ATOM   432  O O   . MET A 1 75  ? 1.47442   12.67343  10.08217  1.000 66.03012  ? 214 MET A O   1 
ATOM   433  C CB  . MET A 1 75  ? 1.49700   10.40897  12.20455  1.000 54.08854  ? 214 MET A CB  1 
ATOM   434  C CG  . MET A 1 75  ? 1.04058   10.02871  13.61385  1.000 72.65404  ? 214 MET A CG  1 
ATOM   435  S SD  . MET A 1 75  ? 2.38881   9.54772   14.71303  1.000 97.84642  ? 214 MET A SD  1 
ATOM   436  C CE  . MET A 1 75  ? 1.48633   9.04634   16.18125  1.000 77.84373  ? 214 MET A CE  1 
ATOM   437  N N   . ALA A 1 76  ? 0.83964   10.84465  8.94622   1.000 51.89969  ? 215 ALA A N   1 
ATOM   438  C CA  . ALA A 1 76  ? 1.34112   11.33045  7.65766   1.000 46.87597  ? 215 ALA A CA  1 
ATOM   439  C C   . ALA A 1 76  ? 0.43636   12.42345  7.10157   1.000 53.25949  ? 215 ALA A C   1 
ATOM   440  O O   . ALA A 1 76  ? 0.90101   13.38522  6.48175   1.000 50.53273  ? 215 ALA A O   1 
ATOM   441  C CB  . ALA A 1 76  ? 1.44432   10.19157  6.66689   1.000 44.38629  ? 215 ALA A CB  1 
ATOM   442  N N   . ASP A 1 77  ? -0.86706  12.22376  7.25873   1.000 53.22500  ? 216 ASP A N   1 
ATOM   443  C CA  . ASP A 1 77  ? -1.83846  13.27527  7.00360   1.000 50.17319  ? 216 ASP A CA  1 
ATOM   444  C C   . ASP A 1 77  ? -2.90392  13.19585  8.09543   1.000 46.35210  ? 216 ASP A C   1 
ATOM   445  O O   . ASP A 1 77  ? -3.36947  12.10927  8.41780   1.000 49.03829  ? 216 ASP A O   1 
ATOM   446  C CB  . ASP A 1 77  ? -2.43682  13.08920  5.60245   1.000 43.47353  ? 216 ASP A CB  1 
ATOM   447  C CG  . ASP A 1 77  ? -3.30619  14.24792  5.16319   1.000 40.92456  ? 216 ASP A CG  1 
ATOM   448  O OD1 . ASP A 1 77  ? -4.02192  14.82090  6.00252   1.000 47.17691  ? 216 ASP A OD1 1 
ATOM   449  O OD2 . ASP A 1 77  ? -3.29203  14.57392  3.95953   1.000 39.36246  ? 216 ASP A OD2 1 
ATOM   450  N N   . PRO A 1 78  ? -3.33108  14.34043  8.64098   1.000 45.25587  ? 217 PRO A N   1 
ATOM   451  C CA  . PRO A 1 78  ? -4.42924  14.26318  9.61185   1.000 53.62481  ? 217 PRO A CA  1 
ATOM   452  C C   . PRO A 1 78  ? -5.77608  13.94511  8.96838   1.000 48.56033  ? 217 PRO A C   1 
ATOM   453  O O   . PRO A 1 78  ? -6.63270  13.33563  9.60629   1.000 51.38572  ? 217 PRO A O   1 
ATOM   454  C CB  . PRO A 1 78  ? -4.44454  15.66103  10.23939  1.000 49.00094  ? 217 PRO A CB  1 
ATOM   455  C CG  . PRO A 1 78  ? -3.09153  16.20686  9.97699   1.000 48.75122  ? 217 PRO A CG  1 
ATOM   456  C CD  . PRO A 1 78  ? -2.68979  15.66341  8.65212   1.000 40.65564  ? 217 PRO A CD  1 
ATOM   457  N N   . ASN A 1 79  ? -5.95124  14.36093  7.71807   1.000 38.09093  ? 218 ASN A N   1 
ATOM   458  C CA  . ASN A 1 79  ? -7.16704  14.08112  6.98084   1.000 35.75952  ? 218 ASN A CA  1 
ATOM   459  C C   . ASN A 1 79  ? -7.36750  12.59836  6.68426   1.000 39.02587  ? 218 ASN A C   1 
ATOM   460  O O   . ASN A 1 79  ? -8.44390  12.18642  6.26264   1.000 38.63631  ? 218 ASN A O   1 
ATOM   461  C CB  . ASN A 1 79  ? -7.16910  14.85869  5.67724   1.000 40.09504  ? 218 ASN A CB  1 
ATOM   462  C CG  . ASN A 1 79  ? -7.30463  16.35102  5.89346   1.000 42.01909  ? 218 ASN A CG  1 
ATOM   463  O OD1 . ASN A 1 79  ? -7.92688  16.79956  6.85806   1.000 39.03523  ? 218 ASN A OD1 1 
ATOM   464  N ND2 . ASN A 1 79  ? -6.71585  17.13033  4.99581   1.000 44.06253  ? 218 ASN A ND2 1 
ATOM   465  N N   . ILE A 1 80  ? -6.32682  11.80246  6.88375   1.000 38.54615  ? 219 ILE A N   1 
ATOM   466  C CA  . ILE A 1 80  ? -6.45157  10.36077  6.79451   1.000 37.33689  ? 219 ILE A CA  1 
ATOM   467  C C   . ILE A 1 80  ? -6.67334  9.84317   8.20305   1.000 37.50372  ? 219 ILE A C   1 
ATOM   468  O O   . ILE A 1 80  ? -5.80793  9.96024   9.06668   1.000 42.71118  ? 219 ILE A O   1 
ATOM   469  C CB  . ILE A 1 80  ? -5.20878  9.71130   6.15634   1.000 39.31570  ? 219 ILE A CB  1 
ATOM   470  C CG1 . ILE A 1 80  ? -4.93622  10.34715  4.79128   1.000 34.00237  ? 219 ILE A CG1 1 
ATOM   471  C CG2 . ILE A 1 80  ? -5.40997  8.20574   6.01254   1.000 28.73026  ? 219 ILE A CG2 1 
ATOM   472  C CD1 . ILE A 1 80  ? -3.66452  9.85831   4.10336   1.000 30.87746  ? 219 ILE A CD1 1 
ATOM   473  N N   . ARG A 1 81  ? -7.84454  9.27027   8.42981   1.000 31.24763  ? 220 ARG A N   1 
ATOM   474  C CA  . ARG A 1 81  ? -8.25954  8.92315   9.77546   1.000 32.69955  ? 220 ARG A CA  1 
ATOM   475  C C   . ARG A 1 81  ? -8.63648  7.45835   9.87488   1.000 31.34911  ? 220 ARG A C   1 
ATOM   476  O O   . ARG A 1 81  ? -9.52993  6.99287   9.17450   1.000 32.90336  ? 220 ARG A O   1 
ATOM   477  C CB  . ARG A 1 81  ? -9.42799  9.79886   10.20062  1.000 37.47863  ? 220 ARG A CB  1 
ATOM   478  C CG  . ARG A 1 81  ? -9.72704  9.72536   11.67958  1.000 44.96847  ? 220 ARG A CG  1 
ATOM   479  C CD  . ARG A 1 81  ? -10.85621 10.66424  12.04145  1.000 43.91116  ? 220 ARG A CD  1 
ATOM   480  N NE  . ARG A 1 81  ? -12.03529 10.40559  11.22049  1.000 52.09101  ? 220 ARG A NE  1 
ATOM   481  C CZ  . ARG A 1 81  ? -13.07418 11.22368  11.13819  1.000 44.56224  ? 220 ARG A CZ  1 
ATOM   482  N NH1 . ARG A 1 81  ? -13.07443 12.35218  11.82491  1.000 43.01037  ? 220 ARG A NH1 1 
ATOM   483  N NH2 . ARG A 1 81  ? -14.10350 10.91485  10.36475  1.000 45.78434  ? 220 ARG A NH2 1 
ATOM   484  N N   . PHE A 1 82  ? -7.91936  6.72813   10.72296  1.000 32.07084  ? 221 PHE A N   1 
ATOM   485  C CA  . PHE A 1 82  ? -8.17644  5.30739   10.88520  1.000 30.64230  ? 221 PHE A CA  1 
ATOM   486  C C   . PHE A 1 82  ? -9.59248  5.08078   11.39524  1.000 30.34396  ? 221 PHE A C   1 
ATOM   487  O O   . PHE A 1 82  ? -10.07324 5.77669   12.28777  1.000 30.08173  ? 221 PHE A O   1 
ATOM   488  C CB  . PHE A 1 82  ? -7.17955  4.65102   11.83989  1.000 29.60471  ? 221 PHE A CB  1 
ATOM   489  C CG  . PHE A 1 82  ? -7.58142  3.25230   12.25825  1.000 32.60584  ? 221 PHE A CG  1 
ATOM   490  C CD1 . PHE A 1 82  ? -7.29850  2.15281   11.45453  1.000 32.65309  ? 221 PHE A CD1 1 
ATOM   491  C CD2 . PHE A 1 82  ? -8.26847  3.03724   13.43763  1.000 28.54964  ? 221 PHE A CD2 1 
ATOM   492  C CE1 . PHE A 1 82  ? -7.68225  0.87421   11.83336  1.000 33.60977  ? 221 PHE A CE1 1 
ATOM   493  C CE2 . PHE A 1 82  ? -8.65402  1.74982   13.81631  1.000 31.64910  ? 221 PHE A CE2 1 
ATOM   494  C CZ  . PHE A 1 82  ? -8.35933  0.67620   13.01139  1.000 32.74300  ? 221 PHE A CZ  1 
ATOM   495  N N   . LEU A 1 83  ? -10.24666 4.08655   10.81486  1.000 32.28292  ? 222 LEU A N   1 
ATOM   496  C CA  . LEU A 1 83  ? -11.64425 3.81263   11.08116  1.000 30.75695  ? 222 LEU A CA  1 
ATOM   497  C C   . LEU A 1 83  ? -11.76874 2.48597   11.80458  1.000 36.53660  ? 222 LEU A C   1 
ATOM   498  O O   . LEU A 1 83  ? -12.20602 2.43370   12.95506  1.000 38.58506  ? 222 LEU A O   1 
ATOM   499  C CB  . LEU A 1 83  ? -12.43989 3.79796   9.77525   1.000 33.27929  ? 222 LEU A CB  1 
ATOM   500  C CG  . LEU A 1 83  ? -13.94293 3.53588   9.85764   1.000 38.91952  ? 222 LEU A CG  1 
ATOM   501  C CD1 . LEU A 1 83  ? -14.62734 4.63009   10.65629  1.000 39.83203  ? 222 LEU A CD1 1 
ATOM   502  C CD2 . LEU A 1 83  ? -14.52899 3.43344   8.45247   1.000 37.90136  ? 222 LEU A CD2 1 
ATOM   503  N N   . ASP A 1 84  ? -11.35609 1.41589   11.12815  1.000 36.91495  ? 223 ASP A N   1 
ATOM   504  C CA  . ASP A 1 84  ? -11.53348 0.06782   11.65665  1.000 32.50289  ? 223 ASP A CA  1 
ATOM   505  C C   . ASP A 1 84  ? -10.64400 -0.95082  10.93229  1.000 33.25969  ? 223 ASP A C   1 
ATOM   506  O O   . ASP A 1 84  ? -9.93225  -0.61266  9.98657   1.000 33.88293  ? 223 ASP A O   1 
ATOM   507  C CB  . ASP A 1 84  ? -13.00258 -0.32562  11.51278  1.000 36.67583  ? 223 ASP A CB  1 
ATOM   508  C CG  . ASP A 1 84  ? -13.50469 -1.20854  12.63450  1.000 40.42945  ? 223 ASP A CG  1 
ATOM   509  O OD1 . ASP A 1 84  ? -12.69444 -1.85001  13.35202  1.000 39.82844  ? 223 ASP A OD1 1 
ATOM   510  O OD2 . ASP A 1 84  ? -14.74504 -1.26889  12.76699  1.000 38.21090  ? 223 ASP A OD2 1 
ATOM   511  N N   . LYS A 1 85  ? -10.71561 -2.20299  11.37941  1.000 33.53894  ? 224 LYS A N   1 
ATOM   512  C CA  . LYS A 1 85  ? -10.05860 -3.31425  10.71284  1.000 30.64113  ? 224 LYS A CA  1 
ATOM   513  C C   . LYS A 1 85  ? -11.05955 -4.16581  9.97318   1.000 33.44736  ? 224 LYS A C   1 
ATOM   514  O O   . LYS A 1 85  ? -12.16925 -4.39007  10.45347  1.000 40.27579  ? 224 LYS A O   1 
ATOM   515  C CB  . LYS A 1 85  ? -9.32209  -4.18059  11.71709  1.000 32.05006  ? 224 LYS A CB  1 
ATOM   516  C CG  . LYS A 1 85  ? -8.26968  -3.44992  12.51315  1.000 31.23822  ? 224 LYS A CG  1 
ATOM   517  C CD  . LYS A 1 85  ? -7.71948  -4.36491  13.57975  1.000 27.72558  ? 224 LYS A CD  1 
ATOM   518  C CE  . LYS A 1 85  ? -6.95391  -3.61722  14.65985  1.000 33.17133  ? 224 LYS A CE  1 
ATOM   519  N NZ  . LYS A 1 85  ? -6.74425  -4.52034  15.82853  1.000 33.33089  ? 224 LYS A NZ  1 
ATOM   520  N N   . LEU A 1 86  ? -10.65202 -4.66281  8.81142   1.000 32.34030  ? 225 LEU A N   1 
ATOM   521  C CA  . LEU A 1 86  ? -11.41886 -5.68484  8.12588   1.000 33.66898  ? 225 LEU A CA  1 
ATOM   522  C C   . LEU A 1 86  ? -11.39272 -6.93077  8.99089   1.000 35.90565  ? 225 LEU A C   1 
ATOM   523  O O   . LEU A 1 86  ? -10.57660 -7.04395  9.90103   1.000 37.20012  ? 225 LEU A O   1 
ATOM   524  C CB  . LEU A 1 86  ? -10.84353 -5.98461  6.74330   1.000 35.01294  ? 225 LEU A CB  1 
ATOM   525  C CG  . LEU A 1 86  ? -11.07173 -4.93662  5.65986   1.000 35.32211  ? 225 LEU A CG  1 
ATOM   526  C CD1 . LEU A 1 86  ? -10.26305 -5.29014  4.42052   1.000 32.90294  ? 225 LEU A CD1 1 
ATOM   527  C CD2 . LEU A 1 86  ? -12.55249 -4.82234  5.31862   1.000 32.23794  ? 225 LEU A CD2 1 
ATOM   528  N N   . PRO A 1 87  ? -12.31063 -7.86065  8.73724   1.000 37.59154  ? 226 PRO A N   1 
ATOM   529  C CA  . PRO A 1 87  ? -12.14624 -9.15660  9.39043   1.000 35.85856  ? 226 PRO A CA  1 
ATOM   530  C C   . PRO A 1 87  ? -10.83208 -9.81342  8.95889   1.000 36.12721  ? 226 PRO A C   1 
ATOM   531  O O   . PRO A 1 87  ? -10.49631 -9.79576  7.77232   1.000 39.34615  ? 226 PRO A O   1 
ATOM   532  C CB  . PRO A 1 87  ? -13.36809 -9.95346  8.91281   1.000 38.74373  ? 226 PRO A CB  1 
ATOM   533  C CG  . PRO A 1 87  ? -13.92204 -9.19003  7.73980   1.000 38.13868  ? 226 PRO A CG  1 
ATOM   534  C CD  . PRO A 1 87  ? -13.56939 -7.76541  7.98050   1.000 40.74495  ? 226 PRO A CD  1 
ATOM   535  N N   . GLN A 1 88  ? -10.09098 -10.35580 9.91953   1.000 32.47259  ? 227 GLN A N   1 
ATOM   536  C CA  . GLN A 1 88  ? -8.80401  -10.97633 9.64187   1.000 30.00678  ? 227 GLN A CA  1 
ATOM   537  C C   . GLN A 1 88  ? -8.92782  -12.12291 8.64969   1.000 34.68291  ? 227 GLN A C   1 
ATOM   538  O O   . GLN A 1 88  ? -9.95121  -12.80333 8.58971   1.000 38.33329  ? 227 GLN A O   1 
ATOM   539  C CB  . GLN A 1 88  ? -8.16830  -11.51318 10.92071  1.000 28.06757  ? 227 GLN A CB  1 
ATOM   540  C CG  . GLN A 1 88  ? -7.67269  -10.47141 11.88437  1.000 29.82019  ? 227 GLN A CG  1 
ATOM   541  C CD  . GLN A 1 88  ? -7.08258  -11.09141 13.13469  1.000 37.79791  ? 227 GLN A CD  1 
ATOM   542  O OE1 . GLN A 1 88  ? -7.12871  -12.31106 13.31977  1.000 38.00590  ? 227 GLN A OE1 1 
ATOM   543  N NE2 . GLN A 1 88  ? -6.51514  -10.25374 14.00089  1.000 45.00131  ? 227 GLN A NE2 1 
ATOM   544  N N   . GLN A 1 89  ? -7.87674  -12.30486 7.86380   1.000 30.07395  ? 228 GLN A N   1 
ATOM   545  C CA  . GLN A 1 89  ? -7.69378  -13.50039 7.05817   1.000 32.64027  ? 228 GLN A CA  1 
ATOM   546  C C   . GLN A 1 89  ? -6.55996  -14.31206 7.66427   1.000 31.43170  ? 228 GLN A C   1 
ATOM   547  O O   . GLN A 1 89  ? -5.52005  -13.75885 7.99278   1.000 32.03866  ? 228 GLN A O   1 
ATOM   548  C CB  . GLN A 1 89  ? -7.36873  -13.14772 5.61562   1.000 32.33411  ? 228 GLN A CB  1 
ATOM   549  C CG  . GLN A 1 89  ? -6.86479  -14.32750 4.81911   1.000 30.52925  ? 228 GLN A CG  1 
ATOM   550  C CD  . GLN A 1 89  ? -6.68122  -14.00844 3.35856   1.000 29.55716  ? 228 GLN A CD  1 
ATOM   551  O OE1 . GLN A 1 89  ? -6.82855  -12.86604 2.93546   1.000 36.41968  ? 228 GLN A OE1 1 
ATOM   552  N NE2 . GLN A 1 89  ? -6.35600  -15.02094 2.57640   1.000 35.90297  ? 228 GLN A NE2 1 
ATOM   553  N N   . THR A 1 90  ? -6.76211  -15.61496 7.82289   1.000 31.45563  ? 229 THR A N   1 
ATOM   554  C CA  . THR A 1 90  ? -5.71161  -16.47118 8.33945   1.000 31.10120  ? 229 THR A CA  1 
ATOM   555  C C   . THR A 1 90  ? -5.47262  -17.63720 7.40784   1.000 32.86232  ? 229 THR A C   1 
ATOM   556  O O   . THR A 1 90  ? -6.36259  -18.03415 6.65496   1.000 32.44322  ? 229 THR A O   1 
ATOM   557  C CB  . THR A 1 90  ? -6.04230  -16.99888 9.73877   1.000 32.88727  ? 229 THR A CB  1 
ATOM   558  O OG1 . THR A 1 90  ? -7.24120  -17.77662 9.69351   1.000 33.05247  ? 229 THR A OG1 1 
ATOM   559  C CG2 . THR A 1 90  ? -6.23321  -15.85464 10.67807  1.000 28.64705  ? 229 THR A CG2 1 
ATOM   560  N N   . GLY A 1 91  ? -4.25085  -18.15830 7.44830   1.000 30.71911  ? 230 GLY A N   1 
ATOM   561  C CA  . GLY A 1 91  ? -3.89481  -19.34280 6.69214   1.000 26.69851  ? 230 GLY A CA  1 
ATOM   562  C C   . GLY A 1 91  ? -2.64170  -19.95442 7.29427   1.000 29.80052  ? 230 GLY A C   1 
ATOM   563  O O   . GLY A 1 91  ? -1.83354  -19.25554 7.90607   1.000 25.17829  ? 230 GLY A O   1 
ATOM   564  N N   . ASP A 1 92  ? -2.46815  -21.25674 7.11420   1.000 31.71005  ? 231 ASP A N   1 
ATOM   565  C CA  . ASP A 1 92  ? -1.22702  -21.90357 7.50439   1.000 31.46718  ? 231 ASP A CA  1 
ATOM   566  C C   . ASP A 1 92  ? -0.16320  -21.53080 6.48605   1.000 31.00051  ? 231 ASP A C   1 
ATOM   567  O O   . ASP A 1 92  ? -0.35112  -21.73545 5.29065   1.000 31.07289  ? 231 ASP A O   1 
ATOM   568  C CB  . ASP A 1 92  ? -1.38578  -23.42324 7.56889   1.000 35.99783  ? 231 ASP A CB  1 
ATOM   569  C CG  . ASP A 1 92  ? -2.26936  -23.87623 8.71934   1.000 37.60539  ? 231 ASP A CG  1 
ATOM   570  O OD1 . ASP A 1 92  ? -2.50965  -23.06732 9.64257   1.000 37.17877  ? 231 ASP A OD1 1 
ATOM   571  O OD2 . ASP A 1 92  ? -2.71105  -25.04861 8.69395   1.000 38.01541  ? 231 ASP A OD2 1 
ATOM   572  N N   . ARG A 1 93  ? 0.93494   -20.95534 6.95561   1.000 27.89580  ? 232 ARG A N   1 
ATOM   573  C CA  . ARG A 1 93  ? 1.96550   -20.45504 6.05790   1.000 29.19499  ? 232 ARG A CA  1 
ATOM   574  C C   . ARG A 1 93  ? 3.36514   -20.85895 6.51828   1.000 28.34689  ? 232 ARG A C   1 
ATOM   575  O O   . ARG A 1 93  ? 3.84024   -20.39416 7.55195   1.000 28.19208  ? 232 ARG A O   1 
ATOM   576  C CB  . ARG A 1 93  ? 1.86564   -18.93065 5.95691   1.000 25.25107  ? 232 ARG A CB  1 
ATOM   577  C CG  . ARG A 1 93  ? 0.51466   -18.42256 5.47091   1.000 24.32625  ? 232 ARG A CG  1 
ATOM   578  C CD  . ARG A 1 93  ? 0.44032   -18.34173 3.94930   1.000 26.12229  ? 232 ARG A CD  1 
ATOM   579  N NE  . ARG A 1 93  ? 1.43692   -17.42266 3.40239   1.000 31.16741  ? 232 ARG A NE  1 
ATOM   580  C CZ  . ARG A 1 93  ? 2.49344   -17.77162 2.67329   1.000 30.99845  ? 232 ARG A CZ  1 
ATOM   581  N NH1 . ARG A 1 93  ? 2.73106   -19.04279 2.37483   1.000 31.11635  ? 232 ARG A NH1 1 
ATOM   582  N NH2 . ARG A 1 93  ? 3.32490   -16.83011 2.23715   1.000 25.80889  ? 232 ARG A NH2 1 
ATOM   583  N N   . ALA A 1 94  ? 4.02583   -21.68910 5.71632   1.000 28.22455  ? 233 ALA A N   1 
ATOM   584  C CA  . ALA A 1 94  ? 5.41830   -22.08259 5.94398   1.000 28.05548  ? 233 ALA A CA  1 
ATOM   585  C C   . ALA A 1 94  ? 5.67821   -22.50315 7.38752   1.000 27.01500  ? 233 ALA A C   1 
ATOM   586  O O   . ALA A 1 94  ? 6.66931   -22.09626 7.98648   1.000 27.12271  ? 233 ALA A O   1 
ATOM   587  C CB  . ALA A 1 94  ? 6.36094   -20.94210 5.54456   1.000 25.07830  ? 233 ALA A CB  1 
ATOM   588  N N   . GLY A 1 95  ? 4.77355   -23.31163 7.93640   1.000 26.93788  ? 234 GLY A N   1 
ATOM   589  C CA  . GLY A 1 95  ? 4.95310   -23.89138 9.25419   1.000 24.92510  ? 234 GLY A CA  1 
ATOM   590  C C   . GLY A 1 95  ? 4.34976   -23.09683 10.39368  1.000 27.82831  ? 234 GLY A C   1 
ATOM   591  O O   . GLY A 1 95  ? 4.39202   -23.53052 11.55625  1.000 28.12059  ? 234 GLY A O   1 
ATOM   592  N N   . ILE A 1 96  ? 3.79822   -21.93224 10.06447  1.000 28.53012  ? 235 ILE A N   1 
ATOM   593  C CA  . ILE A 1 96  ? 3.10625   -21.08669 11.03746  1.000 29.71364  ? 235 ILE A CA  1 
ATOM   594  C C   . ILE A 1 96  ? 1.61273   -21.31536 10.93782  1.000 29.32552  ? 235 ILE A C   1 
ATOM   595  O O   . ILE A 1 96  ? 0.99811   -20.99499 9.92255   1.000 30.34522  ? 235 ILE A O   1 
ATOM   596  C CB  . ILE A 1 96  ? 3.41615   -19.58979 10.80650  1.000 30.43376  ? 235 ILE A CB  1 
ATOM   597  C CG1 . ILE A 1 96  ? 4.90341   -19.33031 11.05222  1.000 24.69370  ? 235 ILE A CG1 1 
ATOM   598  C CG2 . ILE A 1 96  ? 2.52970   -18.71219 11.69080  1.000 27.06292  ? 235 ILE A CG2 1 
ATOM   599  C CD1 . ILE A 1 96  ? 5.27398   -17.87779 11.19681  1.000 25.51515  ? 235 ILE A CD1 1 
ATOM   600  N N   . LYS A 1 97  ? 1.03031   -21.88111 11.98705  1.000 32.59334  ? 236 LYS A N   1 
ATOM   601  C CA  . LYS A 1 97  ? -0.40633  -22.12182 12.00020  1.000 36.91919  ? 236 LYS A CA  1 
ATOM   602  C C   . LYS A 1 97  ? -1.13429  -20.80293 12.23393  1.000 35.55720  ? 236 LYS A C   1 
ATOM   603  O O   . LYS A 1 97  ? -0.78738  -20.04066 13.14221  1.000 29.29921  ? 236 LYS A O   1 
ATOM   604  C CB  . LYS A 1 97  ? -0.78359  -23.15235 13.07198  1.000 36.11104  ? 236 LYS A CB  1 
ATOM   605  C CG  . LYS A 1 97  ? -0.07859  -24.52301 12.91720  1.000 41.45916  ? 236 LYS A CG  1 
ATOM   606  C CD  . LYS A 1 97  ? -0.73490  -25.43781 11.86133  1.000 42.59571  ? 236 LYS A CD  1 
ATOM   607  C CE  . LYS A 1 97  ? 0.07541   -26.72230 11.62318  1.000 39.72648  ? 236 LYS A CE  1 
ATOM   608  N NZ  . LYS A 1 97  ? 1.32025   -26.49465 10.80470  1.000 40.74698  ? 236 LYS A NZ  1 
ATOM   609  N N   . ASP A 1 98  ? -2.12355  -20.54172 11.38513  1.000 33.07482  ? 237 ASP A N   1 
ATOM   610  C CA  . ASP A 1 98  ? -2.95403  -19.34013 11.47446  1.000 32.43763  ? 237 ASP A CA  1 
ATOM   611  C C   . ASP A 1 98  ? -2.14843  -18.05967 11.42628  1.000 30.57184  ? 237 ASP A C   1 
ATOM   612  O O   . ASP A 1 98  ? -2.26118  -17.21507 12.31123  1.000 34.14802  ? 237 ASP A O   1 
ATOM   613  C CB  . ASP A 1 98  ? -3.78946  -19.36042 12.75230  1.000 29.90315  ? 237 ASP A CB  1 
ATOM   614  C CG  . ASP A 1 98  ? -4.76350  -20.51355 12.78035  1.000 35.93327  ? 237 ASP A CG  1 
ATOM   615  O OD1 . ASP A 1 98  ? -5.28152  -20.89032 11.70126  1.000 29.46642  ? 237 ASP A OD1 1 
ATOM   616  O OD2 . ASP A 1 98  ? -5.00631  -21.04221 13.88295  1.000 40.91930  ? 237 ASP A OD2 1 
ATOM   617  N N   . ARG A 1 99  ? -1.32151  -17.92105 10.39813  1.000 29.24702  ? 238 ARG A N   1 
ATOM   618  C CA  . ARG A 1 99  ? -0.65689  -16.65682 10.16062  1.000 32.17099  ? 238 ARG A CA  1 
ATOM   619  C C   . ARG A 1 99  ? -1.73332  -15.64629 9.78365   1.000 26.54203  ? 238 ARG A C   1 
ATOM   620  O O   . ARG A 1 99  ? -2.64240  -15.95836 9.02811   1.000 27.63299  ? 238 ARG A O   1 
ATOM   621  C CB  . ARG A 1 99  ? 0.40814   -16.77806 9.07218   1.000 25.79563  ? 238 ARG A CB  1 
ATOM   622  C CG  . ARG A 1 99  ? 1.14921   -15.48940 8.82668   1.000 24.93283  ? 238 ARG A CG  1 
ATOM   623  C CD  . ARG A 1 99  ? 2.24289   -15.65060 7.78755   1.000 27.01006  ? 238 ARG A CD  1 
ATOM   624  N NE  . ARG A 1 99  ? 2.69553   -14.35974 7.28420   1.000 25.32258  ? 238 ARG A NE  1 
ATOM   625  C CZ  . ARG A 1 99  ? 3.72065   -14.19389 6.45737   1.000 26.56518  ? 238 ARG A CZ  1 
ATOM   626  N NH1 . ARG A 1 99  ? 4.41569   -15.24213 6.03827   1.000 23.85446  ? 238 ARG A NH1 1 
ATOM   627  N NH2 . ARG A 1 99  ? 4.04541   -12.97625 6.04465   1.000 24.07837  ? 238 ARG A NH2 1 
ATOM   628  N N   . VAL A 1 100 ? -1.63767  -14.44275 10.33236  1.000 28.90374  ? 239 VAL A N   1 
ATOM   629  C CA  . VAL A 1 100 ? -2.70840  -13.46029 10.20336  1.000 30.30346  ? 239 VAL A CA  1 
ATOM   630  C C   . VAL A 1 100 ? -2.39140  -12.35880 9.19892   1.000 31.64651  ? 239 VAL A C   1 
ATOM   631  O O   . VAL A 1 100 ? -1.36646  -11.67754 9.29144   1.000 33.22101  ? 239 VAL A O   1 
ATOM   632  C CB  . VAL A 1 100 ? -3.02269  -12.79842 11.56472  1.000 32.40688  ? 239 VAL A CB  1 
ATOM   633  C CG1 . VAL A 1 100 ? -4.21356  -11.84896 11.44822  1.000 28.33558  ? 239 VAL A CG1 1 
ATOM   634  C CG2 . VAL A 1 100 ? -3.28280  -13.85770 12.63081  1.000 28.05932  ? 239 VAL A CG2 1 
ATOM   635  N N   . TYR A 1 101 ? -3.30114  -12.19668 8.24612   1.000 28.74082  ? 240 TYR A N   1 
ATOM   636  C CA  . TYR A 1 101 ? -3.27856  -11.08427 7.30952   1.000 24.81204  ? 240 TYR A CA  1 
ATOM   637  C C   . TYR A 1 101 ? -4.38895  -10.11070 7.66757   1.000 30.17181  ? 240 TYR A C   1 
ATOM   638  O O   . TYR A 1 101 ? -5.57554  -10.42721 7.55460   1.000 29.67380  ? 240 TYR A O   1 
ATOM   639  C CB  . TYR A 1 101 ? -3.42125  -11.60069 5.88093   1.000 24.32594  ? 240 TYR A CB  1 
ATOM   640  C CG  . TYR A 1 101 ? -2.29259  -12.53139 5.50439   1.000 26.89318  ? 240 TYR A CG  1 
ATOM   641  C CD1 . TYR A 1 101 ? -2.36811  -13.89449 5.77628   1.000 29.74578  ? 240 TYR A CD1 1 
ATOM   642  C CD2 . TYR A 1 101 ? -1.13505  -12.04591 4.91212   1.000 22.67759  ? 240 TYR A CD2 1 
ATOM   643  C CE1 . TYR A 1 101 ? -1.32932  -14.75164 5.44692   1.000 27.86186  ? 240 TYR A CE1 1 
ATOM   644  C CE2 . TYR A 1 101 ? -0.09045  -12.89503 4.58184   1.000 27.12187  ? 240 TYR A CE2 1 
ATOM   645  C CZ  . TYR A 1 101 ? -0.19470  -14.24620 4.85442   1.000 29.49764  ? 240 TYR A CZ  1 
ATOM   646  O OH  . TYR A 1 101 ? 0.83642   -15.09396 4.52468   1.000 32.50097  ? 240 TYR A OH  1 
ATOM   647  N N   . SER A 1 102 ? -3.98181  -8.93139  8.12720   1.000 31.98879  ? 241 SER A N   1 
ATOM   648  C CA  . SER A 1 102 ? -4.90242  -7.91212  8.61907   1.000 27.42308  ? 241 SER A CA  1 
ATOM   649  C C   . SER A 1 102 ? -4.79473  -6.62390  7.81472   1.000 29.22169  ? 241 SER A C   1 
ATOM   650  O O   . SER A 1 102 ? -3.71124  -6.25342  7.36983   1.000 31.13459  ? 241 SER A O   1 
ATOM   651  C CB  . SER A 1 102 ? -4.61888  -7.63018  10.09742  1.000 32.69738  ? 241 SER A CB  1 
ATOM   652  O OG  . SER A 1 102 ? -5.59543  -6.77386  10.65879  1.000 35.22168  ? 241 SER A OG  1 
ATOM   653  N N   . ASN A 1 103 ? -5.92084  -5.94034  7.63927   1.000 29.06156  ? 242 ASN A N   1 
ATOM   654  C CA  . ASN A 1 103 ? -5.95809  -4.70356  6.86700   1.000 28.20147  ? 242 ASN A CA  1 
ATOM   655  C C   . ASN A 1 103 ? -6.84232  -3.65801  7.50347   1.000 31.69765  ? 242 ASN A C   1 
ATOM   656  O O   . ASN A 1 103 ? -7.86759  -3.97482  8.10249   1.000 33.17492  ? 242 ASN A O   1 
ATOM   657  C CB  . ASN A 1 103 ? -6.44164  -4.97257  5.45345   1.000 25.07929  ? 242 ASN A CB  1 
ATOM   658  C CG  . ASN A 1 103 ? -5.61623  -6.01854  4.76082   1.000 27.91808  ? 242 ASN A CG  1 
ATOM   659  O OD1 . ASN A 1 103 ? -5.90884  -7.20924  4.85906   1.000 31.53998  ? 242 ASN A OD1 1 
ATOM   660  N ND2 . ASN A 1 103 ? -4.56963  -5.58810  4.06404   1.000 24.89306  ? 242 ASN A ND2 1 
ATOM   661  N N   . SER A 1 104 ? -6.43195  -2.40562  7.35362   1.000 28.20352  ? 243 SER A N   1 
ATOM   662  C CA  . SER A 1 104 ? -7.06625  -1.30243  8.04465   1.000 27.26519  ? 243 SER A CA  1 
ATOM   663  C C   . SER A 1 104 ? -7.89663  -0.44191  7.10294   1.000 30.59471  ? 243 SER A C   1 
ATOM   664  O O   . SER A 1 104 ? -7.49821  -0.17577  5.96052   1.000 30.88032  ? 243 SER A O   1 
ATOM   665  C CB  . SER A 1 104 ? -6.00526  -0.46062  8.74160   1.000 27.02881  ? 243 SER A CB  1 
ATOM   666  O OG  . SER A 1 104 ? -5.41815  -1.18277  9.80975   1.000 29.93699  ? 243 SER A OG  1 
ATOM   667  N N   . ILE A 1 105 ? -9.06253  -0.02918  7.60074   1.000 24.31350  ? 244 ILE A N   1 
ATOM   668  C CA  . ILE A 1 105 ? -9.96952  0.85551   6.87560   1.000 28.04494  ? 244 ILE A CA  1 
ATOM   669  C C   . ILE A 1 105 ? -9.72255  2.28039   7.34510   1.000 28.45891  ? 244 ILE A C   1 
ATOM   670  O O   . ILE A 1 105 ? -9.57552  2.52602   8.53815   1.000 26.16139  ? 244 ILE A O   1 
ATOM   671  C CB  . ILE A 1 105 ? -11.44192 0.47473   7.09572   1.000 30.77077  ? 244 ILE A CB  1 
ATOM   672  C CG1 . ILE A 1 105 ? -11.67038 -0.98924  6.70515   1.000 33.30954  ? 244 ILE A CG1 1 
ATOM   673  C CG2 . ILE A 1 105 ? -12.36567 1.40366   6.30762   1.000 25.76696  ? 244 ILE A CG2 1 
ATOM   674  C CD1 . ILE A 1 105 ? -12.91764 -1.58887  7.31876   1.000 37.55263  ? 244 ILE A CD1 1 
ATOM   675  N N   . TYR A 1 106 ? -9.64486  3.20261   6.39432   1.000 25.96821  ? 245 TYR A N   1 
ATOM   676  C CA  . TYR A 1 106 ? -9.38108  4.60498   6.68279   1.000 28.62051  ? 245 TYR A CA  1 
ATOM   677  C C   . TYR A 1 106 ? -10.45718 5.49134   6.07751   1.000 30.86775  ? 245 TYR A C   1 
ATOM   678  O O   . TYR A 1 106 ? -11.05091 5.15108   5.05562   1.000 31.97934  ? 245 TYR A O   1 
ATOM   679  C CB  . TYR A 1 106 ? -8.00673  5.00819   6.14540   1.000 27.16038  ? 245 TYR A CB  1 
ATOM   680  C CG  . TYR A 1 106 ? -6.86292  4.51996   7.00087   1.000 31.29589  ? 245 TYR A CG  1 
ATOM   681  C CD1 . TYR A 1 106 ? -6.29628  3.26463   6.79279   1.000 29.61334  ? 245 TYR A CD1 1 
ATOM   682  C CD2 . TYR A 1 106 ? -6.35004  5.30996   8.02361   1.000 28.86722  ? 245 TYR A CD2 1 
ATOM   683  C CE1 . TYR A 1 106 ? -5.25550  2.81434   7.58383   1.000 28.82293  ? 245 TYR A CE1 1 
ATOM   684  C CE2 . TYR A 1 106 ? -5.31023  4.86739   8.81175   1.000 27.40043  ? 245 TYR A CE2 1 
ATOM   685  C CZ  . TYR A 1 106 ? -4.76937  3.61828   8.58498   1.000 30.50522  ? 245 TYR A CZ  1 
ATOM   686  O OH  . TYR A 1 106 ? -3.73096  3.16032   9.35491   1.000 36.02561  ? 245 TYR A OH  1 
ATOM   687  N N   . GLU A 1 107 ? -10.72242 6.61458   6.73085   1.000 30.18380  ? 246 GLU A N   1 
ATOM   688  C CA  . GLU A 1 107 ? -11.59631 7.63703   6.17544   1.000 33.29711  ? 246 GLU A CA  1 
ATOM   689  C C   . GLU A 1 107 ? -10.73042 8.78897   5.71637   1.000 32.70474  ? 246 GLU A C   1 
ATOM   690  O O   . GLU A 1 107 ? -9.72561  9.10074   6.34566   1.000 38.12439  ? 246 GLU A O   1 
ATOM   691  C CB  . GLU A 1 107 ? -12.62418 8.11168   7.20021   1.000 35.36055  ? 246 GLU A CB  1 
ATOM   692  C CG  . GLU A 1 107 ? -13.51461 7.00224   7.73476   1.000 47.00860  ? 246 GLU A CG  1 
ATOM   693  C CD  . GLU A 1 107 ? -14.71789 7.52667   8.49633   1.000 56.47405  ? 246 GLU A CD  1 
ATOM   694  O OE1 . GLU A 1 107 ? -14.53486 8.37503   9.39517   1.000 54.80732  ? 246 GLU A OE1 1 
ATOM   695  O OE2 . GLU A 1 107 ? -15.85015 7.09320   8.18877   1.000 62.12875  ? 246 GLU A OE2 1 
ATOM   696  N N   . LEU A 1 108 ? -11.11051 9.40655   4.60836   1.000 29.73918  ? 247 LEU A N   1 
ATOM   697  C CA  . LEU A 1 108 ? -10.36303 10.53067  4.07405   1.000 30.17099  ? 247 LEU A CA  1 
ATOM   698  C C   . LEU A 1 108 ? -11.19980 11.80031  4.15712   1.000 33.19502  ? 247 LEU A C   1 
ATOM   699  O O   . LEU A 1 108 ? -12.26627 11.90846  3.55327   1.000 33.50259  ? 247 LEU A O   1 
ATOM   700  C CB  . LEU A 1 108 ? -9.93383  10.23927  2.64022   1.000 34.01060  ? 247 LEU A CB  1 
ATOM   701  C CG  . LEU A 1 108 ? -9.00465  9.02261   2.56097   1.000 39.70508  ? 247 LEU A CG  1 
ATOM   702  C CD1 . LEU A 1 108 ? -9.61359  7.94571   1.69562   1.000 38.92642  ? 247 LEU A CD1 1 
ATOM   703  C CD2 . LEU A 1 108 ? -7.64831  9.41684   2.02602   1.000 33.78255  ? 247 LEU A CD2 1 
ATOM   704  N N   . LEU A 1 109 ? -10.69873 12.75259  4.93296   1.000 33.00600  ? 248 LEU A N   1 
ATOM   705  C CA  . LEU A 1 109 ? -11.39671 13.99637  5.18628   1.000 30.49082  ? 248 LEU A CA  1 
ATOM   706  C C   . LEU A 1 109 ? -10.95757 15.08284  4.21016   1.000 36.30368  ? 248 LEU A C   1 
ATOM   707  O O   . LEU A 1 109 ? -9.79789  15.14968  3.81195   1.000 38.48141  ? 248 LEU A O   1 
ATOM   708  C CB  . LEU A 1 109 ? -11.14834 14.45021  6.61561   1.000 30.03282  ? 248 LEU A CB  1 
ATOM   709  C CG  . LEU A 1 109 ? -11.58620 13.48088  7.71179   1.000 36.94521  ? 248 LEU A CG  1 
ATOM   710  C CD1 . LEU A 1 109 ? -11.23180 14.05084  9.08881   1.000 38.39798  ? 248 LEU A CD1 1 
ATOM   711  C CD2 . LEU A 1 109 ? -13.06635 13.19030  7.61340   1.000 32.05291  ? 248 LEU A CD2 1 
ATOM   712  N N   . GLU A 1 110 ? -11.90805 15.90221  3.79099   1.000 31.09147  ? 249 GLU A N   1 
ATOM   713  C CA  . GLU A 1 110 ? -11.62158 17.05962  2.96670   1.000 31.56324  ? 249 GLU A CA  1 
ATOM   714  C C   . GLU A 1 110 ? -12.46246 18.22320  3.48485   1.000 38.36228  ? 249 GLU A C   1 
ATOM   715  O O   . GLU A 1 110 ? -13.68717 18.13429  3.50705   1.000 42.93083  ? 249 GLU A O   1 
ATOM   716  C CB  . GLU A 1 110 ? -11.92697 16.74395  1.51273   1.000 36.05600  ? 249 GLU A CB  1 
ATOM   717  C CG  . GLU A 1 110 ? -11.68566 17.86855  0.55216   1.000 38.03257  ? 249 GLU A CG  1 
ATOM   718  C CD  . GLU A 1 110 ? -12.17241 17.51417  -0.82251  1.000 46.60427  ? 249 GLU A CD  1 
ATOM   719  O OE1 . GLU A 1 110 ? -13.39342 17.29750  -0.97639  1.000 54.17740  ? 249 GLU A OE1 1 
ATOM   720  O OE2 . GLU A 1 110 ? -11.34073 17.40450  -1.74658  1.000 54.10153  ? 249 GLU A OE2 1 
ATOM   721  N N   . ASN A 1 111 ? -11.81184 19.30069  3.90811   1.000 37.24364  ? 250 ASN A N   1 
ATOM   722  C CA  . ASN A 1 111 ? -12.49996 20.42354  4.54307   1.000 31.48905  ? 250 ASN A CA  1 
ATOM   723  C C   . ASN A 1 111 ? -13.46982 19.99033  5.63755   1.000 26.47081  ? 250 ASN A C   1 
ATOM   724  O O   . ASN A 1 111 ? -14.57212 20.51711  5.74289   1.000 38.92680  ? 250 ASN A O   1 
ATOM   725  C CB  . ASN A 1 111 ? -13.23763 21.24878  3.48813   1.000 36.29768  ? 250 ASN A CB  1 
ATOM   726  C CG  . ASN A 1 111 ? -12.31375 21.72999  2.37989   1.000 54.86766  ? 250 ASN A CG  1 
ATOM   727  O OD1 . ASN A 1 111 ? -12.62532 21.60162  1.19282   1.000 67.88829  ? 250 ASN A OD1 1 
ATOM   728  N ND2 . ASN A 1 111 ? -11.16470 22.28124  2.76423   1.000 47.22469  ? 250 ASN A ND2 1 
ATOM   729  N N   . GLY A 1 112 ? -13.05396 19.02717  6.45110   1.000 26.83334  ? 251 GLY A N   1 
ATOM   730  C CA  . GLY A 1 112 ? -13.85956 18.55861  7.56638   1.000 21.78216  ? 251 GLY A CA  1 
ATOM   731  C C   . GLY A 1 112 ? -15.02002 17.64099  7.19967   1.000 31.35577  ? 251 GLY A C   1 
ATOM   732  O O   . GLY A 1 112 ? -15.82553 17.26982  8.06217   1.000 35.35406  ? 251 GLY A O   1 
ATOM   733  N N   . GLN A 1 113 ? -15.10327 17.28147  5.92090   1.000 30.14916  ? 252 GLN A N   1 
ATOM   734  C CA  . GLN A 1 113 ? -16.12263 16.36280  5.41143   1.000 31.59761  ? 252 GLN A CA  1 
ATOM   735  C C   . GLN A 1 113 ? -15.51278 15.00036  5.12397   1.000 33.17055  ? 252 GLN A C   1 
ATOM   736  O O   . GLN A 1 113 ? -14.37898 14.93241  4.65742   1.000 30.43216  ? 252 GLN A O   1 
ATOM   737  C CB  . GLN A 1 113 ? -16.74206 16.91923  4.12691   1.000 27.65197  ? 252 GLN A CB  1 
ATOM   738  C CG  . GLN A 1 113 ? -17.54323 18.16620  4.32153   1.000 25.05125  ? 252 GLN A CG  1 
ATOM   739  C CD  . GLN A 1 113 ? -18.70956 17.92493  5.22683   1.000 32.20544  ? 252 GLN A CD  1 
ATOM   740  O OE1 . GLN A 1 113 ? -19.41147 16.92045  5.08795   1.000 35.77470  ? 252 GLN A OE1 1 
ATOM   741  N NE2 . GLN A 1 113 ? -18.91854 18.82534  6.17834   1.000 29.58455  ? 252 GLN A NE2 1 
ATOM   742  N N   . ARG A 1 114 ? -16.25725 13.91790  5.34550   1.000 36.13112  ? 253 ARG A N   1 
ATOM   743  C CA  . ARG A 1 114 ? -15.73565 12.61538  4.94464   1.000 35.45482  ? 253 ARG A CA  1 
ATOM   744  C C   . ARG A 1 114 ? -15.91395 12.51162  3.45560   1.000 34.35378  ? 253 ARG A C   1 
ATOM   745  O O   . ARG A 1 114 ? -17.04661 12.46645  2.97779   1.000 30.64368  ? 253 ARG A O   1 
ATOM   746  C CB  . ARG A 1 114 ? -16.48987 11.46979  5.60410   1.000 23.51216  ? 253 ARG A CB  1 
ATOM   747  C CG  . ARG A 1 114 ? -16.23807 11.26584  7.06863   1.000 41.97795  ? 253 ARG A CG  1 
ATOM   748  C CD  . ARG A 1 114 ? -16.94771 9.99942   7.53714   1.000 49.08014  ? 253 ARG A CD  1 
ATOM   749  N NE  . ARG A 1 114 ? -18.14478 10.28098  8.32609   1.000 53.56543  ? 253 ARG A NE  1 
ATOM   750  C CZ  . ARG A 1 114 ? -18.19727 10.28338  9.66080   1.000 65.53057  ? 253 ARG A CZ  1 
ATOM   751  N NH1 . ARG A 1 114 ? -17.11984 10.02264  10.38896  1.000 69.81545  ? 253 ARG A NH1 1 
ATOM   752  N NH2 . ARG A 1 114 ? -19.34062 10.54661  10.28314  1.000 61.64667  ? 253 ARG A NH2 1 
ATOM   753  N N   . ALA A 1 115 ? -14.79566 12.45619  2.73154   1.000 30.21334  ? 254 ALA A N   1 
ATOM   754  C CA  . ALA A 1 115 ? -14.83632 12.39130  1.27787   1.000 29.22049  ? 254 ALA A CA  1 
ATOM   755  C C   . ALA A 1 115 ? -14.72589 10.96156  0.75366   1.000 34.88855  ? 254 ALA A C   1 
ATOM   756  O O   . ALA A 1 115 ? -14.98596 10.69835  -0.41812  1.000 36.24559  ? 254 ALA A O   1 
ATOM   757  C CB  . ALA A 1 115 ? -13.72411 13.26880  0.69704   1.000 32.74188  ? 254 ALA A CB  1 
ATOM   758  N N   . GLY A 1 116 ? -14.36599 10.02820  1.62340   1.000 31.52511  ? 255 GLY A N   1 
ATOM   759  C CA  . GLY A 1 116 ? -14.21292 8.65703   1.18962   1.000 31.32205  ? 255 GLY A CA  1 
ATOM   760  C C   . GLY A 1 116 ? -13.72741 7.70979   2.26292   1.000 33.22346  ? 255 GLY A C   1 
ATOM   761  O O   . GLY A 1 116 ? -13.16178 8.12396   3.27418   1.000 33.62356  ? 255 GLY A O   1 
ATOM   762  N N   . THR A 1 117 ? -13.95197 6.42397   2.01486   1.000 33.16694  ? 256 THR A N   1 
ATOM   763  C CA  . THR A 1 117 ? -13.54183 5.36187   2.91595   1.000 35.23632  ? 256 THR A CA  1 
ATOM   764  C C   . THR A 1 117 ? -12.95741 4.21080   2.11219   1.000 37.26371  ? 256 THR A C   1 
ATOM   765  O O   . THR A 1 117 ? -13.54179 3.77771   1.11750   1.000 38.62433  ? 256 THR A O   1 
ATOM   766  C CB  . THR A 1 117 ? -14.71004 4.85314   3.76864   1.000 35.81638  ? 256 THR A CB  1 
ATOM   767  O OG1 . THR A 1 117 ? -15.25738 5.94144   4.52018   1.000 45.63216  ? 256 THR A OG1 1 
ATOM   768  C CG2 . THR A 1 117 ? -14.22713 3.75924   4.73338   1.000 45.96912  ? 256 THR A CG2 1 
ATOM   769  N N   . CYS A 1 118 ? -11.78608 3.73627   2.52415   1.000 35.42435  ? 257 CYS A N   1 
ATOM   770  C CA  . CYS A 1 118 ? -11.11082 2.67043   1.78813   1.000 35.24376  ? 257 CYS A CA  1 
ATOM   771  C C   . CYS A 1 118 ? -10.09524 1.91678   2.63736   1.000 29.08874  ? 257 CYS A C   1 
ATOM   772  O O   . CYS A 1 118 ? -9.64187  2.40784   3.66582   1.000 25.96546  ? 257 CYS A O   1 
ATOM   773  C CB  . CYS A 1 118 ? -10.41385 3.24691   0.55902   1.000 34.98249  ? 257 CYS A CB  1 
ATOM   774  S SG  . CYS A 1 118 ? -9.04719  4.33717   0.97925   1.000 39.93284  ? 257 CYS A SG  1 
ATOM   775  N N   . VAL A 1 119 ? -9.74017  0.72178   2.17731   1.000 35.08759  ? 258 VAL A N   1 
ATOM   776  C CA  . VAL A 1 119 ? -8.66890  -0.05902  2.77338   1.000 29.24895  ? 258 VAL A CA  1 
ATOM   777  C C   . VAL A 1 119 ? -7.37226  0.52002   2.24390   1.000 29.59485  ? 258 VAL A C   1 
ATOM   778  O O   . VAL A 1 119 ? -7.12726  0.51962   1.04011   1.000 30.54642  ? 258 VAL A O   1 
ATOM   779  C CB  . VAL A 1 119 ? -8.79355  -1.54774  2.42236   1.000 31.13445  ? 258 VAL A CB  1 
ATOM   780  C CG1 . VAL A 1 119 ? -7.74559  -2.37909  3.15161   1.000 27.95846  ? 258 VAL A CG1 1 
ATOM   781  C CG2 . VAL A 1 119 ? -10.19007 -2.04542  2.75368   1.000 29.41459  ? 258 VAL A CG2 1 
ATOM   782  N N   . LEU A 1 120 ? -6.54162  1.00908   3.15151   1.000 29.38204  ? 259 LEU A N   1 
ATOM   783  C CA  . LEU A 1 120 ? -5.40018  1.81782   2.76911   1.000 25.67751  ? 259 LEU A CA  1 
ATOM   784  C C   . LEU A 1 120 ? -4.15368  1.37871   3.51015   1.000 24.84743  ? 259 LEU A C   1 
ATOM   785  O O   . LEU A 1 120 ? -4.18235  1.13326   4.71118   1.000 26.70841  ? 259 LEU A O   1 
ATOM   786  C CB  . LEU A 1 120 ? -5.70275  3.28887   3.04835   1.000 27.89197  ? 259 LEU A CB  1 
ATOM   787  C CG  . LEU A 1 120 ? -4.75513  4.36733   2.53466   1.000 29.38261  ? 259 LEU A CG  1 
ATOM   788  C CD1 . LEU A 1 120 ? -4.62775  4.35106   1.01810   1.000 24.81791  ? 259 LEU A CD1 1 
ATOM   789  C CD2 . LEU A 1 120 ? -5.26950  5.71242   3.00816   1.000 30.24358  ? 259 LEU A CD2 1 
ATOM   790  N N   . GLU A 1 121 ? -3.06245  1.23544   2.77306   1.000 28.45557  ? 260 GLU A N   1 
ATOM   791  C CA  . GLU A 1 121 ? -1.77775  0.93701   3.38472   1.000 28.29046  ? 260 GLU A CA  1 
ATOM   792  C C   . GLU A 1 121 ? -0.62958  1.33982   2.47732   1.000 23.82733  ? 260 GLU A C   1 
ATOM   793  O O   . GLU A 1 121 ? -0.80259  1.53160   1.27566   1.000 26.68700  ? 260 GLU A O   1 
ATOM   794  C CB  . GLU A 1 121 ? -1.68045  -0.55180  3.72981   1.000 26.07621  ? 260 GLU A CB  1 
ATOM   795  C CG  . GLU A 1 121 ? -1.79275  -1.48854  2.53778   1.000 23.51280  ? 260 GLU A CG  1 
ATOM   796  C CD  . GLU A 1 121 ? -2.06536  -2.92616  2.96354   1.000 29.85579  ? 260 GLU A CD  1 
ATOM   797  O OE1 . GLU A 1 121 ? -3.07100  -3.16034  3.67278   1.000 28.66753  ? 260 GLU A OE1 1 
ATOM   798  O OE2 . GLU A 1 121 ? -1.27079  -3.81725  2.59951   1.000 27.16762  ? 260 GLU A OE2 1 
ATOM   799  N N   . TYR A 1 122 ? 0.53567   1.50176   3.08413   1.000 24.91300  ? 261 TYR A N   1 
ATOM   800  C CA  . TYR A 1 122 ? 1.79068   1.59662   2.35423   1.000 26.92425  ? 261 TYR A CA  1 
ATOM   801  C C   . TYR A 1 122 ? 2.24794   0.22739   1.90070   1.000 25.09661  ? 261 TYR A C   1 
ATOM   802  O O   . TYR A 1 122 ? 1.87016   -0.78290  2.49771   1.000 25.51565  ? 261 TYR A O   1 
ATOM   803  C CB  . TYR A 1 122 ? 2.87416   2.21200   3.22022   1.000 25.58161  ? 261 TYR A CB  1 
ATOM   804  C CG  . TYR A 1 122 ? 2.67528   3.65959   3.54424   1.000 26.29343  ? 261 TYR A CG  1 
ATOM   805  C CD1 . TYR A 1 122 ? 2.97658   4.64735   2.61570   1.000 25.36553  ? 261 TYR A CD1 1 
ATOM   806  C CD2 . TYR A 1 122 ? 2.22025   4.04560   4.79953   1.000 30.15266  ? 261 TYR A CD2 1 
ATOM   807  C CE1 . TYR A 1 122 ? 2.81295   5.98193   2.92402   1.000 28.50484  ? 261 TYR A CE1 1 
ATOM   808  C CE2 . TYR A 1 122 ? 2.05772   5.37538   5.11748   1.000 30.62126  ? 261 TYR A CE2 1 
ATOM   809  C CZ  . TYR A 1 122 ? 2.34850   6.33623   4.17588   1.000 27.27835  ? 261 TYR A CZ  1 
ATOM   810  O OH  . TYR A 1 122 ? 2.18274   7.65292   4.50179   1.000 31.56668  ? 261 TYR A OH  1 
ATOM   811  N N   . ALA A 1 123 ? 3.09948   0.19934   0.87854   1.000 25.30773  ? 262 ALA A N   1 
ATOM   812  C CA  . ALA A 1 123 ? 3.73927   -1.04866  0.48392   1.000 26.19150  ? 262 ALA A CA  1 
ATOM   813  C C   . ALA A 1 123 ? 5.01339   -1.19425  1.29917   1.000 30.75104  ? 262 ALA A C   1 
ATOM   814  O O   . ALA A 1 123 ? 5.99278   -0.46422  1.10031   1.000 30.29313  ? 262 ALA A O   1 
ATOM   815  C CB  . ALA A 1 123 ? 4.05001   -1.04720  -0.99916  1.000 25.59227  ? 262 ALA A CB  1 
ATOM   816  N N   . THR A 1 124 ? 4.99613   -2.17845  2.19340   1.000 28.51123  ? 263 THR A N   1 
ATOM   817  C CA  . THR A 1 124 ? 6.02915   -2.33069  3.21755   1.000 25.78873  ? 263 THR A CA  1 
ATOM   818  C C   . THR A 1 124 ? 7.44447   -2.46076  2.64642   1.000 27.50754  ? 263 THR A C   1 
ATOM   819  O O   . THR A 1 124 ? 8.38339   -1.89262  3.20574   1.000 28.65095  ? 263 THR A O   1 
ATOM   820  C CB  . THR A 1 124 ? 5.71938   -3.55921  4.10206   1.000 27.09536  ? 263 THR A CB  1 
ATOM   821  O OG1 . THR A 1 124 ? 4.34168   -3.51992  4.49915   1.000 29.04358  ? 263 THR A OG1 1 
ATOM   822  C CG2 . THR A 1 124 ? 6.61039   -3.59617  5.34628   1.000 23.35531  ? 263 THR A CG2 1 
ATOM   823  N N   . PRO A 1 125 ? 7.60928   -3.21079  1.53567   1.000 24.99999  ? 264 PRO A N   1 
ATOM   824  C CA  . PRO A 1 125 ? 8.97209   -3.43049  1.04176   1.000 27.10858  ? 264 PRO A CA  1 
ATOM   825  C C   . PRO A 1 125 ? 9.73582   -2.13903  0.78128   1.000 27.10682  ? 264 PRO A C   1 
ATOM   826  O O   . PRO A 1 125 ? 10.96566  -2.15224  0.74142   1.000 30.94811  ? 264 PRO A O   1 
ATOM   827  C CB  . PRO A 1 125 ? 8.74602   -4.21213  -0.25599  1.000 25.61530  ? 264 PRO A CB  1 
ATOM   828  C CG  . PRO A 1 125 ? 7.49909   -4.96409  0.00178   1.000 23.72767  ? 264 PRO A CG  1 
ATOM   829  C CD  . PRO A 1 125 ? 6.63514   -4.04306  0.80229   1.000 22.31518  ? 264 PRO A CD  1 
ATOM   830  N N   . LEU A 1 126 ? 9.01794   -1.03382  0.60949   1.000 25.65891  ? 265 LEU A N   1 
ATOM   831  C CA  . LEU A 1 126 ? 9.67373   0.25967   0.45870   1.000 25.23583  ? 265 LEU A CA  1 
ATOM   832  C C   . LEU A 1 126 ? 10.48267  0.61950   1.71074   1.000 29.32894  ? 265 LEU A C   1 
ATOM   833  O O   . LEU A 1 126 ? 11.46939  1.35078   1.61312   1.000 29.90588  ? 265 LEU A O   1 
ATOM   834  C CB  . LEU A 1 126 ? 8.64268   1.34494   0.14772   1.000 28.21160  ? 265 LEU A CB  1 
ATOM   835  C CG  . LEU A 1 126 ? 8.02522   1.20781   -1.24316  1.000 26.20667  ? 265 LEU A CG  1 
ATOM   836  C CD1 . LEU A 1 126 ? 7.00223   2.27357   -1.41940  1.000 26.37353  ? 265 LEU A CD1 1 
ATOM   837  C CD2 . LEU A 1 126 ? 9.08569   1.30505   -2.32304  1.000 25.68279  ? 265 LEU A CD2 1 
ATOM   838  N N   . GLN A 1 127 ? 10.08510  0.09599   2.87580   1.000 22.65790  ? 266 GLN A N   1 
ATOM   839  C CA  . GLN A 1 127 ? 10.89200  0.25419   4.08628   1.000 22.95409  ? 266 GLN A CA  1 
ATOM   840  C C   . GLN A 1 127 ? 12.16465  -0.57557  3.98512   1.000 27.06346  ? 266 GLN A C   1 
ATOM   841  O O   . GLN A 1 127 ? 13.20566  -0.18148  4.50059   1.000 27.93875  ? 266 GLN A O   1 
ATOM   842  C CB  . GLN A 1 127 ? 10.12194  -0.15348  5.34140   1.000 22.85718  ? 266 GLN A CB  1 
ATOM   843  C CG  . GLN A 1 127 ? 9.00257   0.77741   5.71635   1.000 24.91111  ? 266 GLN A CG  1 
ATOM   844  C CD  . GLN A 1 127 ? 8.27953   0.35698   6.98149   1.000 31.02404  ? 266 GLN A CD  1 
ATOM   845  O OE1 . GLN A 1 127 ? 8.30302   -0.81517  7.36856   1.000 28.20050  ? 266 GLN A OE1 1 
ATOM   846  N NE2 . GLN A 1 127 ? 7.63309   1.32028   7.64130   1.000 30.49558  ? 266 GLN A NE2 1 
ATOM   847  N N   . THR A 1 128 ? 12.07862  -1.73376  3.33332   1.000 24.63276  ? 267 THR A N   1 
ATOM   848  C CA  . THR A 1 128 ? 13.24772  -2.58885  3.17382   1.000 22.65205  ? 267 THR A CA  1 
ATOM   849  C C   . THR A 1 128 ? 14.26404  -1.89973  2.28436   1.000 28.98894  ? 267 THR A C   1 
ATOM   850  O O   . THR A 1 128 ? 15.46242  -1.95204  2.56604   1.000 34.26262  ? 267 THR A O   1 
ATOM   851  C CB  . THR A 1 128 ? 12.89936  -3.96734  2.58234   1.000 25.36063  ? 267 THR A CB  1 
ATOM   852  O OG1 . THR A 1 128 ? 11.98532  -4.64755  3.44827   1.000 27.89976  ? 267 THR A OG1 1 
ATOM   853  C CG2 . THR A 1 128 ? 14.15973  -4.83212  2.40446   1.000 24.70119  ? 267 THR A CG2 1 
ATOM   854  N N   . LEU A 1 129 ? 13.80052  -1.24188  1.22405   1.000 26.07423  ? 268 LEU A N   1 
ATOM   855  C CA  . LEU A 1 129 ? 14.70134  -0.43485  0.39992   1.000 30.22145  ? 268 LEU A CA  1 
ATOM   856  C C   . LEU A 1 129 ? 15.35545  0.65811   1.24189   1.000 29.25342  ? 268 LEU A C   1 
ATOM   857  O O   . LEU A 1 129 ? 16.55775  0.87337   1.15639   1.000 28.53124  ? 268 LEU A O   1 
ATOM   858  C CB  . LEU A 1 129 ? 13.95874  0.18674   -0.78511  1.000 27.74798  ? 268 LEU A CB  1 
ATOM   859  C CG  . LEU A 1 129 ? 13.50804  -0.80408  -1.86249  1.000 32.81732  ? 268 LEU A CG  1 
ATOM   860  C CD1 . LEU A 1 129 ? 12.67382  -0.11651  -2.93249  1.000 30.59362  ? 268 LEU A CD1 1 
ATOM   861  C CD2 . LEU A 1 129 ? 14.71206  -1.47809  -2.49554  1.000 31.05528  ? 268 LEU A CD2 1 
ATOM   862  N N   . PHE A 1 130 ? 14.56782  1.33323   2.07249   1.000 28.74381  ? 269 PHE A N   1 
ATOM   863  C CA  . PHE A 1 130 ? 15.11949  2.36773   2.93324   1.000 29.64116  ? 269 PHE A CA  1 
ATOM   864  C C   . PHE A 1 130 ? 16.15022  1.80921   3.91162   1.000 28.71403  ? 269 PHE A C   1 
ATOM   865  O O   . PHE A 1 130 ? 17.23372  2.36091   4.04505   1.000 29.46943  ? 269 PHE A O   1 
ATOM   866  C CB  . PHE A 1 130 ? 14.01628  3.07835   3.71592   1.000 29.16761  ? 269 PHE A CB  1 
ATOM   867  C CG  . PHE A 1 130 ? 14.47432  4.35161   4.34883   1.000 32.87838  ? 269 PHE A CG  1 
ATOM   868  C CD1 . PHE A 1 130 ? 15.13390  4.33306   5.56748   1.000 32.62558  ? 269 PHE A CD1 1 
ATOM   869  C CD2 . PHE A 1 130 ? 14.28242  5.56856   3.70816   1.000 32.55871  ? 269 PHE A CD2 1 
ATOM   870  C CE1 . PHE A 1 130 ? 15.57396  5.51182   6.14959   1.000 34.56951  ? 269 PHE A CE1 1 
ATOM   871  C CE2 . PHE A 1 130 ? 14.72502  6.74862   4.28387   1.000 30.83274  ? 269 PHE A CE2 1 
ATOM   872  C CZ  . PHE A 1 130 ? 15.37281  6.71985   5.50406   1.000 31.03868  ? 269 PHE A CZ  1 
ATOM   873  N N   . ALA A 1 131 ? 15.81379  0.72371   4.60059   1.000 28.22648  ? 270 ALA A N   1 
ATOM   874  C CA  . ALA A 1 131 ? 16.71390  0.14740   5.60243   1.000 25.62674  ? 270 ALA A CA  1 
ATOM   875  C C   . ALA A 1 131 ? 18.00752  -0.38341  4.98217   1.000 29.33926  ? 270 ALA A C   1 
ATOM   876  O O   . ALA A 1 131 ? 19.08713  -0.20286  5.53351   1.000 30.20213  ? 270 ALA A O   1 
ATOM   877  C CB  . ALA A 1 131 ? 16.01804  -0.95060  6.35056   1.000 22.55780  ? 270 ALA A CB  1 
ATOM   878  N N   . MET A 1 132 ? 17.89673  -1.04709  3.83810   1.000 29.55208  ? 271 MET A N   1 
ATOM   879  C CA  . MET A 1 132 ? 19.07584  -1.55632  3.15226   1.000 28.54388  ? 271 MET A CA  1 
ATOM   880  C C   . MET A 1 132 ? 20.02512  -0.41213  2.83835   1.000 28.95657  ? 271 MET A C   1 
ATOM   881  O O   . MET A 1 132 ? 21.23943  -0.57392  2.88149   1.000 34.48790  ? 271 MET A O   1 
ATOM   882  C CB  . MET A 1 132 ? 18.69284  -2.28826  1.86207   1.000 23.72815  ? 271 MET A CB  1 
ATOM   883  C CG  . MET A 1 132 ? 18.11592  -3.66843  2.07129   1.000 25.47572  ? 271 MET A CG  1 
ATOM   884  S SD  . MET A 1 132 ? 17.87836  -4.57671  0.53049   1.000 27.81674  ? 271 MET A SD  1 
ATOM   885  C CE  . MET A 1 132 ? 19.57211  -4.97101  0.10051   1.000 21.92329  ? 271 MET A CE  1 
ATOM   886  N N   . SER A 1 133 ? 19.46585  0.74988   2.53354   1.000 25.66468  ? 272 SER A N   1 
ATOM   887  C CA  . SER A 1 133 ? 20.28430  1.87509   2.11230   1.000 31.44170  ? 272 SER A CA  1 
ATOM   888  C C   . SER A 1 133 ? 21.10649  2.43230   3.27935   1.000 31.47945  ? 272 SER A C   1 
ATOM   889  O O   . SER A 1 133 ? 22.15820  3.02824   3.06213   1.000 33.14419  ? 272 SER A O   1 
ATOM   890  C CB  . SER A 1 133 ? 19.42394  2.98917   1.48662   1.000 31.64103  ? 272 SER A CB  1 
ATOM   891  O OG  . SER A 1 133 ? 18.68940  3.72398   2.45770   1.000 24.62756  ? 272 SER A OG  1 
ATOM   892  N N   . GLN A 1 134 ? 20.61362  2.27235   4.50516   1.000 31.21281  ? 273 GLN A N   1 
ATOM   893  C CA  . GLN A 1 134 ? 21.35388  2.75405   5.66864   1.000 34.61081  ? 273 GLN A CA  1 
ATOM   894  C C   . GLN A 1 134 ? 22.24126  1.70020   6.33179   1.000 32.11305  ? 273 GLN A C   1 
ATOM   895  O O   . GLN A 1 134 ? 23.07442  2.04446   7.16108   1.000 33.39552  ? 273 GLN A O   1 
ATOM   896  C CB  . GLN A 1 134 ? 20.39440  3.34152   6.70508   1.000 26.63055  ? 273 GLN A CB  1 
ATOM   897  C CG  . GLN A 1 134 ? 19.11300  2.59008   6.90138   1.000 37.61367  ? 273 GLN A CG  1 
ATOM   898  C CD  . GLN A 1 134 ? 18.19064  3.28370   7.89331   1.000 51.85687  ? 273 GLN A CD  1 
ATOM   899  O OE1 . GLN A 1 134 ? 18.22522  4.51681   8.04220   1.000 45.19451  ? 273 GLN A OE1 1 
ATOM   900  N NE2 . GLN A 1 134 ? 17.36555  2.49203   8.58922   1.000 36.19375  ? 273 GLN A NE2 1 
ATOM   901  N N   . TYR A 1 135 ? 22.09306  0.43591   5.94480   1.000 33.09893  ? 274 TYR A N   1 
ATOM   902  C CA  . TYR A 1 135 ? 22.91452  -0.64870  6.49965   1.000 27.33365  ? 274 TYR A CA  1 
ATOM   903  C C   . TYR A 1 135 ? 24.16426  -0.86025  5.64599   1.000 30.16153  ? 274 TYR A C   1 
ATOM   904  O O   . TYR A 1 135 ? 24.06585  -1.16077  4.46118   1.000 36.72108  ? 274 TYR A O   1 
ATOM   905  C CB  . TYR A 1 135 ? 22.13388  -1.95657  6.56239   1.000 30.58040  ? 274 TYR A CB  1 
ATOM   906  C CG  . TYR A 1 135 ? 21.27680  -2.18182  7.78801   1.000 32.98755  ? 274 TYR A CG  1 
ATOM   907  C CD1 . TYR A 1 135 ? 21.84873  -2.37087  9.03684   1.000 35.09338  ? 274 TYR A CD1 1 
ATOM   908  C CD2 . TYR A 1 135 ? 19.89292  -2.27238  7.68120   1.000 34.16090  ? 274 TYR A CD2 1 
ATOM   909  C CE1 . TYR A 1 135 ? 21.06420  -2.60711  10.16176  1.000 40.48557  ? 274 TYR A CE1 1 
ATOM   910  C CE2 . TYR A 1 135 ? 19.09645  -2.50935  8.79152   1.000 37.59246  ? 274 TYR A CE2 1 
ATOM   911  C CZ  . TYR A 1 135 ? 19.68639  -2.67745  10.03360  1.000 45.72093  ? 274 TYR A CZ  1 
ATOM   912  O OH  . TYR A 1 135 ? 18.89478  -2.91573  11.14262  1.000 39.41210  ? 274 TYR A OH  1 
ATOM   913  N N   . SER A 1 136 ? 25.33766  -0.71783  6.24287   1.000 30.45376  ? 275 SER A N   1 
ATOM   914  C CA  . SER A 1 136 ? 26.58640  -0.84052  5.49843   1.000 29.90751  ? 275 SER A CA  1 
ATOM   915  C C   . SER A 1 136 ? 26.73995  -2.18542  4.80845   1.000 31.85955  ? 275 SER A C   1 
ATOM   916  O O   . SER A 1 136 ? 27.19755  -2.25358  3.67691   1.000 33.60023  ? 275 SER A O   1 
ATOM   917  C CB  . SER A 1 136 ? 27.76775  -0.63210  6.42794   1.000 28.78300  ? 275 SER A CB  1 
ATOM   918  O OG  . SER A 1 136 ? 27.70751  0.64227   7.03066   1.000 41.55853  ? 275 SER A OG  1 
ATOM   919  N N   . GLN A 1 137 ? 26.36211  -3.25728  5.48825   1.000 28.25571  ? 276 GLN A N   1 
ATOM   920  C CA  . GLN A 1 137 ? 26.62937  -4.58961  4.96787   1.000 33.66151  ? 276 GLN A CA  1 
ATOM   921  C C   . GLN A 1 137 ? 25.71665  -4.90766  3.77749   1.000 35.30772  ? 276 GLN A C   1 
ATOM   922  O O   . GLN A 1 137 ? 26.00711  -5.81038  2.99463   1.000 32.38421  ? 276 GLN A O   1 
ATOM   923  C CB  . GLN A 1 137 ? 26.46176  -5.63905  6.07430   1.000 29.07778  ? 276 GLN A CB  1 
ATOM   924  C CG  . GLN A 1 137 ? 27.24070  -6.91907  5.82677   1.000 46.30167  ? 276 GLN A CG  1 
ATOM   925  C CD  . GLN A 1 137 ? 26.91090  -8.02402  6.82760   1.000 54.69420  ? 276 GLN A CD  1 
ATOM   926  O OE1 . GLN A 1 137 ? 26.27346  -7.78925  7.86343   1.000 44.83325  ? 276 GLN A OE1 1 
ATOM   927  N NE2 . GLN A 1 137 ? 27.35042  -9.24270  6.51648   1.000 50.75065  ? 276 GLN A NE2 1 
ATOM   928  N N   . ALA A 1 138 ? 24.63187  -4.14826  3.63114   1.000 34.39050  ? 277 ALA A N   1 
ATOM   929  C CA  . ALA A 1 138 ? 23.64935  -4.41028  2.58106   1.000 29.22219  ? 277 ALA A CA  1 
ATOM   930  C C   . ALA A 1 138 ? 24.16455  -4.02100  1.20149   1.000 28.40802  ? 277 ALA A C   1 
ATOM   931  O O   . ALA A 1 138 ? 23.68844  -4.53611  0.19901   1.000 29.45876  ? 277 ALA A O   1 
ATOM   932  C CB  . ALA A 1 138 ? 22.34390  -3.67645  2.87755   1.000 26.15250  ? 277 ALA A CB  1 
ATOM   933  N N   . GLY A 1 139 ? 25.12594  -3.10977  1.14643   1.000 29.30181  ? 278 GLY A N   1 
ATOM   934  C CA  . GLY A 1 139 ? 25.73320  -2.73760  -0.12147  1.000 32.06981  ? 278 GLY A CA  1 
ATOM   935  C C   . GLY A 1 139 ? 24.78164  -2.00759  -1.04529  1.000 30.26781  ? 278 GLY A C   1 
ATOM   936  O O   . GLY A 1 139 ? 24.78915  -2.19986  -2.25808  1.000 36.05618  ? 278 GLY A O   1 
ATOM   937  N N   . PHE A 1 140 ? 23.96747  -1.15117  -0.44420  1.000 34.25637  ? 279 PHE A N   1 
ATOM   938  C CA  . PHE A 1 140 ? 22.91917  -0.41737  -1.13245  1.000 32.96108  ? 279 PHE A CA  1 
ATOM   939  C C   . PHE A 1 140 ? 23.11968  1.09146   -0.91083  1.000 29.98253  ? 279 PHE A C   1 
ATOM   940  O O   . PHE A 1 140 ? 23.01956  1.56699   0.20834   1.000 38.67504  ? 279 PHE A O   1 
ATOM   941  C CB  . PHE A 1 140 ? 21.56762  -0.90616  -0.59485  1.000 32.17623  ? 279 PHE A CB  1 
ATOM   942  C CG  . PHE A 1 140 ? 20.36521  -0.34954  -1.30979  1.000 35.56082  ? 279 PHE A CG  1 
ATOM   943  C CD1 . PHE A 1 140 ? 20.03418  0.99463   -1.21532  1.000 33.42232  ? 279 PHE A CD1 1 
ATOM   944  C CD2 . PHE A 1 140 ? 19.53936  -1.18300  -2.04091  1.000 34.79409  ? 279 PHE A CD2 1 
ATOM   945  C CE1 . PHE A 1 140 ? 18.91666  1.49915   -1.85713  1.000 35.56730  ? 279 PHE A CE1 1 
ATOM   946  C CE2 . PHE A 1 140 ? 18.41763  -0.67833  -2.68093  1.000 40.78992  ? 279 PHE A CE2 1 
ATOM   947  C CZ  . PHE A 1 140 ? 18.10934  0.66368   -2.59084  1.000 31.95656  ? 279 PHE A CZ  1 
ATOM   948  N N   . SER A 1 141 ? 23.40944  1.84042   -1.96433  1.000 31.37305  ? 280 SER A N   1 
ATOM   949  C CA  . SER A 1 141 ? 23.68810  3.26955   -1.82973  1.000 32.91333  ? 280 SER A CA  1 
ATOM   950  C C   . SER A 1 141 ? 22.44514  4.06128   -1.46024  1.000 35.71692  ? 280 SER A C   1 
ATOM   951  O O   . SER A 1 141 ? 21.34670  3.76740   -1.92246  1.000 40.30137  ? 280 SER A O   1 
ATOM   952  C CB  . SER A 1 141 ? 24.27316  3.83070   -3.12536  1.000 36.42856  ? 280 SER A CB  1 
ATOM   953  O OG  . SER A 1 141 ? 25.50120  3.20189   -3.43485  1.000 52.61770  ? 280 SER A OG  1 
ATOM   954  N N   . ARG A 1 142 ? 22.63057  5.08076   -0.63302  1.000 37.54035  ? 281 ARG A N   1 
ATOM   955  C CA  . ARG A 1 142 ? 21.53832  5.95378   -0.23880  1.000 36.61418  ? 281 ARG A CA  1 
ATOM   956  C C   . ARG A 1 142 ? 20.93459  6.63506   -1.46917  1.000 37.27167  ? 281 ARG A C   1 
ATOM   957  O O   . ARG A 1 142 ? 19.74252  6.94460   -1.50428  1.000 34.30538  ? 281 ARG A O   1 
ATOM   958  C CB  . ARG A 1 142 ? 22.04821  6.98551   0.76590   1.000 40.83379  ? 281 ARG A CB  1 
ATOM   959  C CG  . ARG A 1 142 ? 21.02386  8.01530   1.21504   1.000 49.59818  ? 281 ARG A CG  1 
ATOM   960  C CD  . ARG A 1 142 ? 21.68794  9.17014   1.95788   1.000 52.28377  ? 281 ARG A CD  1 
ATOM   961  N NE  . ARG A 1 142 ? 20.71436  10.17899  2.37246   1.000 62.02188  ? 281 ARG A NE  1 
ATOM   962  C CZ  . ARG A 1 142 ? 20.17325  11.07783  1.55305   1.000 59.37071  ? 281 ARG A CZ  1 
ATOM   963  N NH1 . ARG A 1 142 ? 20.51087  11.08923  0.26990   1.000 54.52840  ? 281 ARG A NH1 1 
ATOM   964  N NH2 . ARG A 1 142 ? 19.29335  11.96629  2.01058   1.000 43.96205  ? 281 ARG A NH2 1 
ATOM   965  N N   . GLU A 1 143 ? 21.77446  6.85164   -2.47486  1.000 34.74639  ? 282 GLU A N   1 
ATOM   966  C CA  . GLU A 1 143 ? 21.38922  7.55883   -3.69242  1.000 37.40749  ? 282 GLU A CA  1 
ATOM   967  C C   . GLU A 1 143 ? 20.43907  6.78876   -4.59343  1.000 36.33311  ? 282 GLU A C   1 
ATOM   968  O O   . GLU A 1 143 ? 19.82789  7.37250   -5.49248  1.000 33.03771  ? 282 GLU A O   1 
ATOM   969  C CB  . GLU A 1 143 ? 22.61630  7.88339   -4.51746  1.000 36.23425  ? 282 GLU A CB  1 
ATOM   970  C CG  . GLU A 1 143 ? 23.50447  8.91714   -3.94915  1.000 40.51178  ? 282 GLU A CG  1 
ATOM   971  C CD  . GLU A 1 143 ? 24.71867  9.12541   -4.82409  1.000 48.21614  ? 282 GLU A CD  1 
ATOM   972  O OE1 . GLU A 1 143 ? 25.01930  8.23012   -5.64552  1.000 48.16179  ? 282 GLU A OE1 1 
ATOM   973  O OE2 . GLU A 1 143 ? 25.36540  10.18104  -4.69572  1.000 53.42173  ? 282 GLU A OE2 1 
ATOM   974  N N   . ASP A 1 144 ? 20.36932  5.47767   -4.38960  1.000 35.81846  ? 283 ASP A N   1 
ATOM   975  C CA  . ASP A 1 144 ? 19.64325  4.59634   -5.29939  1.000 34.94215  ? 283 ASP A CA  1 
ATOM   976  C C   . ASP A 1 144 ? 18.22084  4.30876   -4.84957  1.000 32.03797  ? 283 ASP A C   1 
ATOM   977  O O   . ASP A 1 144 ? 17.51126  3.56217   -5.51190  1.000 34.96954  ? 283 ASP A O   1 
ATOM   978  C CB  . ASP A 1 144 ? 20.39333  3.27629   -5.46716  1.000 34.85787  ? 283 ASP A CB  1 
ATOM   979  C CG  . ASP A 1 144 ? 21.75535  3.45711   -6.08364  1.000 42.49195  ? 283 ASP A CG  1 
ATOM   980  O OD1 . ASP A 1 144 ? 21.95883  4.46501   -6.78547  1.000 47.12654  ? 283 ASP A OD1 1 
ATOM   981  O OD2 . ASP A 1 144 ? 22.62493  2.58791   -5.87549  1.000 55.79902  ? 283 ASP A OD2 1 
ATOM   982  N N   . ARG A 1 145 ? 17.80159  4.89048   -3.73103  1.000 33.83430  ? 284 ARG A N   1 
ATOM   983  C CA  . ARG A 1 145 ? 16.45608  4.65524   -3.23411  1.000 32.87014  ? 284 ARG A CA  1 
ATOM   984  C C   . ARG A 1 145 ? 15.41574  4.97443   -4.28829  1.000 34.48604  ? 284 ARG A C   1 
ATOM   985  O O   . ARG A 1 145 ? 14.54655  4.15110   -4.56814  1.000 38.25992  ? 284 ARG A O   1 
ATOM   986  C CB  . ARG A 1 145 ? 16.16908  5.48634   -1.99163  1.000 31.43577  ? 284 ARG A CB  1 
ATOM   987  C CG  . ARG A 1 145 ? 16.76360  4.96745   -0.73853  1.000 25.29963  ? 284 ARG A CG  1 
ATOM   988  C CD  . ARG A 1 145 ? 16.10685  5.66755   0.43134   1.000 32.32321  ? 284 ARG A CD  1 
ATOM   989  N NE  . ARG A 1 145 ? 17.05420  5.93153   1.50570   1.000 34.46083  ? 284 ARG A NE  1 
ATOM   990  C CZ  . ARG A 1 145 ? 17.37263  7.13294   1.98317   1.000 36.01239  ? 284 ARG A CZ  1 
ATOM   991  N NH1 . ARG A 1 145 ? 16.83296  8.24873   1.51914   1.000 28.58038  ? 284 ARG A NH1 1 
ATOM   992  N NH2 . ARG A 1 145 ? 18.25023  7.21403   2.95967   1.000 42.84527  ? 284 ARG A NH2 1 
ATOM   993  N N   . LEU A 1 146 ? 15.49802  6.17473   -4.85553  1.000 35.36780  ? 285 LEU A N   1 
ATOM   994  C CA  . LEU A 1 146 ? 14.48869  6.65184   -5.80164  1.000 29.50826  ? 285 LEU A CA  1 
ATOM   995  C C   . LEU A 1 146 ? 14.38140  5.70840   -6.99976  1.000 32.76031  ? 285 LEU A C   1 
ATOM   996  O O   . LEU A 1 146 ? 13.28078  5.34086   -7.42330  1.000 29.43751  ? 285 LEU A O   1 
ATOM   997  C CB  . LEU A 1 146 ? 14.83064  8.06748   -6.26231  1.000 23.28027  ? 285 LEU A CB  1 
ATOM   998  C CG  . LEU A 1 146 ? 13.93072  8.74491   -7.29245  1.000 30.39481  ? 285 LEU A CG  1 
ATOM   999  C CD1 . LEU A 1 146 ? 12.47823  8.75944   -6.82717  1.000 33.27139  ? 285 LEU A CD1 1 
ATOM   1000 C CD2 . LEU A 1 146 ? 14.43408  10.16569  -7.57402  1.000 24.80102  ? 285 LEU A CD2 1 
ATOM   1001 N N   . GLU A 1 147 ? 15.53590  5.30930   -7.52374  1.000 29.74339  ? 286 GLU A N   1 
ATOM   1002 C CA  . GLU A 1 147 ? 15.60794  4.42961   -8.68648  1.000 32.38534  ? 286 GLU A CA  1 
ATOM   1003 C C   . GLU A 1 147 ? 15.01559  3.04820   -8.37852  1.000 35.04547  ? 286 GLU A C   1 
ATOM   1004 O O   . GLU A 1 147 ? 14.26574  2.49448   -9.18433  1.000 30.59379  ? 286 GLU A O   1 
ATOM   1005 C CB  . GLU A 1 147 ? 17.06567  4.30209   -9.15045  1.000 39.48437  ? 286 GLU A CB  1 
ATOM   1006 C CG  . GLU A 1 147 ? 17.29251  3.40807   -10.37700 1.000 44.82117  ? 286 GLU A CG  1 
ATOM   1007 C CD  . GLU A 1 147 ? 18.76686  3.06343   -10.58729 1.000 54.27879  ? 286 GLU A CD  1 
ATOM   1008 O OE1 . GLU A 1 147 ? 19.42316  3.69640   -11.44449 1.000 68.68333  ? 286 GLU A OE1 1 
ATOM   1009 O OE2 . GLU A 1 147 ? 19.26807  2.15263   -9.89237  1.000 54.87425  ? 286 GLU A OE2 1 
ATOM   1010 N N   . GLN A 1 148 ? 15.35714  2.48998   -7.22035  1.000 28.05742  ? 287 GLN A N   1 
ATOM   1011 C CA  . GLN A 1 148 ? 14.83852  1.18487   -6.83512  1.000 28.16238  ? 287 GLN A CA  1 
ATOM   1012 C C   . GLN A 1 148 ? 13.34538  1.26585   -6.53635  1.000 29.74007  ? 287 GLN A C   1 
ATOM   1013 O O   . GLN A 1 148 ? 12.58736  0.34184   -6.84131  1.000 27.24068  ? 287 GLN A O   1 
ATOM   1014 C CB  . GLN A 1 148 ? 15.58753  0.63665   -5.61973  1.000 27.15999  ? 287 GLN A CB  1 
ATOM   1015 C CG  . GLN A 1 148 ? 17.02814  0.22640   -5.89174  1.000 31.35471  ? 287 GLN A CG  1 
ATOM   1016 C CD  . GLN A 1 148 ? 17.16482  -0.83662  -6.96320  1.000 32.66732  ? 287 GLN A CD  1 
ATOM   1017 O OE1 . GLN A 1 148 ? 16.60417  -1.92723  -6.85543  1.000 36.90107  ? 287 GLN A OE1 1 
ATOM   1018 N NE2 . GLN A 1 148 ? 17.91251  -0.51697  -8.01192  1.000 35.27217  ? 287 GLN A NE2 1 
ATOM   1019 N N   . ALA A 1 149 ? 12.93132  2.37520   -5.93436  1.000 24.67229  ? 288 ALA A N   1 
ATOM   1020 C CA  . ALA A 1 149 ? 11.52618  2.61969   -5.65829  1.000 22.50925  ? 288 ALA A CA  1 
ATOM   1021 C C   . ALA A 1 149 ? 10.74062  2.63006   -6.95700  1.000 27.42768  ? 288 ALA A C   1 
ATOM   1022 O O   . ALA A 1 149 ? 9.67497   2.02919   -7.05072  1.000 30.69294  ? 288 ALA A O   1 
ATOM   1023 C CB  . ALA A 1 149 ? 11.35113  3.92808   -4.92448  1.000 26.60455  ? 288 ALA A CB  1 
ATOM   1024 N N   . LYS A 1 150 ? 11.28375  3.31527   -7.95986  1.000 29.10907  ? 289 LYS A N   1 
ATOM   1025 C CA  . LYS A 1 150 ? 10.65344  3.40700   -9.27222  1.000 31.11277  ? 289 LYS A CA  1 
ATOM   1026 C C   . LYS A 1 150 ? 10.57503  2.03950   -9.94951  1.000 32.77210  ? 289 LYS A C   1 
ATOM   1027 O O   . LYS A 1 150 ? 9.56334   1.69280   -10.56263 1.000 32.31251  ? 289 LYS A O   1 
ATOM   1028 C CB  . LYS A 1 150 ? 11.42413  4.38604   -10.16104 1.000 33.43529  ? 289 LYS A CB  1 
ATOM   1029 C CG  . LYS A 1 150 ? 11.19016  5.86192   -9.82195  1.000 39.09701  ? 289 LYS A CG  1 
ATOM   1030 C CD  . LYS A 1 150 ? 12.33105  6.74438   -10.31466 1.000 35.02214  ? 289 LYS A CD  1 
ATOM   1031 C CE  . LYS A 1 150 ? 11.87863  7.70275   -11.39696 1.000 54.37976  ? 289 LYS A CE  1 
ATOM   1032 N NZ  . LYS A 1 150 ? 13.00021  8.58602   -11.86652 1.000 54.66950  ? 289 LYS A NZ  1 
ATOM   1033 N N   . LEU A 1 151 ? 11.64914  1.26818   -9.83562  1.000 29.49445  ? 290 LEU A N   1 
ATOM   1034 C CA  . LEU A 1 151 ? 11.70207  -0.06003  -10.42553 1.000 27.39604  ? 290 LEU A CA  1 
ATOM   1035 C C   . LEU A 1 151 ? 10.72130  -0.99676  -9.72526  1.000 30.87562  ? 290 LEU A C   1 
ATOM   1036 O O   . LEU A 1 151 ? 10.09455  -1.84533  -10.35821 1.000 31.16542  ? 290 LEU A O   1 
ATOM   1037 C CB  . LEU A 1 151 ? 13.11990  -0.61402  -10.34723 1.000 29.53795  ? 290 LEU A CB  1 
ATOM   1038 C CG  . LEU A 1 151 ? 13.28176  -2.06997  -10.78089 1.000 37.26623  ? 290 LEU A CG  1 
ATOM   1039 C CD1 . LEU A 1 151 ? 12.95929  -2.18338  -12.26445 1.000 33.32464  ? 290 LEU A CD1 1 
ATOM   1040 C CD2 . LEU A 1 151 ? 14.67947  -2.57986  -10.47033 1.000 32.29642  ? 290 LEU A CD2 1 
ATOM   1041 N N   . PHE A 1 152 ? 10.61248  -0.84483  -8.41167  1.000 28.94427  ? 291 PHE A N   1 
ATOM   1042 C CA  . PHE A 1 152 ? 9.62916   -1.57589  -7.63190  1.000 27.62614  ? 291 PHE A CA  1 
ATOM   1043 C C   . PHE A 1 152 ? 8.20924   -1.29051  -8.12149  1.000 28.42152  ? 291 PHE A C   1 
ATOM   1044 O O   . PHE A 1 152 ? 7.43990   -2.21488  -8.39003  1.000 26.92607  ? 291 PHE A O   1 
ATOM   1045 C CB  . PHE A 1 152 ? 9.75529   -1.20790  -6.15730  1.000 26.67157  ? 291 PHE A CB  1 
ATOM   1046 C CG  . PHE A 1 152 ? 8.75061   -1.87915  -5.27759  1.000 24.54904  ? 291 PHE A CG  1 
ATOM   1047 C CD1 . PHE A 1 152 ? 9.01204   -3.11855  -4.72814  1.000 21.65120  ? 291 PHE A CD1 1 
ATOM   1048 C CD2 . PHE A 1 152 ? 7.54615   -1.26554  -4.99620  1.000 23.22232  ? 291 PHE A CD2 1 
ATOM   1049 C CE1 . PHE A 1 152 ? 8.09881   -3.73443  -3.91506  1.000 22.99094  ? 291 PHE A CE1 1 
ATOM   1050 C CE2 . PHE A 1 152 ? 6.62751   -1.87518  -4.18573  1.000 20.06394  ? 291 PHE A CE2 1 
ATOM   1051 C CZ  . PHE A 1 152 ? 6.90116   -3.11179  -3.64573  1.000 22.30509  ? 291 PHE A CZ  1 
ATOM   1052 N N   . CYS A 1 153 ? 7.86771   -0.01182  -8.23698  1.000 28.78886  ? 292 CYS A N   1 
ATOM   1053 C CA  A CYS A 1 153 ? 6.53965   0.37768   -8.70310  0.500 31.54460  ? 292 CYS A CA  1 
ATOM   1054 C CA  B CYS A 1 153 ? 6.54592   0.38432   -8.70787  0.500 32.10315  ? 292 CYS A CA  1 
ATOM   1055 C C   . CYS A 1 153 ? 6.29367   -0.12892  -10.11759 1.000 32.05340  ? 292 CYS A C   1 
ATOM   1056 O O   . CYS A 1 153 ? 5.20544   -0.60422  -10.43096 1.000 31.25233  ? 292 CYS A O   1 
ATOM   1057 C CB  A CYS A 1 153 ? 6.37228   1.89690   -8.65241  0.500 29.02993  ? 292 CYS A CB  1 
ATOM   1058 C CB  B CYS A 1 153 ? 6.39513   1.90261   -8.68112  0.500 28.66078  ? 292 CYS A CB  1 
ATOM   1059 S SG  A CYS A 1 153 ? 6.34911   2.57486   -6.97932  0.500 35.30216  ? 292 CYS A SG  1 
ATOM   1060 S SG  B CYS A 1 153 ? 4.81576   2.46877   -9.32300  0.500 38.92188  ? 292 CYS A SG  1 
ATOM   1061 N N   . ARG A 1 154 ? 7.31552   -0.02982  -10.96124 1.000 32.28510  ? 293 ARG A N   1 
ATOM   1062 C CA  . ARG A 1 154 ? 7.21131   -0.44893  -12.34908 1.000 30.57412  ? 293 ARG A CA  1 
ATOM   1063 C C   . ARG A 1 154 ? 7.02572   -1.95573  -12.44501 1.000 32.85280  ? 293 ARG A C   1 
ATOM   1064 O O   . ARG A 1 154 ? 6.20428   -2.43727  -13.22074 1.000 31.64060  ? 293 ARG A O   1 
ATOM   1065 C CB  . ARG A 1 154 ? 8.45141   -0.01529  -13.12110 1.000 32.72589  ? 293 ARG A CB  1 
ATOM   1066 C CG  . ARG A 1 154 ? 8.28013   -0.01244  -14.62225 1.000 40.92099  ? 293 ARG A CG  1 
ATOM   1067 C CD  . ARG A 1 154 ? 9.51282   0.56858   -15.32989 1.000 52.33095  ? 293 ARG A CD  1 
ATOM   1068 N NE  . ARG A 1 154 ? 9.88845   1.87805   -14.78641 1.000 62.53352  ? 293 ARG A NE  1 
ATOM   1069 C CZ  . ARG A 1 154 ? 11.05634  2.17877   -14.21182 1.000 60.65476  ? 293 ARG A CZ  1 
ATOM   1070 N NH1 . ARG A 1 154 ? 12.02875  1.27961   -14.08913 1.000 50.45000  ? 293 ARG A NH1 1 
ATOM   1071 N NH2 . ARG A 1 154 ? 11.25902  3.40984   -13.75890 1.000 55.87786  ? 293 ARG A NH2 1 
ATOM   1072 N N   . THR A 1 155 ? 7.77809   -2.69849  -11.64020 1.000 31.16215  ? 294 THR A N   1 
ATOM   1073 C CA  . THR A 1 155 ? 7.69560   -4.15223  -11.66267 1.000 28.18784  ? 294 THR A CA  1 
ATOM   1074 C C   . THR A 1 155 ? 6.34208   -4.59794  -11.13481 1.000 26.31501  ? 294 THR A C   1 
ATOM   1075 O O   . THR A 1 155 ? 5.67572   -5.43815  -11.72661 1.000 29.66254  ? 294 THR A O   1 
ATOM   1076 C CB  . THR A 1 155 ? 8.82136   -4.79215  -10.83408 1.000 28.13112  ? 294 THR A CB  1 
ATOM   1077 O OG1 . THR A 1 155 ? 10.09228  -4.39360  -11.36489 1.000 28.99755  ? 294 THR A OG1 1 
ATOM   1078 C CG2 . THR A 1 155 ? 8.71957   -6.28861  -10.87504 1.000 18.86672  ? 294 THR A CG2 1 
ATOM   1079 N N   . LEU A 1 156 ? 5.93634   -4.01618  -10.01966 1.000 26.57157  ? 295 LEU A N   1 
ATOM   1080 C CA  . LEU A 1 156 ? 4.65277   -4.32963  -9.42005  1.000 28.39372  ? 295 LEU A CA  1 
ATOM   1081 C C   . LEU A 1 156 ? 3.50040   -4.06776  -10.38723 1.000 32.27771  ? 295 LEU A C   1 
ATOM   1082 O O   . LEU A 1 156 ? 2.58314   -4.88709  -10.50504 1.000 33.51272  ? 295 LEU A O   1 
ATOM   1083 C CB  . LEU A 1 156 ? 4.47258   -3.51183  -8.14749  1.000 28.04545  ? 295 LEU A CB  1 
ATOM   1084 C CG  . LEU A 1 156 ? 3.33415   -3.92501  -7.22642  1.000 30.57066  ? 295 LEU A CG  1 
ATOM   1085 C CD1 . LEU A 1 156 ? 3.42700   -5.40064  -6.90344  1.000 27.74535  ? 295 LEU A CD1 1 
ATOM   1086 C CD2 . LEU A 1 156 ? 3.39361   -3.08795  -5.96213  1.000 26.52610  ? 295 LEU A CD2 1 
ATOM   1087 N N   . GLU A 1 157 ? 3.55205   -2.92628  -11.07348 1.000 29.51647  ? 296 GLU A N   1 
ATOM   1088 C CA  . GLU A 1 157 ? 2.55218   -2.57273  -12.08945 1.000 29.29573  ? 296 GLU A CA  1 
ATOM   1089 C C   . GLU A 1 157 ? 2.46368   -3.62225  -13.19204 1.000 27.95552  ? 296 GLU A C   1 
ATOM   1090 O O   . GLU A 1 157 ? 1.37602   -4.01103  -13.60126 1.000 32.04665  ? 296 GLU A O   1 
ATOM   1091 C CB  . GLU A 1 157 ? 2.87135   -1.20589  -12.71280 1.000 29.63466  ? 296 GLU A CB  1 
ATOM   1092 C CG  . GLU A 1 157 ? 2.50913   -0.00300  -11.82164 1.000 40.46607  ? 296 GLU A CG  1 
ATOM   1093 C CD  . GLU A 1 157 ? 3.15331   1.32367   -12.25144 1.000 52.07628  ? 296 GLU A CD  1 
ATOM   1094 O OE1 . GLU A 1 157 ? 3.98443   1.34392   -13.18781 1.000 50.33076  ? 296 GLU A OE1 1 
ATOM   1095 O OE2 . GLU A 1 157 ? 2.81495   2.36170   -11.63813 1.000 66.93313  ? 296 GLU A OE2 1 
ATOM   1096 N N   . ASP A 1 158 ? 3.61055   -4.07271  -13.68470 1.000 28.58489  ? 297 ASP A N   1 
ATOM   1097 C CA  . ASP A 1 158 ? 3.63211   -5.05412  -14.76276 1.000 30.16475  ? 297 ASP A CA  1 
ATOM   1098 C C   . ASP A 1 158 ? 3.07309   -6.38237  -14.27330 1.000 36.07704  ? 297 ASP A C   1 
ATOM   1099 O O   . ASP A 1 158 ? 2.39545   -7.08750  -15.01607 1.000 43.90791  ? 297 ASP A O   1 
ATOM   1100 C CB  . ASP A 1 158 ? 5.05447   -5.24076  -15.31171 1.000 32.35646  ? 297 ASP A CB  1 
ATOM   1101 C CG  . ASP A 1 158 ? 5.57535   -3.99494  -16.02509 1.000 39.75754  ? 297 ASP A CG  1 
ATOM   1102 O OD1 . ASP A 1 158 ? 4.75292   -3.12328  -16.38293 1.000 42.20982  ? 297 ASP A OD1 1 
ATOM   1103 O OD2 . ASP A 1 158 ? 6.80557   -3.88705  -16.23366 1.000 40.63862  ? 297 ASP A OD2 1 
ATOM   1104 N N   . ILE A 1 159 ? 3.34407   -6.71668  -13.01737 1.000 32.22889  ? 298 ILE A N   1 
ATOM   1105 C CA  . ILE A 1 159 ? 2.82503   -7.94493  -12.44206 1.000 33.31853  ? 298 ILE A CA  1 
ATOM   1106 C C   . ILE A 1 159 ? 1.30846   -7.89173  -12.29416 1.000 33.73575  ? 298 ILE A C   1 
ATOM   1107 O O   . ILE A 1 159 ? 0.61378   -8.81623  -12.70777 1.000 37.51936  ? 298 ILE A O   1 
ATOM   1108 C CB  . ILE A 1 159 ? 3.44415   -8.23332  -11.07221 1.000 31.86366  ? 298 ILE A CB  1 
ATOM   1109 C CG1 . ILE A 1 159 ? 4.94245   -8.50888  -11.20787 1.000 30.41650  ? 298 ILE A CG1 1 
ATOM   1110 C CG2 . ILE A 1 159 ? 2.74987   -9.42372  -10.43223 1.000 26.11483  ? 298 ILE A CG2 1 
ATOM   1111 C CD1 . ILE A 1 159 ? 5.67733   -8.52821  -9.87809  1.000 23.17562  ? 298 ILE A CD1 1 
ATOM   1112 N N   . LEU A 1 160 ? 0.80094   -6.81112  -11.70870 1.000 31.03426  ? 299 LEU A N   1 
ATOM   1113 C CA  . LEU A 1 160 ? -0.62554  -6.69533  -11.41112 1.000 36.86904  ? 299 LEU A CA  1 
ATOM   1114 C C   . LEU A 1 160 ? -1.47267  -6.51726  -12.67508 1.000 36.60412  ? 299 LEU A C   1 
ATOM   1115 O O   . LEU A 1 160 ? -2.62721  -6.93832  -12.72057 1.000 43.30494  ? 299 LEU A O   1 
ATOM   1116 C CB  . LEU A 1 160 ? -0.87334  -5.52977  -10.44665 1.000 33.43212  ? 299 LEU A CB  1 
ATOM   1117 C CG  . LEU A 1 160 ? -0.39462  -5.74655  -9.01274  1.000 36.00474  ? 299 LEU A CG  1 
ATOM   1118 C CD1 . LEU A 1 160 ? -0.63529  -4.49876  -8.19134  1.000 34.11706  ? 299 LEU A CD1 1 
ATOM   1119 C CD2 . LEU A 1 160 ? -1.07564  -6.95009  -8.37842  1.000 34.25055  ? 299 LEU A CD2 1 
ATOM   1120 N N   . ALA A 1 161 ? -0.89683  -5.88916  -13.69071 1.000 35.99160  ? 300 ALA A N   1 
ATOM   1121 C CA  . ALA A 1 161 ? -1.56241  -5.73147  -14.98030 1.000 37.75463  ? 300 ALA A CA  1 
ATOM   1122 C C   . ALA A 1 161 ? -1.99093  -7.07043  -15.54029 1.000 39.27744  ? 300 ALA A C   1 
ATOM   1123 O O   . ALA A 1 161 ? -3.07906  -7.21390  -16.09065 1.000 44.49713  ? 300 ALA A O   1 
ATOM   1124 C CB  . ALA A 1 161 ? -0.63856  -5.04176  -15.96492 1.000 28.18526  ? 300 ALA A CB  1 
ATOM   1125 N N   . ASP A 1 162 ? -1.08429  -8.03114  -15.41551 1.000 40.68196  ? 301 ASP A N   1 
ATOM   1126 C CA  . ASP A 1 162 ? -1.24015  -9.36463  -15.96594 1.000 42.07018  ? 301 ASP A CA  1 
ATOM   1127 C C   . ASP A 1 162 ? -1.73693  -10.38900 -14.95296 1.000 40.95488  ? 301 ASP A C   1 
ATOM   1128 O O   . ASP A 1 162 ? -1.82461  -11.57120 -15.26628 1.000 45.89002  ? 301 ASP A O   1 
ATOM   1129 C CB  . ASP A 1 162 ? 0.10165   -9.82651  -16.53153 1.000 48.07780  ? 301 ASP A CB  1 
ATOM   1130 C CG  . ASP A 1 162 ? -0.04660  -10.83802 -17.63705 1.000 48.80898  ? 301 ASP A CG  1 
ATOM   1131 O OD1 . ASP A 1 162 ? -1.13200  -10.90134 -18.25428 1.000 42.70878  ? 301 ASP A OD1 1 
ATOM   1132 O OD2 . ASP A 1 162 ? 0.93649   -11.57231 -17.90477 1.000 52.58954  ? 301 ASP A OD2 1 
ATOM   1133 N N   . ALA A 1 163 ? -2.01076  -9.95551  -13.72959 1.000 35.72787  ? 302 ALA A N   1 
ATOM   1134 C CA  . ALA A 1 163 ? -2.27635  -10.90061 -12.65152 1.000 34.43620  ? 302 ALA A CA  1 
ATOM   1135 C C   . ALA A 1 163 ? -3.75946  -11.24468 -12.52413 1.000 43.73776  ? 302 ALA A C   1 
ATOM   1136 O O   . ALA A 1 163 ? -4.59738  -10.34853 -12.42721 1.000 44.07989  ? 302 ALA A O   1 
ATOM   1137 C CB  . ALA A 1 163 ? -1.76247  -10.35849 -11.33966 1.000 32.15695  ? 302 ALA A CB  1 
ATOM   1138 N N   . PRO A 1 164 ? -4.08828  -12.55119 -12.50718 1.000 50.15666  ? 303 PRO A N   1 
ATOM   1139 C CA  . PRO A 1 164 ? -5.48583  -12.96149 -12.32458 1.000 48.81306  ? 303 PRO A CA  1 
ATOM   1140 C C   . PRO A 1 164 ? -6.03910  -12.51067 -10.98701 1.000 44.37124  ? 303 PRO A C   1 
ATOM   1141 O O   . PRO A 1 164 ? -7.17030  -12.05489 -10.92378 1.000 42.53565  ? 303 PRO A O   1 
ATOM   1142 C CB  . PRO A 1 164 ? -5.42647  -14.49400 -12.38711 1.000 51.58020  ? 303 PRO A CB  1 
ATOM   1143 C CG  . PRO A 1 164 ? -4.12292  -14.81457 -13.02711 1.000 52.80351  ? 303 PRO A CG  1 
ATOM   1144 C CD  . PRO A 1 164 ? -3.19501  -13.71805 -12.62741 1.000 46.70257  ? 303 PRO A CD  1 
ATOM   1145 N N   . GLU A 1 165 ? -5.23726  -12.64541 -9.93597  1.000 51.48227  ? 304 GLU A N   1 
ATOM   1146 C CA  . GLU A 1 165 ? -5.67723  -12.32236 -8.57619  1.000 45.67475  ? 304 GLU A CA  1 
ATOM   1147 C C   . GLU A 1 165 ? -6.17062  -10.90420 -8.45657  1.000 43.66208  ? 304 GLU A C   1 
ATOM   1148 O O   . GLU A 1 165 ? -7.05127  -10.62047 -7.64585  1.000 45.32598  ? 304 GLU A O   1 
ATOM   1149 C CB  . GLU A 1 165 ? -4.55527  -12.52917 -7.56336  1.000 38.22003  ? 304 GLU A CB  1 
ATOM   1150 C CG  . GLU A 1 165 ? -4.07480  -13.96109 -7.45424  1.000 36.42704  ? 304 GLU A CG  1 
ATOM   1151 C CD  . GLU A 1 165 ? -3.06757  -14.31663 -8.51696  1.000 41.61851  ? 304 GLU A CD  1 
ATOM   1152 O OE1 . GLU A 1 165 ? -2.71350  -13.41393 -9.31031  1.000 38.61984  ? 304 GLU A OE1 1 
ATOM   1153 O OE2 . GLU A 1 165 ? -2.63059  -15.49269 -8.55722  1.000 42.13153  ? 304 GLU A OE2 1 
ATOM   1154 N N   . SER A 1 166 ? -5.63623  -10.01169 -9.28039  1.000 36.74741  ? 305 SER A N   1 
ATOM   1155 C CA  . SER A 1 166 ? -6.11990  -8.65459  -9.24839  1.000 48.29147  ? 305 SER A CA  1 
ATOM   1156 C C   . SER A 1 166 ? -7.09365  -8.43849  -10.39703 1.000 61.62617  ? 305 SER A C   1 
ATOM   1157 O O   . SER A 1 166 ? -6.70997  -8.29463  -11.55423 1.000 62.46406  ? 305 SER A O   1 
ATOM   1158 C CB  . SER A 1 166 ? -4.95311  -7.68039  -9.35499  1.000 47.72718  ? 305 SER A CB  1 
ATOM   1159 O OG  . SER A 1 166 ? -5.40572  -6.34259  -9.48254  1.000 55.02093  ? 305 SER A OG  1 
ATOM   1160 N N   . GLN A 1 167 ? -8.37440  -8.39886  -10.05705 1.000 60.68676  ? 306 GLN A N   1 
ATOM   1161 C CA  . GLN A 1 167 ? -9.37062  -7.91189  -10.97875 1.000 61.86193  ? 306 GLN A CA  1 
ATOM   1162 C C   . GLN A 1 167 ? -10.08968 -6.74890  -10.31435 1.000 61.64612  ? 306 GLN A C   1 
ATOM   1163 O O   . GLN A 1 167 ? -10.94743 -6.94953  -9.45725  1.000 62.98755  ? 306 GLN A O   1 
ATOM   1164 C CB  . GLN A 1 167 ? -10.33644 -9.05490  -11.31220 1.000 67.37643  ? 306 GLN A CB  1 
ATOM   1165 C CG  . GLN A 1 167 ? -9.62767  -10.31603 -11.86084 1.000 67.27818  ? 306 GLN A CG  1 
ATOM   1166 C CD  . GLN A 1 167 ? -10.56546 -11.48855 -12.13169 1.000 71.35710  ? 306 GLN A CD  1 
ATOM   1167 O OE1 . GLN A 1 167 ? -11.77515 -11.39328 -11.91239 1.000 80.55030  ? 306 GLN A OE1 1 
ATOM   1168 N NE2 . GLN A 1 167 ? -10.00299 -12.60674 -12.59903 1.000 58.87567  ? 306 GLN A NE2 1 
ATOM   1169 N N   . ASN A 1 168 ? -9.75671  -5.53825  -10.73399 1.000 60.33083  ? 307 ASN A N   1 
ATOM   1170 C CA  . ASN A 1 168 ? -10.40516 -4.33091  -10.24278 1.000 63.03026  ? 307 ASN A CA  1 
ATOM   1171 C C   . ASN A 1 168 ? -10.51472 -4.31084  -8.70194  1.000 58.19481  ? 307 ASN A C   1 
ATOM   1172 O O   . ASN A 1 168 ? -11.39490 -3.63225  -8.15913  1.000 58.58855  ? 307 ASN A O   1 
ATOM   1173 C CB  . ASN A 1 168 ? -11.80158 -4.18623  -10.86313 1.000 61.73936  ? 307 ASN A CB  1 
ATOM   1174 N N   . ASN A 1 169 ? -9.67626  -5.08528  -8.00336  1.000 52.65468  ? 308 ASN A N   1 
ATOM   1175 C CA  . ASN A 1 169 ? -9.61017  -5.07216  -6.52813  1.000 52.07077  ? 308 ASN A CA  1 
ATOM   1176 C C   . ASN A 1 169 ? -8.39830  -4.34591  -5.93736  1.000 44.09792  ? 308 ASN A C   1 
ATOM   1177 O O   . ASN A 1 169 ? -8.21672  -4.32230  -4.72115  1.000 40.21080  ? 308 ASN A O   1 
ATOM   1178 C CB  . ASN A 1 169 ? -9.67407  -6.49705  -5.97551  1.000 44.61903  ? 308 ASN A CB  1 
ATOM   1179 C CG  . ASN A 1 169 ? -8.67236  -7.39843  -6.60902  1.000 48.91176  ? 308 ASN A CG  1 
ATOM   1180 O OD1 . ASN A 1 169 ? -7.66296  -6.93535  -7.13724  1.000 50.97888  ? 308 ASN A OD1 1 
ATOM   1181 N ND2 . ASN A 1 169 ? -8.93692  -8.69795  -6.56823  1.000 47.55287  ? 308 ASN A ND2 1 
ATOM   1182 N N   . CYS A 1 170 ? -7.53619  -3.82465  -6.79880  1.000 43.88886  ? 309 CYS A N   1 
ATOM   1183 C CA  . CYS A 1 170 ? -6.27196  -3.25599  -6.34934  1.000 37.22641  ? 309 CYS A CA  1 
ATOM   1184 C C   . CYS A 1 170 ? -5.90019  -1.98284  -7.11414  1.000 40.09232  ? 309 CYS A C   1 
ATOM   1185 O O   . CYS A 1 170 ? -6.07912  -1.90120  -8.32977  1.000 45.56199  ? 309 CYS A O   1 
ATOM   1186 C CB  . CYS A 1 170 ? -5.16864  -4.29899  -6.49554  1.000 35.72574  ? 309 CYS A CB  1 
ATOM   1187 S SG  . CYS A 1 170 ? -3.58205  -3.78261  -5.86950  1.000 40.55725  ? 309 CYS A SG  1 
ATOM   1188 N N   . ARG A 1 171 ? -5.39035  -0.99556  -6.38124  1.000 30.13234  ? 310 ARG A N   1 
ATOM   1189 C CA  . ARG A 1 171 ? -4.99333  0.28994   -6.94845  1.000 32.79789  ? 310 ARG A CA  1 
ATOM   1190 C C   . ARG A 1 171 ? -3.66166  0.78075   -6.38233  1.000 37.26396  ? 310 ARG A C   1 
ATOM   1191 O O   . ARG A 1 171 ? -3.51953  0.95020   -5.17127  1.000 35.55274  ? 310 ARG A O   1 
ATOM   1192 C CB  . ARG A 1 171 ? -6.06911  1.33271   -6.67403  1.000 39.99837  ? 310 ARG A CB  1 
ATOM   1193 C CG  . ARG A 1 171 ? -5.85072  2.65813   -7.38305  1.000 48.38587  ? 310 ARG A CG  1 
ATOM   1194 C CD  . ARG A 1 171 ? -6.11550  2.53587   -8.87361  1.000 60.30994  ? 310 ARG A CD  1 
ATOM   1195 N NE  . ARG A 1 171 ? -6.60333  3.79867   -9.42106  1.000 69.93942  ? 310 ARG A NE  1 
ATOM   1196 C CZ  . ARG A 1 171 ? -5.95631  4.56475   -10.29400 1.000 73.35660  ? 310 ARG A CZ  1 
ATOM   1197 N NH1 . ARG A 1 171 ? -4.76276  4.21884   -10.77012 1.000 73.30022  ? 310 ARG A NH1 1 
ATOM   1198 N NH2 . ARG A 1 171 ? -6.52822  5.68988   -10.70186 1.000 72.50689  ? 310 ARG A NH2 1 
ATOM   1199 N N   . LEU A 1 172 ? -2.69577  1.03295   -7.26157  1.000 37.41947  ? 311 LEU A N   1 
ATOM   1200 C CA  . LEU A 1 172 ? -1.40160  1.56780   -6.84160  1.000 35.91971  ? 311 LEU A CA  1 
ATOM   1201 C C   . LEU A 1 172 ? -1.38014  3.08710   -6.86739  1.000 35.20070  ? 311 LEU A C   1 
ATOM   1202 O O   . LEU A 1 172 ? -1.70831  3.70483   -7.88027  1.000 38.36835  ? 311 LEU A O   1 
ATOM   1203 C CB  . LEU A 1 172 ? -0.28949  1.03826   -7.73995  1.000 31.61775  ? 311 LEU A CB  1 
ATOM   1204 C CG  . LEU A 1 172 ? -0.11428  -0.47221  -7.79858  1.000 39.08165  ? 311 LEU A CG  1 
ATOM   1205 C CD1 . LEU A 1 172 ? 1.15371   -0.77110  -8.57285  1.000 35.65641  ? 311 LEU A CD1 1 
ATOM   1206 C CD2 . LEU A 1 172 ? -0.07109  -1.10147  -6.40252  1.000 33.56400  ? 311 LEU A CD2 1 
ATOM   1207 N N   . ILE A 1 173 ? -0.99087  3.68664   -5.75130  1.000 29.28435  ? 312 ILE A N   1 
ATOM   1208 C CA  . ILE A 1 173 ? -0.80366  5.12623   -5.70414  1.000 29.63611  ? 312 ILE A CA  1 
ATOM   1209 C C   . ILE A 1 173 ? 0.67666   5.43351   -5.50751  1.000 29.83961  ? 312 ILE A C   1 
ATOM   1210 O O   . ILE A 1 173 ? 1.23839   5.25005   -4.42961  1.000 31.44472  ? 312 ILE A O   1 
ATOM   1211 C CB  . ILE A 1 173 ? -1.64593  5.75085   -4.58715  1.000 29.68155  ? 312 ILE A CB  1 
ATOM   1212 C CG1 . ILE A 1 173 ? -3.11937  5.39452   -4.80268  1.000 32.08925  ? 312 ILE A CG1 1 
ATOM   1213 C CG2 . ILE A 1 173 ? -1.47060  7.25943   -4.55501  1.000 22.46216  ? 312 ILE A CG2 1 
ATOM   1214 C CD1 . ILE A 1 173 ? -3.98580  5.64322   -3.59247  1.000 35.19510  ? 312 ILE A CD1 1 
ATOM   1215 N N   . ALA A 1 174 ? 1.29236   5.92708   -6.56920  1.000 27.04430  ? 313 ALA A N   1 
ATOM   1216 C CA  . ALA A 1 174 ? 2.70822   6.22282   -6.56979  1.000 29.42608  ? 313 ALA A CA  1 
ATOM   1217 C C   . ALA A 1 174 ? 2.84576   7.72395   -6.67260  1.000 32.63682  ? 313 ALA A C   1 
ATOM   1218 O O   . ALA A 1 174 ? 2.14572   8.36278   -7.44929  1.000 34.72413  ? 313 ALA A O   1 
ATOM   1219 C CB  . ALA A 1 174 ? 3.41013   5.51356   -7.71871  1.000 28.77483  ? 313 ALA A CB  1 
ATOM   1220 N N   . TYR A 1 175 ? 3.70724   8.29069   -5.84198  1.000 31.14652  ? 314 TYR A N   1 
ATOM   1221 C CA  . TYR A 1 175 ? 3.84110   9.72951   -5.77348  1.000 30.62556  ? 314 TYR A CA  1 
ATOM   1222 C C   . TYR A 1 175 ? 5.23860   10.12237  -5.31516  1.000 36.71768  ? 314 TYR A C   1 
ATOM   1223 O O   . TYR A 1 175 ? 5.89079   9.40311   -4.55967  1.000 35.91216  ? 314 TYR A O   1 
ATOM   1224 C CB  . TYR A 1 175 ? 2.77974   10.30432  -4.84096  1.000 27.66298  ? 314 TYR A CB  1 
ATOM   1225 C CG  . TYR A 1 175 ? 2.81511   9.72069   -3.45521  1.000 30.10544  ? 314 TYR A CG  1 
ATOM   1226 C CD1 . TYR A 1 175 ? 2.16844   8.52829   -3.17352  1.000 26.19526  ? 314 TYR A CD1 1 
ATOM   1227 C CD2 . TYR A 1 175 ? 3.50405   10.35863  -2.42979  1.000 23.71589  ? 314 TYR A CD2 1 
ATOM   1228 C CE1 . TYR A 1 175 ? 2.19525   7.99137   -1.91469  1.000 25.59784  ? 314 TYR A CE1 1 
ATOM   1229 C CE2 . TYR A 1 175 ? 3.53740   9.83051   -1.16690  1.000 25.82534  ? 314 TYR A CE2 1 
ATOM   1230 C CZ  . TYR A 1 175 ? 2.87823   8.64274   -0.90880  1.000 27.87643  ? 314 TYR A CZ  1 
ATOM   1231 O OH  . TYR A 1 175 ? 2.90343   8.09075   0.35526   1.000 31.25005  ? 314 TYR A OH  1 
ATOM   1232 N N   . GLN A 1 176 ? 5.69632   11.26786  -5.79158  1.000 45.63550  ? 315 GLN A N   1 
ATOM   1233 C CA  . GLN A 1 176 ? 6.97239   11.80884  -5.37617  1.000 52.54136  ? 315 GLN A CA  1 
ATOM   1234 C C   . GLN A 1 176 ? 6.69080   13.15175  -4.74486  1.000 55.72443  ? 315 GLN A C   1 
ATOM   1235 O O   . GLN A 1 176 ? 6.19401   14.05812  -5.41122  1.000 65.54182  ? 315 GLN A O   1 
ATOM   1236 C CB  . GLN A 1 176 ? 7.92793   11.93862  -6.56128  1.000 46.70865  ? 315 GLN A CB  1 
ATOM   1237 C CG  . GLN A 1 176 ? 9.33842   12.34224  -6.17196  1.000 49.51246  ? 315 GLN A CG  1 
ATOM   1238 C CD  . GLN A 1 176 ? 10.28173  12.32849  -7.35199  1.000 56.40653  ? 315 GLN A CD  1 
ATOM   1239 O OE1 . GLN A 1 176 ? 9.98947   11.72390  -8.38531  1.000 56.49914  ? 315 GLN A OE1 1 
ATOM   1240 N NE2 . GLN A 1 176 ? 11.42358  12.99712  -7.20850  1.000 57.08717  ? 315 GLN A NE2 1 
ATOM   1241 N N   . GLU A 1 177 ? 6.96081   13.27420  -3.45209  1.000 56.32789  ? 316 GLU A N   1 
ATOM   1242 C CA  . GLU A 1 177 ? 6.70364   14.53024  -2.76260  1.000 66.58264  ? 316 GLU A CA  1 
ATOM   1243 C C   . GLU A 1 177 ? 7.66581   15.62014  -3.24191  1.000 76.71145  ? 316 GLU A C   1 
ATOM   1244 O O   . GLU A 1 177 ? 8.81758   15.32965  -3.55482  1.000 82.91472  ? 316 GLU A O   1 
ATOM   1245 C CB  . GLU A 1 177 ? 6.81524   14.35657  -1.24634  1.000 64.11728  ? 316 GLU A CB  1 
ATOM   1246 C CG  . GLU A 1 177 ? 5.54720   13.83140  -0.60278  1.000 60.41730  ? 316 GLU A CG  1 
ATOM   1247 C CD  . GLU A 1 177 ? 5.47517   14.14900  0.87638   1.000 60.78879  ? 316 GLU A CD  1 
ATOM   1248 O OE1 . GLU A 1 177 ? 5.32980   13.21481  1.69427   1.000 62.05669  ? 316 GLU A OE1 1 
ATOM   1249 O OE2 . GLU A 1 177 ? 5.56276   15.34459  1.22350   1.000 70.05707  ? 316 GLU A OE2 1 
ATOM   1250 N N   . PRO A 1 178 ? 7.18645   16.87663  -3.32880  1.000 86.92895  ? 317 PRO A N   1 
ATOM   1251 C CA  . PRO A 1 178 ? 8.05984   18.00230  -3.69071  1.000 94.92675  ? 317 PRO A CA  1 
ATOM   1252 C C   . PRO A 1 178 ? 9.25508   18.16880  -2.74193  1.000 102.81533 ? 317 PRO A C   1 
ATOM   1253 O O   . PRO A 1 178 ? 10.25883  18.74116  -3.16569  1.000 104.75671 ? 317 PRO A O   1 
ATOM   1254 C CB  . PRO A 1 178 ? 7.12011   19.20770  -3.62418  1.000 94.94377  ? 317 PRO A CB  1 
ATOM   1255 C CG  . PRO A 1 178 ? 5.76653   18.64043  -3.86565  1.000 89.95176  ? 317 PRO A CG  1 
ATOM   1256 C CD  . PRO A 1 178 ? 5.78567   17.30609  -3.18380  1.000 84.40554  ? 317 PRO A CD  1 
ATOM   1257 N N   . ALA A 1 179 ? 9.18153   17.61415  -1.52566  1.000 99.99163  ? 318 ALA A N   1 
ATOM   1258 C CA  . ALA A 1 179 ? 10.32202  17.63472  -0.60515  1.000 98.45759  ? 318 ALA A CA  1 
ATOM   1259 C C   . ALA A 1 179 ? 10.80053  19.04611  -0.18208  1.000 108.51514 ? 318 ALA A C   1 
ATOM   1260 O O   . ALA A 1 179 ? 11.96778  19.38463  -0.40099  1.000 108.19606 ? 318 ALA A O   1 
ATOM   1261 C CB  . ALA A 1 179 ? 11.49046  16.84091  -1.20960  1.000 88.95379  ? 318 ALA A CB  1 
ATOM   1262 N N   . ASP A 1 180 ? 9.88842   19.84033  0.38235   1.000 113.13442 ? 319 ASP A N   1 
ATOM   1263 C CA  . ASP A 1 180 ? 10.12161  21.21058  0.88961   1.000 109.50786 ? 319 ASP A CA  1 
ATOM   1264 C C   . ASP A 1 180 ? 10.07930  22.25519  -0.23181  1.000 111.47995 ? 319 ASP A C   1 
ATOM   1265 O O   . ASP A 1 180 ? 10.19057  23.45305  0.03868   1.000 113.31781 ? 319 ASP A O   1 
ATOM   1266 C CB  . ASP A 1 180 ? 11.45478  21.34856  1.66754   1.000 109.64269 ? 319 ASP A CB  1 
ATOM   1267 C CG  . ASP A 1 180 ? 11.45313  20.60172  2.98948   1.000 110.47807 ? 319 ASP A CG  1 
ATOM   1268 O OD1 . ASP A 1 180 ? 10.76955  21.06207  3.93005   1.000 109.37337 ? 319 ASP A OD1 1 
ATOM   1269 O OD2 . ASP A 1 180 ? 12.16068  19.58031  3.09571   1.000 112.05281 ? 319 ASP A OD2 1 
ATOM   1270 N N   . ASP A 1 181 ? 9.94963   21.82062  -1.48429  1.000 113.02720 ? 320 ASP A N   1 
ATOM   1271 C CA  . ASP A 1 181 ? 9.57348   22.74289  -2.55232  1.000 113.26378 ? 320 ASP A CA  1 
ATOM   1272 C C   . ASP A 1 181 ? 8.17947   23.29957  -2.26459  1.000 116.27411 ? 320 ASP A C   1 
ATOM   1273 O O   . ASP A 1 181 ? 7.91427   24.47848  -2.50598  1.000 118.16538 ? 320 ASP A O   1 
ATOM   1274 C CB  . ASP A 1 181 ? 9.58519   22.06034  -3.93212  1.000 111.45262 ? 320 ASP A CB  1 
ATOM   1275 C CG  . ASP A 1 181 ? 10.89922  21.34252  -4.23260  1.000 108.82328 ? 320 ASP A CG  1 
ATOM   1276 O OD1 . ASP A 1 181 ? 11.73992  21.21302  -3.31584  1.000 109.69435 ? 320 ASP A OD1 1 
ATOM   1277 O OD2 . ASP A 1 181 ? 11.08194  20.89231  -5.38608  1.000 95.93290  ? 320 ASP A OD2 1 
ATOM   1278 N N   . SER A 1 182 ? 7.28626   22.46027  -1.74038  1.000 108.84449 ? 321 SER A N   1 
ATOM   1279 C CA  . SER A 1 182 ? 5.88685   22.86527  -1.61417  1.000 108.11668 ? 321 SER A CA  1 
ATOM   1280 C C   . SER A 1 182 ? 5.00044   22.04492  -0.67548  1.000 104.03107 ? 321 SER A C   1 
ATOM   1281 O O   . SER A 1 182 ? 5.43127   21.08130  -0.03737  1.000 100.86370 ? 321 SER A O   1 
ATOM   1282 C CB  . SER A 1 182 ? 5.22289   22.83980  -2.99613  1.000 111.46367 ? 321 SER A CB  1 
ATOM   1283 O OG  . SER A 1 182 ? 5.97029   23.54233  -3.97151  1.000 109.66269 ? 321 SER A OG  1 
ATOM   1284 N N   . SER A 1 183 ? 3.73655   22.46163  -0.63427  1.000 104.99566 ? 322 SER A N   1 
ATOM   1285 C CA  . SER A 1 183 ? 2.67339   21.74553  0.05545   1.000 102.26441 ? 322 SER A CA  1 
ATOM   1286 C C   . SER A 1 183 ? 2.28976   20.49770  -0.72293  1.000 97.08706  ? 322 SER A C   1 
ATOM   1287 O O   . SER A 1 183 ? 2.26381   20.50138  -1.95871  1.000 97.03461  ? 322 SER A O   1 
ATOM   1288 C CB  . SER A 1 183 ? 1.43734   22.63660  0.23706   1.000 97.18280  ? 322 SER A CB  1 
ATOM   1289 O OG  . SER A 1 183 ? 0.65987   22.66015  -0.94956  1.000 88.54061  ? 322 SER A OG  1 
ATOM   1290 N N   . PHE A 1 184 ? 1.98263   19.44307  0.02288   1.000 83.17330  ? 323 PHE A N   1 
ATOM   1291 C CA  . PHE A 1 184 ? 1.54030   18.17432  -0.54062  1.000 76.20741  ? 323 PHE A CA  1 
ATOM   1292 C C   . PHE A 1 184 ? 0.38075   17.65255  0.29442   1.000 65.30798  ? 323 PHE A C   1 
ATOM   1293 O O   . PHE A 1 184 ? 0.40617   17.76821  1.51938   1.000 66.55254  ? 323 PHE A O   1 
ATOM   1294 C CB  . PHE A 1 184 ? 2.67448   17.14147  -0.56894  1.000 71.78452  ? 323 PHE A CB  1 
ATOM   1295 C CG  . PHE A 1 184 ? 2.27164   15.81394  -1.16819  1.000 64.47908  ? 323 PHE A CG  1 
ATOM   1296 C CD1 . PHE A 1 184 ? 2.07924   15.68139  -2.53366  1.000 60.92364  ? 323 PHE A CD1 1 
ATOM   1297 C CD2 . PHE A 1 184 ? 2.06850   14.70392  -0.36375  1.000 60.49936  ? 323 PHE A CD2 1 
ATOM   1298 C CE1 . PHE A 1 184 ? 1.70073   14.46893  -3.08669  1.000 57.43476  ? 323 PHE A CE1 1 
ATOM   1299 C CE2 . PHE A 1 184 ? 1.68909   13.48451  -0.91776  1.000 53.58884  ? 323 PHE A CE2 1 
ATOM   1300 C CZ  . PHE A 1 184 ? 1.50631   13.37235  -2.27622  1.000 51.03316  ? 323 PHE A CZ  1 
ATOM   1301 N N   . SER A 1 185 ? -0.63900  17.10288  -0.36980  1.000 58.33556  ? 324 SER A N   1 
ATOM   1302 C CA  . SER A 1 185 ? -1.76193  16.45663  0.32498   1.000 56.13949  ? 324 SER A CA  1 
ATOM   1303 C C   . SER A 1 185 ? -1.86678  14.99248  -0.06732  1.000 48.14716  ? 324 SER A C   1 
ATOM   1304 O O   . SER A 1 185 ? -2.25828  14.66321  -1.18802  1.000 46.59774  ? 324 SER A O   1 
ATOM   1305 C CB  . SER A 1 185 ? -3.08048  17.16916  0.01630   1.000 45.50299  ? 324 SER A CB  1 
ATOM   1306 O OG  . SER A 1 185 ? -4.18135  16.52251  0.63029   1.000 40.55475  ? 324 SER A OG  1 
ATOM   1307 N N   . LEU A 1 186 ? -1.54923  14.12611  0.88985   1.000 45.34631  ? 325 LEU A N   1 
ATOM   1308 C CA  . LEU A 1 186 ? -1.60895  12.68659  0.67564   1.000 42.99549  ? 325 LEU A CA  1 
ATOM   1309 C C   . LEU A 1 186 ? -3.07003  12.28551  0.52560   1.000 37.13185  ? 325 LEU A C   1 
ATOM   1310 O O   . LEU A 1 186 ? -3.43290  11.55698  -0.39614  1.000 40.06455  ? 325 LEU A O   1 
ATOM   1311 C CB  . LEU A 1 186 ? -0.93257  11.94244  1.83538   1.000 41.44083  ? 325 LEU A CB  1 
ATOM   1312 C CG  . LEU A 1 186 ? -0.80453  10.42322  1.73245   1.000 40.12126  ? 325 LEU A CG  1 
ATOM   1313 C CD1 . LEU A 1 186 ? 0.04229   10.03522  0.54699   1.000 36.61821  ? 325 LEU A CD1 1 
ATOM   1314 C CD2 . LEU A 1 186 ? -0.20793  9.86234   3.00997   1.000 43.52560  ? 325 LEU A CD2 1 
ATOM   1315 N N   . SER A 1 187 ? -3.90411  12.78653  1.42768   1.000 34.14595  ? 326 SER A N   1 
ATOM   1316 C CA  . SER A 1 187 ? -5.34632  12.55945  1.36425   1.000 34.97451  ? 326 SER A CA  1 
ATOM   1317 C C   . SER A 1 187 ? -5.98176  13.02860  0.04134   1.000 34.24925  ? 326 SER A C   1 
ATOM   1318 O O   . SER A 1 187 ? -6.83560  12.34605  -0.50461  1.000 38.35947  ? 326 SER A O   1 
ATOM   1319 C CB  . SER A 1 187 ? -6.03140  13.25023  2.53912   1.000 31.01295  ? 326 SER A CB  1 
ATOM   1320 O OG  . SER A 1 187 ? -5.80601  14.64240  2.49757   1.000 33.75254  ? 326 SER A OG  1 
ATOM   1321 N N   . GLN A 1 188 ? -5.58066  14.18253  -0.47733  1.000 35.90538  ? 327 GLN A N   1 
ATOM   1322 C CA  . GLN A 1 188 ? -6.03840  14.59499  -1.80470  1.000 38.15157  ? 327 GLN A CA  1 
ATOM   1323 C C   . GLN A 1 188 ? -5.50080  13.68606  -2.89380  1.000 42.48162  ? 327 GLN A C   1 
ATOM   1324 O O   . GLN A 1 188 ? -6.17901  13.42270  -3.89010  1.000 40.94164  ? 327 GLN A O   1 
ATOM   1325 C CB  . GLN A 1 188 ? -5.61826  16.02599  -2.11589  1.000 38.45725  ? 327 GLN A CB  1 
ATOM   1326 C CG  . GLN A 1 188 ? -6.41752  17.07677  -1.39734  1.000 35.78516  ? 327 GLN A CG  1 
ATOM   1327 C CD  . GLN A 1 188 ? -7.84646  17.10532  -1.87858  1.000 41.05517  ? 327 GLN A CD  1 
ATOM   1328 O OE1 . GLN A 1 188 ? -8.11384  17.41891  -3.03746  1.000 37.73783  ? 327 GLN A OE1 1 
ATOM   1329 N NE2 . GLN A 1 188 ? -8.77641  16.75935  -0.99493  1.000 38.60774  ? 327 GLN A NE2 1 
ATOM   1330 N N   . GLU A 1 189 ? -4.27145  13.21784  -2.70997  1.000 44.13647  ? 328 GLU A N   1 
ATOM   1331 C CA  . GLU A 1 189 ? -3.67918  12.30563  -3.67492  1.000 49.28535  ? 328 GLU A CA  1 
ATOM   1332 C C   . GLU A 1 189 ? -4.55897  11.05792  -3.77178  1.000 43.32719  ? 328 GLU A C   1 
ATOM   1333 O O   . GLU A 1 189 ? -4.94501  10.65152  -4.86179  1.000 48.07051  ? 328 GLU A O   1 
ATOM   1334 C CB  . GLU A 1 189 ? -2.24183  11.94797  -3.28514  1.000 42.50506  ? 328 GLU A CB  1 
ATOM   1335 C CG  . GLU A 1 189 ? -1.48684  11.20445  -4.37076  1.000 45.37687  ? 328 GLU A CG  1 
ATOM   1336 C CD  . GLU A 1 189 ? -1.18531  12.06356  -5.58487  1.000 61.11656  ? 328 GLU A CD  1 
ATOM   1337 O OE1 . GLU A 1 189 ? -1.09251  13.30317  -5.43186  1.000 61.57485  ? 328 GLU A OE1 1 
ATOM   1338 O OE2 . GLU A 1 189 ? -1.04197  11.49373  -6.69419  1.000 62.45062  ? 328 GLU A OE2 1 
ATOM   1339 N N   . VAL A 1 190 ? -4.91206  10.48655  -2.62327  1.000 37.19735  ? 329 VAL A N   1 
ATOM   1340 C CA  . VAL A 1 190 ? -5.76257  9.29999   -2.58163  1.000 38.77070  ? 329 VAL A CA  1 
ATOM   1341 C C   . VAL A 1 190 ? -7.15907  9.59713   -3.12303  1.000 41.05949  ? 329 VAL A C   1 
ATOM   1342 O O   . VAL A 1 190 ? -7.72674  8.80487   -3.87363  1.000 41.48585  ? 329 VAL A O   1 
ATOM   1343 C CB  . VAL A 1 190 ? -5.90275  8.73865   -1.13292  1.000 42.04666  ? 329 VAL A CB  1 
ATOM   1344 C CG1 . VAL A 1 190 ? -6.76735  7.46416   -1.11340  1.000 33.81207  ? 329 VAL A CG1 1 
ATOM   1345 C CG2 . VAL A 1 190 ? -4.53472  8.45492   -0.51848  1.000 35.77027  ? 329 VAL A CG2 1 
ATOM   1346 N N   . LEU A 1 191 ? -7.71848  10.73354  -2.72463  1.000 37.77280  ? 330 LEU A N   1 
ATOM   1347 C CA  . LEU A 1 191 ? -9.06908  11.08780  -3.12831  1.000 38.29422  ? 330 LEU A CA  1 
ATOM   1348 C C   . LEU A 1 191 ? -9.17698  11.19299  -4.64208  1.000 45.27881  ? 330 LEU A C   1 
ATOM   1349 O O   . LEU A 1 191 ? -10.21568 10.89847  -5.22082  1.000 44.97569  ? 330 LEU A O   1 
ATOM   1350 C CB  . LEU A 1 191 ? -9.48713  12.39842  -2.47159  1.000 40.90814  ? 330 LEU A CB  1 
ATOM   1351 C CG  . LEU A 1 191 ? -9.93549  12.25157  -1.02083  1.000 38.65801  ? 330 LEU A CG  1 
ATOM   1352 C CD1 . LEU A 1 191 ? -10.19336 13.61264  -0.42052  1.000 31.33442  ? 330 LEU A CD1 1 
ATOM   1353 C CD2 . LEU A 1 191 ? -11.17832 11.35807  -0.91314  1.000 36.10207  ? 330 LEU A CD2 1 
ATOM   1354 N N   . ARG A 1 192 ? -8.09009  11.60881  -5.27761  1.000 48.90942  ? 331 ARG A N   1 
ATOM   1355 C CA  . ARG A 1 192 ? -8.04441  11.70899  -6.72570  1.000 48.06382  ? 331 ARG A CA  1 
ATOM   1356 C C   . ARG A 1 192 ? -8.33133  10.35220  -7.36688  1.000 52.55409  ? 331 ARG A C   1 
ATOM   1357 O O   . ARG A 1 192 ? -9.18134  10.23805  -8.24586  1.000 56.04113  ? 331 ARG A O   1 
ATOM   1358 C CB  . ARG A 1 192 ? -6.68197  12.23880  -7.16246  1.000 49.53016  ? 331 ARG A CB  1 
ATOM   1359 C CG  . ARG A 1 192 ? -6.62932  12.78572  -8.57929  1.000 62.79341  ? 331 ARG A CG  1 
ATOM   1360 C CD  . ARG A 1 192 ? -5.25391  13.36260  -8.87516  1.000 64.05685  ? 331 ARG A CD  1 
ATOM   1361 N NE  . ARG A 1 192 ? -4.85938  14.31481  -7.83964  1.000 67.20395  ? 331 ARG A NE  1 
ATOM   1362 C CZ  . ARG A 1 192 ? -3.60436  14.58219  -7.48851  1.000 74.83633  ? 331 ARG A CZ  1 
ATOM   1363 N NH1 . ARG A 1 192 ? -2.58618  13.96973  -8.08478  1.000 69.95492  ? 331 ARG A NH1 1 
ATOM   1364 N NH2 . ARG A 1 192 ? -3.37166  15.46878  -6.52794  1.000 69.87007  ? 331 ARG A NH2 1 
ATOM   1365 N N   . HIS A 1 193 ? -7.62731  9.32237   -6.91555  1.000 53.48314  ? 332 HIS A N   1 
ATOM   1366 C CA  . HIS A 1 193 ? -7.80065  7.98230   -7.47081  1.000 52.89267  ? 332 HIS A CA  1 
ATOM   1367 C C   . HIS A 1 193 ? -9.16320  7.42449   -7.08777  1.000 55.49131  ? 332 HIS A C   1 
ATOM   1368 O O   . HIS A 1 193 ? -9.78743  6.68926   -7.85762  1.000 59.00036  ? 332 HIS A O   1 
ATOM   1369 C CB  . HIS A 1 193 ? -6.69537  7.04530   -6.97851  1.000 47.12937  ? 332 HIS A CB  1 
ATOM   1370 C CG  . HIS A 1 193 ? -5.32252  7.43015   -7.43714  1.000 48.76939  ? 332 HIS A CG  1 
ATOM   1371 N ND1 . HIS A 1 193 ? -4.64711  6.74502   -8.42513  1.000 49.78650  ? 332 HIS A ND1 1 
ATOM   1372 C CD2 . HIS A 1 193 ? -4.49398  8.42160   -7.03499  1.000 39.98540  ? 332 HIS A CD2 1 
ATOM   1373 C CE1 . HIS A 1 193 ? -3.46252  7.30094   -8.61184  1.000 47.89207  ? 332 HIS A CE1 1 
ATOM   1374 N NE2 . HIS A 1 193 ? -3.34653  8.32186   -7.78175  1.000 45.75786  ? 332 HIS A NE2 1 
ATOM   1375 N N   . LEU A 1 194 ? -9.61347  7.76922   -5.88320  1.000 52.84073  ? 333 LEU A N   1 
ATOM   1376 C CA  . LEU A 1 194 ? -10.91744 7.33812   -5.40621  1.000 48.32078  ? 333 LEU A CA  1 
ATOM   1377 C C   . LEU A 1 194 ? -11.99779 7.90881   -6.30707  1.000 57.91327  ? 333 LEU A C   1 
ATOM   1378 O O   . LEU A 1 194 ? -12.99157 7.24234   -6.60508  1.000 63.94183  ? 333 LEU A O   1 
ATOM   1379 C CB  . LEU A 1 194 ? -11.15316 7.79263   -3.96744  1.000 49.68943  ? 333 LEU A CB  1 
ATOM   1380 C CG  . LEU A 1 194 ? -10.75428 6.85974   -2.82401  1.000 46.43725  ? 333 LEU A CG  1 
ATOM   1381 C CD1 . LEU A 1 194 ? -11.01434 7.53439   -1.48120  1.000 42.21216  ? 333 LEU A CD1 1 
ATOM   1382 C CD2 . LEU A 1 194 ? -11.50541 5.53651   -2.91359  1.000 52.28159  ? 333 LEU A CD2 1 
ATOM   1383 N N   . ARG A 1 195 ? -11.79094 9.15062   -6.73614  1.000 54.39572  ? 334 ARG A N   1 
ATOM   1384 C CA  . ARG A 1 195 ? -12.74484 9.84151   -7.59042  1.000 57.34474  ? 334 ARG A CA  1 
ATOM   1385 C C   . ARG A 1 195 ? -12.64246 9.44039   -9.06016  1.000 70.07403  ? 334 ARG A C   1 
ATOM   1386 O O   . ARG A 1 195 ? -13.66672 9.32829   -9.73834  1.000 72.60111  ? 334 ARG A O   1 
ATOM   1387 C CB  . ARG A 1 195 ? -12.55776 11.33945  -7.45017  1.000 48.41454  ? 334 ARG A CB  1 
ATOM   1388 C CG  . ARG A 1 195 ? -13.06840 11.85759  -6.13993  1.000 52.43054  ? 334 ARG A CG  1 
ATOM   1389 C CD  . ARG A 1 195 ? -12.47908 13.21320  -5.84112  1.000 63.38111  ? 334 ARG A CD  1 
ATOM   1390 N NE  . ARG A 1 195 ? -12.98974 13.76983  -4.59475  1.000 65.24199  ? 334 ARG A NE  1 
ATOM   1391 C CZ  . ARG A 1 195 ? -12.44656 14.80411  -3.96564  1.000 62.83095  ? 334 ARG A CZ  1 
ATOM   1392 N NH1 . ARG A 1 195 ? -11.35862 15.39320  -4.45828  1.000 57.46364  ? 334 ARG A NH1 1 
ATOM   1393 N NH2 . ARG A 1 195 ? -12.98960 15.24377  -2.83884  1.000 50.51549  ? 334 ARG A NH2 1 
ATOM   1394 N N   . GLN A 1 196 ? -11.42509 9.17926   -9.54456  1.000 71.01083  ? 335 GLN A N   1 
ATOM   1395 C CA  . GLN A 1 196 ? -11.22610 8.83253   -10.96176 1.000 76.75535  ? 335 GLN A CA  1 
ATOM   1396 C C   . GLN A 1 196 ? -12.03904 7.57186   -11.29902 1.000 76.15801  ? 335 GLN A C   1 
ATOM   1397 O O   . GLN A 1 196 ? -12.21283 7.21393   -12.46956 1.000 86.87890  ? 335 GLN A O   1 
ATOM   1398 C CB  . GLN A 1 196 ? -9.73960  8.61610   -11.29867 1.000 79.58727  ? 335 GLN A CB  1 
ATOM   1399 C CG  . GLN A 1 196 ? -9.48258  8.25100   -12.76816 1.000 84.87116  ? 335 GLN A CG  1 
ATOM   1400 C CD  . GLN A 1 196 ? -8.01144  8.31979   -13.15287 1.000 102.23109 ? 335 GLN A CD  1 
ATOM   1401 O OE1 . GLN A 1 196 ? -7.17115  8.75682   -12.36440 1.000 96.95673  ? 335 GLN A OE1 1 
ATOM   1402 N NE2 . GLN A 1 196 ? -7.69293  7.88671   -14.37278 1.000 101.71764 ? 335 GLN A NE2 1 
ATOM   1403 N N   . GLU A 1 197 ? -12.53818 6.91416   -10.25637 1.000 72.69212  ? 336 GLU A N   1 
ATOM   1404 C CA  . GLU A 1 197 ? -13.40293 5.75612   -10.38530 1.000 71.96205  ? 336 GLU A CA  1 
ATOM   1405 C C   . GLU A 1 197 ? -14.82698 6.07524   -9.94899  1.000 73.73815  ? 336 GLU A C   1 
ATOM   1406 O O   . GLU A 1 197 ? -15.06053 6.61927   -8.86778  1.000 67.79243  ? 336 GLU A O   1 
ATOM   1407 C CB  . GLU A 1 197 ? -12.83303 4.62031   -9.55618  1.000 69.42117  ? 336 GLU A CB  1 
ATOM   1408 C CG  . GLU A 1 197 ? -11.35317 4.40466   -9.77669  1.000 75.66598  ? 336 GLU A CG  1 
ATOM   1409 C CD  . GLU A 1 197 ? -10.75313 3.44827   -8.77138  1.000 73.76556  ? 336 GLU A CD  1 
ATOM   1410 O OE1 . GLU A 1 197 ? -11.42447 3.15378   -7.75321  1.000 76.06992  ? 336 GLU A OE1 1 
ATOM   1411 O OE2 . GLU A 1 197 ? -9.61076  2.99403   -9.00238  1.000 66.33599  ? 336 GLU A OE2 1 
HETATM 1412 N N   . 8SC B 2 .   ? 0.53286   -7.41310  6.19237   0.500 26.37385  ? 401 8SC A N   1 
HETATM 1413 C C17 . 8SC B 2 .   ? 8.56110   -12.40715 6.91127   0.500 24.94058  ? 401 8SC A C17 1 
HETATM 1414 C C14 . 8SC B 2 .   ? 7.10851   -10.81717 7.75586   0.500 25.08771  ? 401 8SC A C14 1 
HETATM 1415 C C13 . 8SC B 2 .   ? 4.86399   -12.95410 9.69158   0.500 26.31772  ? 401 8SC A C13 1 
HETATM 1416 C C12 . 8SC B 2 .   ? 5.76724   -12.29920 8.94498   0.500 25.38780  ? 401 8SC A C12 1 
HETATM 1417 C C11 . 8SC B 2 .   ? 6.77575   -12.96641 8.30143   0.500 25.11796  ? 401 8SC A C11 1 
HETATM 1418 C C16 . 8SC B 2 .   ? 8.04717   -13.03986 5.68902   0.500 24.71475  ? 401 8SC A C16 1 
HETATM 1419 C C15 . 8SC B 2 .   ? 8.03651   -11.97502 4.68376   0.500 24.01277  ? 401 8SC A C15 1 
HETATM 1420 N N7  . 8SC B 2 .   ? 5.99078   -10.81433 8.56682   0.500 25.34517  ? 401 8SC A N7  1 
HETATM 1421 C C8  . 8SC B 2 .   ? 6.05593   -9.05996  1.66055   0.500 24.51882  ? 401 8SC A C8  1 
HETATM 1422 N N9  . 8SC B 2 .   ? 3.82871   -12.23871 10.34142  0.500 26.24270  ? 401 8SC A N9  1 
HETATM 1423 C C1  . 8SC B 2 .   ? 2.72874   -8.15706  4.67162   0.500 25.20305  ? 401 8SC A C1  1 
HETATM 1424 O O1  . 8SC B 2 .   ? 4.68075   -9.01030  1.05479   0.500 24.91561  ? 401 8SC A O1  1 
HETATM 1425 C C4  . 8SC B 2 .   ? 3.72315   -10.08378 4.19514   0.500 25.38514  ? 401 8SC A C4  1 
HETATM 1426 C C5  . 8SC B 2 .   ? 5.93000   -8.66984  3.05582   0.500 23.98686  ? 401 8SC A C5  1 
HETATM 1427 P P   . 8SC B 2 .   ? 6.68764   -12.75975 2.60980   0.500 26.75989  ? 401 8SC A P   1 
HETATM 1428 O O8  . 8SC B 2 .   ? 8.16804   -9.10306  5.32999   0.500 26.40652  ? 401 8SC A O8  1 
HETATM 1429 O O7  . 8SC B 2 .   ? 8.09330   -12.55315 3.36910   0.500 23.90569  ? 401 8SC A O7  1 
HETATM 1430 C C3  . 8SC B 2 .   ? 0.89429   -8.74204  6.10009   0.500 26.39936  ? 401 8SC A C3  1 
HETATM 1431 O O3  . 8SC B 2 .   ? 5.80615   -13.54323 3.50081   0.500 26.42624  ? 401 8SC A O3  1 
HETATM 1432 C C2  . 8SC B 2 .   ? 1.97681   -9.10544  5.34963   0.500 25.34016  ? 401 8SC A C2  1 
HETATM 1433 O O2  . 8SC B 2 .   ? 5.91178   -11.43985 2.17991   0.500 26.95934  ? 401 8SC A O2  1 
HETATM 1434 C C6  . 8SC B 2 .   ? 4.64109   -8.06089  3.25576   0.500 24.93832  ? 401 8SC A C6  1 
HETATM 1435 N N1  . 8SC B 2 .   ? 2.38764   -6.85273  4.74840   0.500 27.22408  ? 401 8SC A N1  1 
HETATM 1436 C C9  . 8SC B 2 .   ? 6.64042   -10.42504 1.45304   0.500 24.23803  ? 401 8SC A C9  1 
HETATM 1437 C C   . 8SC B 2 .   ? 1.27159   -6.44230  5.51333   0.500 26.61850  ? 401 8SC A C   1 
HETATM 1438 O O   . 8SC B 2 .   ? 6.95102   -13.58861 1.39749   0.500 22.87259  ? 401 8SC A O   1 
HETATM 1439 C C10 . 8SC B 2 .   ? 5.96701   -15.02577 9.18254   0.500 26.24325  ? 401 8SC A C10 1 
HETATM 1440 C C18 . 8SC B 2 .   ? 9.23021   -11.18846 4.97854   0.500 24.50516  ? 401 8SC A C18 1 
HETATM 1441 C C19 . 8SC B 2 .   ? 9.07669   -9.79261  4.50613   0.500 24.91020  ? 401 8SC A C19 1 
HETATM 1442 C C7  . 8SC B 2 .   ? 4.04598   -7.83375  1.88089   0.500 24.16743  ? 401 8SC A C7  1 
HETATM 1443 F F6  . 8SC B 2 .   ? 8.88711   -14.04160 5.28938   0.500 27.40866  ? 401 8SC A F6  1 
HETATM 1444 N N11 . 8SC B 2 .   ? 0.16244   -9.74245  6.77760   0.500 26.45801  ? 401 8SC A N11 1 
HETATM 1445 N N2  . 8SC B 2 .   ? 3.66907   -8.82824  4.07554   0.500 25.58291  ? 401 8SC A N2  1 
HETATM 1446 N N3  . 8SC B 2 .   ? 2.67480   -10.43671 5.01811   0.500 25.44532  ? 401 8SC A N3  1 
HETATM 1447 N N4  . 8SC B 2 .   ? 4.94293   -14.31282 9.82211   0.500 26.38513  ? 401 8SC A N4  1 
HETATM 1448 N N5  . 8SC B 2 .   ? 6.88456   -14.30778 8.41543   0.500 26.82722  ? 401 8SC A N5  1 
HETATM 1449 N N6  . 8SC B 2 .   ? 7.44681   -12.02480 7.68703   0.500 25.52888  ? 401 8SC A N6  1 
HETATM 1450 O O10 . 8SC B 2 .   ? 6.94956   -7.63819  3.37562   0.500 23.57752  ? 401 8SC A O10 1 
HETATM 1451 O O22 . 8SC B 2 .   ? 6.57429   -7.30213  5.84573   0.500 26.44232  ? 401 8SC A O22 1 
HETATM 1452 O O4  . 8SC B 2 .   ? 8.71843   -6.70453  4.93667   0.500 23.11712  ? 401 8SC A O4  1 
HETATM 1453 O O5  . 8SC B 2 .   ? 9.37044   -11.25807 6.45448   0.500 24.03424  ? 401 8SC A O5  1 
HETATM 1454 P P1  . 8SC B 2 .   ? 7.62132   -7.70965  4.86670   0.500 25.99662  ? 401 8SC A P1  1 
HETATM 1455 O O   . HOH C 3 .   ? 6.87425   10.98206  0.27501   1.000 38.32265  ? 501 HOH A O   1 
HETATM 1456 O O   . HOH C 3 .   ? 10.58855  -4.59189  5.34431   1.000 24.59213  ? 502 HOH A O   1 
HETATM 1457 O O   . HOH C 3 .   ? 2.78737   -4.69168  3.16567   1.000 25.03339  ? 503 HOH A O   1 
HETATM 1458 O O   . HOH C 3 .   ? -10.91488 -0.03133  0.04729   1.000 40.15287  ? 504 HOH A O   1 
HETATM 1459 O O   . HOH C 3 .   ? 10.05293  -9.81356  1.10589   0.50  32.95040  ? 505 HOH A O   1 
HETATM 1460 O O   . HOH C 3 .   ? 3.13251   -14.29753 3.26666   1.000 26.49925  ? 506 HOH A O   1 
HETATM 1461 O O   . HOH C 3 .   ? 1.02142   -3.25236  1.83235   1.000 28.38260  ? 507 HOH A O   1 
HETATM 1462 O O   . HOH C 3 .   ? -14.30606 -5.26468  11.44430  1.000 42.02004  ? 508 HOH A O   1 
HETATM 1463 O O   . HOH C 3 .   ? 1.13327   -19.42162 14.65139  1.000 31.62554  ? 509 HOH A O   1 
HETATM 1464 O O   . HOH C 3 .   ? 4.75194   -17.54501 7.01528   1.000 30.26399  ? 510 HOH A O   1 
HETATM 1465 O O   . HOH C 3 .   ? 3.20128   12.17146  2.58547   1.000 42.95634  ? 511 HOH A O   1 
HETATM 1466 O O   . HOH C 3 .   ? 17.99002  6.90247   -7.19424  1.000 30.48535  ? 512 HOH A O   1 
HETATM 1467 O O   . HOH C 3 .   ? 3.40791   9.44341   2.46036   1.000 29.47788  ? 513 HOH A O   1 
HETATM 1468 O O   . HOH C 3 .   ? -7.93368  -10.65741 1.96264   1.000 32.39462  ? 514 HOH A O   1 
HETATM 1469 O O   . HOH C 3 .   ? -10.98779 -17.42199 -3.06389  1.000 49.19461  ? 515 HOH A O   1 
HETATM 1470 O O   . HOH C 3 .   ? 4.84737   -17.41429 0.21563   1.000 29.57563  ? 516 HOH A O   1 
HETATM 1471 O O   . HOH C 3 .   ? 9.30253   -13.32728 0.32478   1.000 26.45165  ? 517 HOH A O   1 
HETATM 1472 O O   . HOH C 3 .   ? -2.01849  -22.94895 3.69339   1.000 38.82569  ? 518 HOH A O   1 
HETATM 1473 O O   . HOH C 3 .   ? 8.22845   -0.73636  12.13326  1.000 38.00892  ? 519 HOH A O   1 
HETATM 1474 O O   . HOH C 3 .   ? -7.81278  -7.29770  9.33180   1.000 31.51821  ? 520 HOH A O   1 
HETATM 1475 O O   . HOH C 3 .   ? 7.29530   10.15389  -2.45153  1.000 39.11990  ? 521 HOH A O   1 
HETATM 1476 O O   . HOH C 3 .   ? 14.77244  8.89878   -0.00180  1.000 33.16634  ? 522 HOH A O   1 
HETATM 1477 O O   . HOH C 3 .   ? 10.73670  3.60797   5.06903   1.000 32.84101  ? 523 HOH A O   1 
HETATM 1478 O O   . HOH C 3 .   ? -0.83251  17.39836  -3.01808  1.000 60.97396  ? 524 HOH A O   1 
HETATM 1479 O O   . HOH C 3 .   ? -11.33726 -13.49001 6.41113   1.000 39.05689  ? 525 HOH A O   1 
HETATM 1480 O O   . HOH C 3 .   ? 3.09893   -14.79783 11.69652  1.000 28.85605  ? 526 HOH A O   1 
HETATM 1481 O O   . HOH C 3 .   ? -8.03882  16.28568  2.13777   1.000 38.46508  ? 527 HOH A O   1 
HETATM 1482 O O   . HOH C 3 .   ? -6.09756  -20.62565 9.12489   1.000 31.73867  ? 528 HOH A O   1 
HETATM 1483 O O   . HOH C 3 .   ? -4.67610  -1.63347  5.40520   1.000 27.81293  ? 529 HOH A O   1 
HETATM 1484 O O   . HOH C 3 .   ? 0.70983   12.17046  -8.70573  1.000 54.70303  ? 530 HOH A O   1 
HETATM 1485 O O   . HOH C 3 .   ? -23.55639 -0.97087  4.94678   1.000 51.26301  ? 531 HOH A O   1 
HETATM 1486 O O   . HOH C 3 .   ? 0.67588   -13.67943 11.73394  1.000 27.71689  ? 532 HOH A O   1 
HETATM 1487 O O   . HOH C 3 .   ? -3.47204  -26.87289 10.73089  1.000 46.46994  ? 533 HOH A O   1 
HETATM 1488 O O   . HOH C 3 .   ? 1.31571   -12.16618 8.46020   1.000 31.78213  ? 534 HOH A O   1 
HETATM 1489 O O   . HOH C 3 .   ? -9.38422  -16.67532 6.97597   1.000 35.52009  ? 535 HOH A O   1 
HETATM 1490 O O   . HOH C 3 .   ? -2.84820  0.40489   -10.20511 1.000 43.59133  ? 536 HOH A O   1 
HETATM 1491 O O   . HOH C 3 .   ? 6.19861   9.57316   2.53697   1.000 45.06369  ? 537 HOH A O   1 
HETATM 1492 O O   . HOH C 3 .   ? 0.40903   5.39367   -9.50754  1.000 35.51762  ? 538 HOH A O   1 
HETATM 1493 O O   . HOH C 3 .   ? 0.54302   14.78718  3.12006   1.000 46.51541  ? 539 HOH A O   1 
HETATM 1494 O O   . HOH C 3 .   ? 10.65287  5.07018   6.93794   1.000 39.67818  ? 540 HOH A O   1 
HETATM 1495 O O   . HOH C 3 .   ? -8.24563  18.95112  2.10312   1.000 43.60879  ? 541 HOH A O   1 
HETATM 1496 O O   . HOH C 3 .   ? 5.87727   5.02181   -11.75860 1.000 43.17107  ? 542 HOH A O   1 
HETATM 1497 O O   . HOH C 3 .   ? -13.72663 -7.27800  12.99135  1.000 42.77664  ? 543 HOH A O   1 
# 
